data_8ZW4
#
_entry.id   8ZW4
#
_cell.length_a   1.00
_cell.length_b   1.00
_cell.length_c   1.00
_cell.angle_alpha   90.00
_cell.angle_beta   90.00
_cell.angle_gamma   90.00
#
_symmetry.space_group_name_H-M   'P 1'
#
loop_
_entity.id
_entity.type
_entity.pdbx_description
1 polymer 'Toll-like receptor 7'
2 polymer GUC
3 branched beta-D-mannopyranose-(1-4)-2-acetamido-2-deoxy-beta-D-glucopyranose-(1-4)-2-acetamido-2-deoxy-beta-D-glucopyranose
4 branched alpha-D-mannopyranose-(1-6)-beta-D-mannopyranose-(1-4)-2-acetamido-2-deoxy-beta-D-glucopyranose-(1-4)-2-acetamido-2-deoxy-beta-D-glucopyranose
5 branched 2-acetamido-2-deoxy-beta-D-glucopyranose-(1-4)-2-acetamido-2-deoxy-beta-D-glucopyranose
6 non-polymer 2-acetamido-2-deoxy-beta-D-glucopyranose
#
loop_
_entity_poly.entity_id
_entity_poly.type
_entity_poly.pdbx_seq_one_letter_code
_entity_poly.pdbx_strand_id
1 'polypeptide(L)'
;RSPWARWFPKTLPCDVTLDVSKNHVIVDCTDKHLTEIPGGIPTNTTNLTLTINHIPDISPASFHRLVHLVEIDFRCNCVP
IRLGSKSNMCPRRLQIKPRSFSGLTYLKSLYLDGNQLLEIPQGLPPSLQLLSLEANNIFSIRKEQLTELANIEILYLGQN
CYYRNPCYVSYSIEKDAFLNLTKLKVLSLKDNNVTTVPTVLPSTLTELYLYNNMIAEIQEDDFNNLNQLQILDLSGNCPR
CYNAPFPCTPCKNNSPLQIPVNAFDALTELKVLRLHSNSLQHVPPRWFKNINNLQELDLSQNFLAKEIGDAKFLHFLPNL
IQLDLSFNFELQVYRASMNLSQAFSSLKSLKILRIRGYVFKELKSFQLSPLHNLQNLEVLDLGTNFIKIANLSMFKQFKR
LKVIDLSVNKISPSGDSLVPRGSSNARTSVESYEPQVLEQLYYFRYDKYARSCRFKNKEASFTSVQESCYKYGQTLDLSK
NSIFFIKSSDFQHLSFLKCLNLSGNLISQTLNGSEFQPLAELRYLDFSNNRLDLLHSTAFEELRKLEVLDISSNSHYFQS
EGITHMLNFTKNLKVLQKLMMNDNDISSSTSRTMESESLRTLEFRGNHLDVLWRDGDNRYLQLFKNLLKLEELDISKNSL
SFLPSGVFDGMPPNLKNLSLAKNGLKSFIWEKLRYLKNLETLDLSHNQLTTVPERLSNCSRSLKNLILKNNQIRSLTKYF
LQDAFQLRYLDLSSNKIQMIQKTSFPENVLNNLKMLLLHHNRFLCTCDAVWFVWWVQHTEVTIPYLATDVTCVGPGAHKG
QSVISLDLYTCELDLTNEFLVPR
;
A,B
2 'polydeoxyribonucleotide' (OMG)(OKT)(C7R) Q,R
#
loop_
_chem_comp.id
_chem_comp.type
_chem_comp.name
_chem_comp.formula
BMA D-saccharide, beta linking beta-D-mannopyranose 'C6 H12 O6'
C7R DNA linking 2'-deoxy-5'-O-thiophosphonocytidine 'C9 H14 N3 O6 P S'
MAN D-saccharide, alpha linking alpha-D-mannopyranose 'C6 H12 O6'
NAG D-saccharide, beta linking 2-acetamido-2-deoxy-beta-D-glucopyranose 'C8 H15 N O6'
OKT DNA linking 2'-O-methyluridine-5'-phosphorothioate 'C10 H15 N2 O8 P S'
OMG RNA linking O2'-METHYLGUANOSINE-5'-MONOPHOSPHATE 'C11 H16 N5 O8 P'
#
# COMPACT_ATOMS: atom_id res chain seq x y z
N ALA A 5 8.38 -28.51 43.61
CA ALA A 5 8.02 -28.21 44.99
C ALA A 5 8.47 -26.80 45.38
N ARG A 6 8.55 -26.56 46.69
CA ARG A 6 9.03 -25.32 47.29
C ARG A 6 8.01 -24.19 47.09
N TRP A 7 7.04 -24.40 46.20
CA TRP A 7 5.93 -23.47 45.95
C TRP A 7 6.34 -22.00 45.93
N PHE A 8 6.54 -21.43 47.12
CA PHE A 8 6.70 -19.98 47.25
C PHE A 8 8.14 -19.57 46.93
N PRO A 9 8.36 -18.75 45.90
CA PRO A 9 9.70 -18.20 45.67
C PRO A 9 9.90 -16.88 46.40
N LYS A 10 11.06 -16.25 46.23
CA LYS A 10 11.36 -15.01 46.95
C LYS A 10 11.48 -13.81 46.02
N THR A 11 12.45 -13.84 45.08
CA THR A 11 12.67 -12.68 44.21
C THR A 11 13.00 -13.09 42.78
N LEU A 12 12.60 -14.26 42.34
CA LEU A 12 12.93 -14.72 40.99
C LEU A 12 12.13 -13.95 39.96
N PRO A 13 12.79 -13.32 38.98
CA PRO A 13 12.06 -12.63 37.91
C PRO A 13 11.56 -13.53 36.80
N CYS A 14 11.52 -14.85 37.03
CA CYS A 14 11.08 -15.81 36.03
C CYS A 14 9.80 -16.49 36.49
N ASP A 15 8.93 -16.79 35.53
CA ASP A 15 7.68 -17.47 35.83
C ASP A 15 7.95 -18.90 36.28
N VAL A 16 7.15 -19.38 37.23
CA VAL A 16 7.28 -20.71 37.78
C VAL A 16 5.97 -21.46 37.55
N THR A 17 6.06 -22.64 36.95
CA THR A 17 4.91 -23.50 36.70
C THR A 17 5.14 -24.85 37.35
N LEU A 18 4.13 -25.34 38.07
CA LEU A 18 4.22 -26.59 38.82
C LEU A 18 3.25 -27.61 38.23
N ASP A 19 3.75 -28.82 38.01
CA ASP A 19 2.93 -29.95 37.55
C ASP A 19 3.16 -31.10 38.51
N VAL A 20 2.27 -31.23 39.51
CA VAL A 20 2.44 -32.27 40.52
C VAL A 20 2.30 -33.65 39.90
N SER A 21 1.42 -33.79 38.91
CA SER A 21 1.24 -35.09 38.25
C SER A 21 2.50 -35.49 37.50
N LYS A 22 3.14 -34.55 36.81
CA LYS A 22 4.35 -34.84 36.05
C LYS A 22 5.63 -34.61 36.85
N ASN A 23 5.52 -34.08 38.08
CA ASN A 23 6.67 -33.80 38.93
C ASN A 23 7.68 -32.91 38.20
N HIS A 24 7.18 -31.92 37.48
CA HIS A 24 8.01 -31.02 36.67
C HIS A 24 7.80 -29.58 37.13
N VAL A 25 8.90 -28.88 37.35
CA VAL A 25 8.88 -27.46 37.70
C VAL A 25 9.58 -26.71 36.58
N ILE A 26 8.88 -25.71 36.02
CA ILE A 26 9.35 -24.99 34.85
C ILE A 26 9.69 -23.57 35.27
N VAL A 27 10.90 -23.13 34.95
CA VAL A 27 11.36 -21.77 35.20
C VAL A 27 11.68 -21.14 33.85
N ASP A 28 10.98 -20.06 33.51
CA ASP A 28 11.09 -19.41 32.21
C ASP A 28 11.62 -18.00 32.39
N CYS A 29 12.88 -17.80 32.00
CA CYS A 29 13.53 -16.49 32.05
C CYS A 29 13.75 -15.93 30.65
N THR A 30 12.76 -16.11 29.78
CA THR A 30 12.87 -15.66 28.40
C THR A 30 12.80 -14.15 28.32
N ASP A 31 13.77 -13.53 27.63
CA ASP A 31 13.81 -12.09 27.39
C ASP A 31 13.75 -11.31 28.71
N LYS A 32 14.77 -11.52 29.54
CA LYS A 32 14.89 -10.83 30.81
C LYS A 32 16.15 -9.98 30.93
N HIS A 33 17.07 -10.05 29.96
CA HIS A 33 18.30 -9.27 29.96
C HIS A 33 19.11 -9.51 31.24
N LEU A 34 19.19 -10.77 31.65
CA LEU A 34 19.94 -11.15 32.84
C LEU A 34 21.40 -11.28 32.49
N THR A 35 22.23 -10.42 33.09
CA THR A 35 23.67 -10.52 32.87
C THR A 35 24.23 -11.80 33.47
N GLU A 36 23.74 -12.19 34.64
CA GLU A 36 24.18 -13.41 35.31
C GLU A 36 22.95 -14.18 35.80
N ILE A 37 23.17 -15.45 36.08
CA ILE A 37 22.08 -16.31 36.58
C ILE A 37 21.63 -15.79 37.94
N PRO A 38 20.33 -15.53 38.13
CA PRO A 38 19.89 -14.99 39.42
C PRO A 38 20.01 -16.01 40.54
N GLY A 39 20.14 -15.51 41.75
CA GLY A 39 20.21 -16.37 42.92
C GLY A 39 18.84 -16.82 43.38
N GLY A 40 18.84 -17.72 44.35
CA GLY A 40 17.59 -18.23 44.90
C GLY A 40 16.84 -19.15 43.98
N ILE A 41 17.49 -19.73 42.99
CA ILE A 41 16.83 -20.68 42.10
C ILE A 41 16.50 -21.94 42.88
N PRO A 42 15.27 -22.45 42.82
CA PRO A 42 14.91 -23.63 43.61
C PRO A 42 15.69 -24.85 43.17
N THR A 43 15.98 -25.72 44.14
CA THR A 43 16.66 -26.98 43.85
C THR A 43 15.70 -28.05 43.34
N ASN A 44 14.40 -27.82 43.40
CA ASN A 44 13.41 -28.78 42.94
C ASN A 44 13.02 -28.59 41.48
N THR A 45 13.55 -27.56 40.81
CA THR A 45 13.18 -27.29 39.43
C THR A 45 13.72 -28.38 38.51
N THR A 46 13.05 -28.54 37.37
CA THR A 46 13.42 -29.55 36.38
C THR A 46 13.76 -28.96 35.03
N ASN A 47 13.04 -27.94 34.58
CA ASN A 47 13.30 -27.28 33.31
C ASN A 47 13.79 -25.85 33.58
N LEU A 48 14.95 -25.52 33.04
CA LEU A 48 15.53 -24.19 33.17
C LEU A 48 15.60 -23.54 31.81
N THR A 49 15.01 -22.36 31.68
CA THR A 49 15.01 -21.59 30.45
C THR A 49 15.92 -20.38 30.61
N LEU A 50 16.95 -20.31 29.79
CA LEU A 50 17.97 -19.25 29.85
C LEU A 50 18.25 -18.73 28.44
N THR A 51 17.19 -18.32 27.74
CA THR A 51 17.30 -17.85 26.36
C THR A 51 17.94 -16.48 26.30
N ILE A 52 17.73 -15.76 25.20
CA ILE A 52 18.49 -14.56 24.83
C ILE A 52 18.69 -13.65 26.03
N ASN A 53 19.95 -13.42 26.38
CA ASN A 53 20.34 -12.66 27.56
C ASN A 53 21.75 -12.12 27.33
N HIS A 54 22.41 -11.72 28.41
CA HIS A 54 23.77 -11.19 28.36
C HIS A 54 24.69 -11.98 29.28
N ILE A 55 24.55 -13.30 29.28
CA ILE A 55 25.40 -14.16 30.10
C ILE A 55 26.78 -14.25 29.47
N PRO A 56 27.84 -13.88 30.18
CA PRO A 56 29.17 -13.92 29.56
C PRO A 56 29.72 -15.33 29.40
N ASP A 57 29.56 -16.18 30.41
CA ASP A 57 30.13 -17.52 30.38
C ASP A 57 29.32 -18.40 31.33
N ILE A 58 29.71 -19.69 31.39
CA ILE A 58 29.06 -20.67 32.23
C ILE A 58 30.10 -21.22 33.21
N SER A 59 29.77 -21.18 34.50
CA SER A 59 30.64 -21.66 35.55
C SER A 59 30.12 -22.96 36.14
N PRO A 60 31.00 -23.84 36.62
CA PRO A 60 30.52 -25.07 37.27
C PRO A 60 29.67 -24.82 38.50
N ALA A 61 29.86 -23.68 39.16
CA ALA A 61 29.07 -23.35 40.34
C ALA A 61 27.67 -22.86 39.99
N SER A 62 27.38 -22.63 38.71
CA SER A 62 26.04 -22.18 38.32
C SER A 62 24.99 -23.23 38.64
N PHE A 63 25.29 -24.49 38.39
CA PHE A 63 24.38 -25.60 38.68
C PHE A 63 24.95 -26.49 39.78
N HIS A 64 25.59 -25.88 40.78
CA HIS A 64 26.21 -26.66 41.85
C HIS A 64 25.15 -27.29 42.75
N ARG A 65 24.16 -26.51 43.17
CA ARG A 65 23.13 -27.01 44.07
C ARG A 65 21.90 -27.52 43.34
N LEU A 66 21.89 -27.50 42.02
CA LEU A 66 20.75 -28.00 41.23
C LEU A 66 21.09 -29.40 40.74
N VAL A 67 20.44 -30.41 41.30
CA VAL A 67 20.65 -31.79 40.91
C VAL A 67 19.42 -32.42 40.27
N HIS A 68 18.25 -31.81 40.40
CA HIS A 68 17.02 -32.34 39.81
C HIS A 68 16.74 -31.76 38.43
N LEU A 69 17.66 -30.97 37.88
CA LEU A 69 17.46 -30.38 36.57
C LEU A 69 17.50 -31.46 35.50
N VAL A 70 16.50 -31.48 34.62
CA VAL A 70 16.43 -32.42 33.51
C VAL A 70 16.41 -31.72 32.17
N GLU A 71 16.36 -30.38 32.14
CA GLU A 71 16.28 -29.64 30.89
C GLU A 71 16.91 -28.27 31.09
N ILE A 72 17.94 -27.98 30.31
CA ILE A 72 18.62 -26.69 30.35
C ILE A 72 18.60 -26.10 28.94
N ASP A 73 18.10 -24.87 28.84
CA ASP A 73 18.00 -24.18 27.55
C ASP A 73 18.91 -22.95 27.58
N PHE A 74 19.77 -22.84 26.57
CA PHE A 74 20.70 -21.74 26.42
C PHE A 74 20.67 -21.19 25.01
N ARG A 75 19.49 -21.13 24.42
CA ARG A 75 19.34 -20.80 23.01
C ARG A 75 19.58 -19.32 22.76
N CYS A 76 20.47 -19.02 21.80
CA CYS A 76 20.70 -17.66 21.32
C CYS A 76 21.13 -16.72 22.45
N ASN A 77 22.09 -17.15 23.26
CA ASN A 77 22.62 -16.30 24.31
C ASN A 77 23.59 -15.25 23.78
N CYS A 78 24.11 -15.44 22.57
CA CYS A 78 25.00 -14.45 21.96
C CYS A 78 24.86 -14.59 20.44
N VAL A 79 24.03 -13.73 19.85
CA VAL A 79 23.80 -13.75 18.41
C VAL A 79 24.78 -12.78 17.73
N PRO A 80 25.58 -13.25 16.77
CA PRO A 80 26.55 -12.41 16.05
C PRO A 80 25.88 -11.25 15.31
N MET A 89 27.32 -6.91 17.64
CA MET A 89 26.38 -6.44 18.63
C MET A 89 26.43 -7.35 19.87
N CYS A 90 27.30 -8.34 19.81
CA CYS A 90 27.47 -9.30 20.89
C CYS A 90 28.93 -9.41 21.26
N PRO A 91 29.24 -9.63 22.54
CA PRO A 91 30.64 -9.78 22.95
C PRO A 91 31.24 -11.10 22.50
N ARG A 92 32.44 -11.42 22.99
CA ARG A 92 33.13 -12.64 22.61
C ARG A 92 32.27 -13.87 22.88
N ARG A 93 32.65 -14.97 22.24
CA ARG A 93 31.86 -16.19 22.30
C ARG A 93 31.79 -16.73 23.73
N LEU A 94 30.75 -17.51 23.99
CA LEU A 94 30.55 -18.09 25.31
C LEU A 94 31.66 -19.09 25.61
N GLN A 95 32.18 -19.05 26.84
CA GLN A 95 33.21 -19.96 27.29
C GLN A 95 32.63 -20.85 28.39
N ILE A 96 32.78 -22.16 28.24
CA ILE A 96 32.27 -23.14 29.19
C ILE A 96 33.47 -23.73 29.93
N LYS A 97 33.47 -23.55 31.24
CA LYS A 97 34.55 -24.11 32.06
C LYS A 97 34.45 -25.63 32.09
N PRO A 98 35.59 -26.32 32.27
CA PRO A 98 35.54 -27.78 32.34
C PRO A 98 34.72 -28.27 33.52
N ARG A 99 34.09 -29.43 33.34
CA ARG A 99 33.27 -30.06 34.37
C ARG A 99 32.14 -29.14 34.83
N SER A 100 31.51 -28.45 33.88
CA SER A 100 30.40 -27.57 34.19
C SER A 100 29.05 -28.27 34.11
N PHE A 101 29.00 -29.52 33.65
CA PHE A 101 27.76 -30.26 33.54
C PHE A 101 27.82 -31.66 34.15
N SER A 102 28.97 -32.06 34.70
CA SER A 102 29.09 -33.40 35.26
C SER A 102 28.27 -33.58 36.53
N GLY A 103 27.91 -32.50 37.21
CA GLY A 103 27.13 -32.61 38.43
C GLY A 103 25.65 -32.82 38.23
N LEU A 104 25.17 -32.77 36.98
CA LEU A 104 23.75 -32.95 36.68
C LEU A 104 23.53 -34.38 36.21
N THR A 105 23.38 -35.28 37.19
CA THR A 105 23.20 -36.70 36.86
C THR A 105 21.82 -36.97 36.29
N TYR A 106 20.85 -36.13 36.57
CA TYR A 106 19.49 -36.29 36.06
C TYR A 106 19.23 -35.53 34.77
N LEU A 107 20.25 -34.90 34.20
CA LEU A 107 20.08 -34.14 32.98
C LEU A 107 19.76 -35.07 31.82
N LYS A 108 18.81 -34.66 30.98
CA LYS A 108 18.39 -35.48 29.84
C LYS A 108 18.40 -34.67 28.55
N SER A 109 18.13 -33.37 28.64
CA SER A 109 18.06 -32.51 27.47
C SER A 109 18.88 -31.25 27.71
N LEU A 110 19.57 -30.79 26.67
CA LEU A 110 20.41 -29.61 26.78
C LEU A 110 20.44 -28.89 25.43
N TYR A 111 20.17 -27.59 25.45
CA TYR A 111 20.17 -26.76 24.26
C TYR A 111 21.28 -25.73 24.37
N LEU A 112 22.12 -25.64 23.34
CA LEU A 112 23.22 -24.67 23.31
C LEU A 112 23.29 -24.00 21.96
N ASP A 113 22.14 -23.61 21.41
CA ASP A 113 22.09 -23.00 20.10
C ASP A 113 22.41 -21.52 20.16
N GLY A 114 23.09 -21.02 19.12
CA GLY A 114 23.41 -19.61 19.04
C GLY A 114 24.37 -19.11 20.11
N ASN A 115 25.43 -19.88 20.38
CA ASN A 115 26.40 -19.50 21.40
C ASN A 115 27.79 -19.28 20.83
N GLN A 116 27.97 -19.40 19.51
CA GLN A 116 29.26 -19.17 18.86
C GLN A 116 30.34 -20.10 19.41
N LEU A 117 29.95 -21.32 19.77
CA LEU A 117 30.90 -22.29 20.27
C LEU A 117 31.79 -22.81 19.14
N LEU A 118 33.06 -23.05 19.45
CA LEU A 118 34.00 -23.54 18.47
C LEU A 118 34.09 -25.06 18.45
N GLU A 119 34.05 -25.70 19.61
CA GLU A 119 34.13 -27.14 19.71
C GLU A 119 32.99 -27.66 20.57
N ILE A 120 32.75 -28.97 20.46
CA ILE A 120 31.68 -29.60 21.24
C ILE A 120 32.06 -29.57 22.72
N PRO A 121 31.19 -29.09 23.60
CA PRO A 121 31.52 -29.07 25.03
C PRO A 121 31.74 -30.48 25.57
N GLN A 122 32.66 -30.59 26.51
CA GLN A 122 33.02 -31.86 27.12
C GLN A 122 32.49 -31.93 28.55
N GLY A 123 32.61 -33.12 29.14
CA GLY A 123 32.13 -33.33 30.49
C GLY A 123 30.64 -33.49 30.64
N LEU A 124 29.93 -33.76 29.55
CA LEU A 124 28.48 -33.92 29.63
C LEU A 124 28.14 -35.20 30.39
N PRO A 125 27.03 -35.20 31.15
CA PRO A 125 26.67 -36.39 31.91
C PRO A 125 26.26 -37.52 30.97
N PRO A 126 26.46 -38.77 31.38
CA PRO A 126 26.06 -39.90 30.53
C PRO A 126 24.57 -40.06 30.37
N SER A 127 23.75 -39.38 31.18
CA SER A 127 22.31 -39.50 31.10
C SER A 127 21.69 -38.58 30.05
N LEU A 128 22.50 -37.83 29.31
CA LEU A 128 21.97 -36.91 28.31
C LEU A 128 21.34 -37.68 27.16
N GLN A 129 20.18 -37.19 26.71
CA GLN A 129 19.46 -37.79 25.59
C GLN A 129 19.32 -36.86 24.39
N LEU A 130 19.25 -35.56 24.60
CA LEU A 130 19.11 -34.58 23.52
C LEU A 130 20.21 -33.55 23.63
N LEU A 131 20.76 -33.15 22.48
CA LEU A 131 21.82 -32.15 22.44
C LEU A 131 21.64 -31.31 21.19
N SER A 132 21.54 -29.99 21.37
CA SER A 132 21.37 -29.06 20.26
C SER A 132 22.58 -28.12 20.22
N LEU A 133 23.21 -28.03 19.06
CA LEU A 133 24.39 -27.20 18.86
C LEU A 133 24.27 -26.39 17.58
N GLU A 134 23.05 -25.98 17.25
CA GLU A 134 22.82 -25.22 16.03
C GLU A 134 23.35 -23.80 16.17
N ALA A 135 23.55 -23.15 15.02
CA ALA A 135 24.00 -21.76 14.95
C ALA A 135 25.29 -21.55 15.72
N ASN A 136 26.22 -22.49 15.58
CA ASN A 136 27.53 -22.43 16.23
C ASN A 136 28.62 -22.46 15.17
N ASN A 137 29.86 -22.46 15.63
CA ASN A 137 31.03 -22.45 14.75
C ASN A 137 31.80 -23.76 14.82
N ILE A 138 31.07 -24.87 14.88
CA ILE A 138 31.67 -26.20 14.94
C ILE A 138 31.58 -26.80 13.54
N PHE A 139 32.71 -26.79 12.83
CA PHE A 139 32.77 -27.35 11.49
C PHE A 139 33.69 -28.58 11.42
N SER A 140 34.15 -29.08 12.56
CA SER A 140 34.99 -30.27 12.61
C SER A 140 34.37 -31.28 13.55
N ILE A 141 34.29 -32.53 13.12
CA ILE A 141 33.68 -33.60 13.90
C ILE A 141 34.68 -34.74 14.00
N ARG A 142 35.01 -35.13 15.23
CA ARG A 142 35.93 -36.22 15.50
C ARG A 142 35.32 -37.15 16.54
N LYS A 143 35.84 -38.38 16.59
CA LYS A 143 35.26 -39.39 17.47
C LYS A 143 35.61 -39.16 18.93
N GLU A 144 36.69 -38.42 19.19
CA GLU A 144 37.16 -38.26 20.57
C GLU A 144 36.14 -37.54 21.43
N GLN A 145 35.63 -36.39 20.98
CA GLN A 145 34.64 -35.68 21.77
C GLN A 145 33.23 -36.23 21.58
N LEU A 146 33.05 -37.17 20.66
CA LEU A 146 31.78 -37.88 20.52
C LEU A 146 31.74 -39.16 21.34
N THR A 147 32.87 -39.59 21.91
CA THR A 147 32.88 -40.77 22.76
C THR A 147 32.01 -40.57 23.99
N GLU A 148 32.02 -39.37 24.57
CA GLU A 148 31.23 -39.08 25.76
C GLU A 148 29.74 -39.06 25.49
N LEU A 149 29.31 -38.99 24.23
CA LEU A 149 27.89 -38.95 23.87
C LEU A 149 27.37 -40.32 23.45
N ALA A 150 27.90 -41.39 24.03
CA ALA A 150 27.52 -42.74 23.62
C ALA A 150 26.07 -43.06 23.96
N ASN A 151 25.44 -42.29 24.85
CA ASN A 151 24.06 -42.53 25.25
C ASN A 151 23.09 -41.50 24.68
N ILE A 152 23.54 -40.67 23.74
CA ILE A 152 22.66 -39.66 23.18
C ILE A 152 21.66 -40.31 22.22
N GLU A 153 20.52 -39.63 22.03
CA GLU A 153 19.47 -40.10 21.15
C GLU A 153 19.14 -39.12 20.03
N ILE A 154 19.08 -37.83 20.33
CA ILE A 154 18.77 -36.80 19.35
C ILE A 154 19.93 -35.82 19.31
N LEU A 155 20.46 -35.58 18.12
CA LEU A 155 21.60 -34.67 17.92
C LEU A 155 21.23 -33.63 16.88
N TYR A 156 21.47 -32.37 17.21
CA TYR A 156 21.19 -31.24 16.33
C TYR A 156 22.49 -30.45 16.12
N LEU A 157 23.12 -30.65 14.96
CA LEU A 157 24.37 -29.97 14.64
C LEU A 157 24.25 -29.13 13.38
N GLY A 158 23.04 -28.72 13.01
CA GLY A 158 22.83 -27.99 11.78
C GLY A 158 23.13 -26.51 11.91
N GLN A 159 23.06 -25.83 10.76
CA GLN A 159 23.23 -24.37 10.68
C GLN A 159 24.57 -23.92 11.25
N ASN A 160 25.62 -24.70 10.98
CA ASN A 160 26.95 -24.36 11.46
C ASN A 160 27.81 -23.65 10.42
N CYS A 161 27.50 -23.82 9.12
CA CYS A 161 28.26 -23.13 8.07
C CYS A 161 27.36 -23.00 6.85
N TYR A 162 26.81 -21.82 6.65
CA TYR A 162 26.00 -21.51 5.48
C TYR A 162 26.03 -20.00 5.27
N TYR A 163 25.17 -19.49 4.39
CA TYR A 163 25.28 -18.10 3.97
C TYR A 163 25.00 -17.13 5.12
N ARG A 164 24.13 -17.51 6.06
CA ARG A 164 23.87 -16.63 7.19
C ARG A 164 25.00 -16.67 8.21
N ASN A 165 25.60 -17.85 8.43
CA ASN A 165 26.68 -18.02 9.39
C ASN A 165 27.84 -18.72 8.67
N PRO A 166 28.64 -17.96 7.93
CA PRO A 166 29.69 -18.59 7.12
C PRO A 166 30.91 -18.97 7.93
N CYS A 167 31.62 -19.98 7.43
CA CYS A 167 32.89 -20.40 8.02
C CYS A 167 33.97 -20.65 6.98
N TYR A 168 33.65 -20.59 5.69
CA TYR A 168 34.60 -20.67 4.59
C TYR A 168 35.38 -21.98 4.53
N VAL A 169 34.94 -22.99 5.29
CA VAL A 169 35.58 -24.30 5.29
C VAL A 169 34.50 -25.36 5.14
N SER A 170 34.72 -26.32 4.26
CA SER A 170 33.78 -27.43 4.11
C SER A 170 33.75 -28.28 5.37
N TYR A 171 32.58 -28.85 5.65
CA TYR A 171 32.42 -29.67 6.84
C TYR A 171 33.32 -30.90 6.76
N SER A 172 33.95 -31.23 7.89
CA SER A 172 34.87 -32.36 7.97
C SER A 172 34.38 -33.30 9.06
N ILE A 173 34.07 -34.54 8.66
CA ILE A 173 33.67 -35.59 9.59
C ILE A 173 34.60 -36.78 9.39
N GLU A 174 35.26 -37.21 10.46
CA GLU A 174 36.15 -38.34 10.36
C GLU A 174 35.36 -39.63 10.16
N LYS A 175 36.06 -40.67 9.69
CA LYS A 175 35.43 -41.93 9.37
C LYS A 175 34.81 -42.57 10.61
N ASP A 176 33.57 -43.05 10.45
CA ASP A 176 32.86 -43.77 11.51
C ASP A 176 32.75 -42.94 12.79
N ALA A 177 32.52 -41.63 12.62
CA ALA A 177 32.40 -40.75 13.78
C ALA A 177 31.13 -41.05 14.58
N PHE A 178 30.03 -41.31 13.89
CA PHE A 178 28.74 -41.58 14.52
C PHE A 178 28.45 -43.07 14.67
N LEU A 179 29.40 -43.93 14.31
CA LEU A 179 29.12 -45.36 14.30
C LEU A 179 28.86 -45.90 15.70
N ASN A 180 29.62 -45.45 16.69
CA ASN A 180 29.50 -46.00 18.03
C ASN A 180 28.33 -45.41 18.82
N LEU A 181 27.61 -44.44 18.27
CA LEU A 181 26.43 -43.89 18.94
C LEU A 181 25.26 -44.83 18.68
N THR A 182 25.21 -45.90 19.46
CA THR A 182 24.21 -46.94 19.25
C THR A 182 22.80 -46.45 19.58
N LYS A 183 22.68 -45.51 20.50
CA LYS A 183 21.37 -45.00 20.91
C LYS A 183 20.87 -43.86 20.04
N LEU A 184 21.64 -43.47 19.02
CA LEU A 184 21.24 -42.35 18.17
C LEU A 184 19.97 -42.69 17.40
N LYS A 185 19.05 -41.74 17.36
CA LYS A 185 17.79 -41.91 16.65
C LYS A 185 17.52 -40.81 15.64
N VAL A 186 17.84 -39.56 15.96
CA VAL A 186 17.61 -38.42 15.08
C VAL A 186 18.94 -37.68 14.90
N LEU A 187 19.30 -37.42 13.64
CA LEU A 187 20.52 -36.69 13.31
C LEU A 187 20.18 -35.61 12.31
N SER A 188 20.62 -34.38 12.58
CA SER A 188 20.36 -33.24 11.72
C SER A 188 21.68 -32.58 11.36
N LEU A 189 21.90 -32.38 10.06
CA LEU A 189 23.11 -31.75 9.55
C LEU A 189 22.77 -30.74 8.46
N LYS A 190 21.74 -29.93 8.70
CA LYS A 190 21.28 -28.98 7.71
C LYS A 190 22.14 -27.72 7.71
N ASP A 191 22.38 -27.17 6.53
CA ASP A 191 23.11 -25.92 6.36
C ASP A 191 24.49 -25.98 7.02
N ASN A 192 25.18 -27.11 6.84
CA ASN A 192 26.49 -27.32 7.44
C ASN A 192 27.60 -27.42 6.40
N ASN A 193 27.31 -27.10 5.13
CA ASN A 193 28.31 -27.13 4.07
C ASN A 193 28.93 -28.53 3.91
N VAL A 194 28.12 -29.56 4.13
CA VAL A 194 28.58 -30.93 4.04
C VAL A 194 28.70 -31.32 2.57
N THR A 195 29.79 -32.00 2.23
CA THR A 195 30.04 -32.45 0.86
C THR A 195 29.75 -33.92 0.66
N THR A 196 30.04 -34.76 1.64
CA THR A 196 29.84 -36.20 1.53
C THR A 196 29.06 -36.69 2.74
N VAL A 197 28.11 -37.60 2.50
CA VAL A 197 27.31 -38.16 3.59
C VAL A 197 28.23 -38.87 4.57
N PRO A 198 28.13 -38.60 5.88
CA PRO A 198 29.11 -39.15 6.82
C PRO A 198 28.92 -40.62 7.12
N THR A 199 29.47 -41.48 6.26
CA THR A 199 29.49 -42.91 6.55
C THR A 199 30.48 -43.21 7.67
N VAL A 200 30.14 -44.16 8.53
CA VAL A 200 28.92 -44.96 8.48
C VAL A 200 27.99 -44.59 9.62
N LEU A 201 26.74 -44.27 9.28
CA LEU A 201 25.77 -43.91 10.28
C LEU A 201 25.31 -45.14 11.06
N PRO A 202 24.90 -44.96 12.31
CA PRO A 202 24.41 -46.11 13.10
C PRO A 202 23.14 -46.69 12.51
N SER A 203 22.98 -48.00 12.69
CA SER A 203 21.82 -48.70 12.13
C SER A 203 20.51 -48.39 12.85
N THR A 204 20.56 -47.70 13.99
CA THR A 204 19.37 -47.37 14.75
C THR A 204 18.79 -46.01 14.40
N LEU A 205 19.30 -45.37 13.35
CA LEU A 205 18.79 -44.06 12.95
C LEU A 205 17.37 -44.18 12.42
N THR A 206 16.55 -43.17 12.74
CA THR A 206 15.18 -43.10 12.25
C THR A 206 14.90 -41.86 11.43
N GLU A 207 15.49 -40.72 11.80
CA GLU A 207 15.30 -39.47 11.07
C GLU A 207 16.67 -38.91 10.72
N LEU A 208 16.91 -38.68 9.43
CA LEU A 208 18.15 -38.12 8.94
C LEU A 208 17.87 -36.86 8.16
N TYR A 209 18.50 -35.75 8.55
CA TYR A 209 18.28 -34.44 7.94
C TYR A 209 19.61 -33.94 7.38
N LEU A 210 19.82 -34.14 6.08
CA LEU A 210 21.03 -33.70 5.40
C LEU A 210 20.73 -32.64 4.34
N TYR A 211 19.62 -31.92 4.49
CA TYR A 211 19.21 -30.98 3.45
C TYR A 211 19.98 -29.67 3.56
N ASN A 212 19.89 -28.87 2.50
CA ASN A 212 20.54 -27.55 2.43
C ASN A 212 22.05 -27.66 2.59
N ASN A 213 22.63 -28.69 1.98
CA ASN A 213 24.07 -28.90 2.01
C ASN A 213 24.63 -28.86 0.58
N MET A 214 25.92 -29.17 0.45
CA MET A 214 26.60 -29.16 -0.83
C MET A 214 26.92 -30.56 -1.32
N ILE A 215 26.08 -31.54 -0.98
CA ILE A 215 26.28 -32.91 -1.44
C ILE A 215 25.97 -33.00 -2.92
N ALA A 216 26.92 -33.49 -3.70
CA ALA A 216 26.76 -33.59 -5.15
C ALA A 216 26.49 -35.01 -5.63
N GLU A 217 27.00 -36.02 -4.94
CA GLU A 217 26.82 -37.41 -5.34
C GLU A 217 26.45 -38.27 -4.14
N ILE A 218 25.75 -39.36 -4.42
CA ILE A 218 25.37 -40.34 -3.42
C ILE A 218 25.94 -41.69 -3.84
N GLN A 219 26.61 -42.36 -2.89
CA GLN A 219 27.16 -43.67 -3.16
C GLN A 219 26.11 -44.75 -2.88
N GLU A 220 26.28 -45.89 -3.55
CA GLU A 220 25.32 -46.98 -3.40
C GLU A 220 25.36 -47.61 -2.03
N ASP A 221 26.44 -47.40 -1.27
CA ASP A 221 26.56 -47.93 0.08
C ASP A 221 26.34 -46.86 1.15
N ASP A 222 25.78 -45.71 0.78
CA ASP A 222 25.61 -44.63 1.75
C ASP A 222 24.57 -45.00 2.81
N PHE A 223 23.46 -45.60 2.39
CA PHE A 223 22.40 -46.02 3.29
C PHE A 223 22.27 -47.54 3.31
N ASN A 224 23.42 -48.23 3.33
CA ASN A 224 23.41 -49.68 3.26
C ASN A 224 22.98 -50.33 4.57
N ASN A 225 23.27 -49.69 5.70
CA ASN A 225 22.97 -50.28 7.00
C ASN A 225 21.75 -49.67 7.68
N LEU A 226 21.17 -48.61 7.10
CA LEU A 226 20.00 -47.96 7.69
C LEU A 226 18.76 -48.75 7.29
N ASN A 227 18.22 -49.52 8.23
CA ASN A 227 17.00 -50.28 8.00
C ASN A 227 15.80 -49.77 8.78
N GLN A 228 16.01 -49.01 9.85
CA GLN A 228 14.93 -48.45 10.64
C GLN A 228 14.67 -46.98 10.33
N LEU A 229 15.30 -46.45 9.29
CA LEU A 229 15.11 -45.04 8.93
C LEU A 229 13.68 -44.80 8.47
N GLN A 230 13.11 -43.69 8.93
CA GLN A 230 11.74 -43.33 8.59
C GLN A 230 11.62 -42.00 7.85
N ILE A 231 12.47 -41.03 8.19
CA ILE A 231 12.44 -39.71 7.56
C ILE A 231 13.81 -39.43 6.97
N LEU A 232 13.84 -39.11 5.68
CA LEU A 232 15.07 -38.78 4.97
C LEU A 232 14.88 -37.48 4.23
N ASP A 233 15.79 -36.54 4.42
CA ASP A 233 15.74 -35.23 3.78
C ASP A 233 17.02 -34.99 3.01
N LEU A 234 16.89 -34.70 1.71
CA LEU A 234 18.03 -34.44 0.84
C LEU A 234 17.82 -33.17 0.03
N SER A 235 17.10 -32.20 0.60
CA SER A 235 16.81 -30.97 -0.12
C SER A 235 18.06 -30.09 -0.22
N GLY A 236 17.95 -29.04 -1.02
CA GLY A 236 18.99 -28.04 -1.14
C GLY A 236 20.26 -28.48 -1.81
N ASN A 237 20.48 -29.79 -1.99
CA ASN A 237 21.68 -30.28 -2.64
C ASN A 237 21.52 -30.11 -4.14
N CYS A 238 22.41 -29.31 -4.71
CA CYS A 238 22.30 -28.97 -6.13
C CYS A 238 20.93 -28.34 -6.33
N PRO A 239 20.64 -27.14 -5.82
CA PRO A 239 19.27 -26.61 -5.84
C PRO A 239 18.98 -25.88 -7.14
N ARG A 240 17.70 -25.57 -7.31
CA ARG A 240 17.22 -24.76 -8.44
C ARG A 240 17.37 -23.31 -8.04
N CYS A 241 18.42 -22.66 -8.54
CA CYS A 241 18.80 -21.32 -8.10
C CYS A 241 18.14 -20.21 -8.92
N TYR A 242 17.27 -20.55 -9.86
CA TYR A 242 16.63 -19.52 -10.66
C TYR A 242 15.68 -18.69 -9.81
N ASN A 243 15.82 -17.37 -9.89
CA ASN A 243 14.96 -16.43 -9.15
C ASN A 243 14.99 -16.72 -7.65
N ALA A 244 16.16 -17.08 -7.13
CA ALA A 244 16.31 -17.38 -5.72
C ALA A 244 16.60 -16.10 -4.94
N PRO A 245 15.77 -15.73 -3.97
CA PRO A 245 16.02 -14.51 -3.19
C PRO A 245 17.10 -14.66 -2.12
N PHE A 246 17.83 -15.78 -2.11
CA PHE A 246 18.91 -16.00 -1.15
C PHE A 246 20.14 -16.50 -1.88
N PRO A 247 21.33 -16.27 -1.32
CA PRO A 247 22.55 -16.74 -1.99
C PRO A 247 22.63 -18.26 -2.03
N CYS A 248 22.56 -18.83 -3.23
CA CYS A 248 22.68 -20.27 -3.43
C CYS A 248 23.65 -20.54 -4.58
N THR A 249 24.35 -21.65 -4.53
CA THR A 249 25.34 -21.85 -5.61
C THR A 249 24.93 -23.05 -6.42
N PRO A 250 24.43 -22.88 -7.64
CA PRO A 250 24.01 -24.04 -8.38
C PRO A 250 25.19 -25.00 -8.51
N CYS A 251 24.94 -26.29 -8.68
CA CYS A 251 26.04 -27.23 -8.94
C CYS A 251 26.53 -26.98 -10.36
N LYS A 252 27.59 -27.64 -10.80
CA LYS A 252 28.16 -27.30 -12.11
C LYS A 252 27.33 -27.82 -13.26
N ASN A 253 27.29 -27.07 -14.35
CA ASN A 253 26.58 -27.55 -15.56
C ASN A 253 25.13 -27.84 -15.21
N ASN A 254 24.67 -27.34 -14.06
CA ASN A 254 23.26 -27.55 -13.64
C ASN A 254 23.08 -28.99 -13.19
N SER A 255 24.11 -29.82 -13.34
CA SER A 255 23.97 -31.25 -13.03
C SER A 255 23.00 -31.47 -11.89
N PRO A 256 22.15 -32.48 -11.99
CA PRO A 256 21.26 -32.86 -10.89
C PRO A 256 21.99 -33.65 -9.83
N LEU A 257 21.32 -33.83 -8.70
CA LEU A 257 21.86 -34.64 -7.61
C LEU A 257 21.93 -36.10 -8.07
N GLN A 258 23.15 -36.57 -8.36
CA GLN A 258 23.33 -37.91 -8.89
C GLN A 258 23.02 -38.94 -7.80
N ILE A 259 21.90 -39.65 -7.97
CA ILE A 259 21.48 -40.69 -7.06
C ILE A 259 21.42 -42.01 -7.83
N PRO A 260 22.14 -43.04 -7.40
CA PRO A 260 22.09 -44.32 -8.11
C PRO A 260 20.72 -44.96 -7.98
N VAL A 261 20.43 -45.86 -8.93
CA VAL A 261 19.15 -46.55 -8.93
C VAL A 261 19.02 -47.43 -7.69
N ASN A 262 20.08 -48.12 -7.33
CA ASN A 262 20.08 -48.99 -6.14
C ASN A 262 20.59 -48.26 -4.90
N ALA A 263 20.00 -47.10 -4.62
CA ALA A 263 20.37 -46.30 -3.46
C ALA A 263 19.45 -46.55 -2.27
N PHE A 264 18.14 -46.45 -2.47
CA PHE A 264 17.17 -46.69 -1.39
C PHE A 264 16.74 -48.15 -1.35
N ASP A 265 17.72 -49.05 -1.28
CA ASP A 265 17.43 -50.49 -1.24
C ASP A 265 17.28 -51.00 0.18
N ALA A 266 18.21 -50.64 1.06
CA ALA A 266 18.13 -51.10 2.45
C ALA A 266 16.99 -50.43 3.21
N LEU A 267 16.51 -49.28 2.75
CA LEU A 267 15.42 -48.59 3.42
C LEU A 267 14.12 -49.35 3.19
N THR A 268 13.53 -49.86 4.26
CA THR A 268 12.26 -50.57 4.20
C THR A 268 11.17 -49.95 5.05
N GLU A 269 11.53 -49.24 6.12
CA GLU A 269 10.57 -48.56 6.98
C GLU A 269 10.47 -47.07 6.67
N LEU A 270 11.03 -46.64 5.55
CA LEU A 270 10.98 -45.22 5.19
C LEU A 270 9.55 -44.78 4.94
N LYS A 271 9.19 -43.63 5.49
CA LYS A 271 7.85 -43.09 5.36
C LYS A 271 7.81 -41.69 4.76
N VAL A 272 8.82 -40.86 5.02
CA VAL A 272 8.89 -39.50 4.50
C VAL A 272 10.19 -39.36 3.73
N LEU A 273 10.08 -38.95 2.46
CA LEU A 273 11.24 -38.72 1.60
C LEU A 273 11.09 -37.35 0.96
N ARG A 274 12.02 -36.46 1.24
CA ARG A 274 12.00 -35.10 0.72
C ARG A 274 13.14 -34.91 -0.27
N LEU A 275 12.80 -34.55 -1.50
CA LEU A 275 13.77 -34.27 -2.55
C LEU A 275 13.53 -32.89 -3.15
N HIS A 276 12.99 -31.98 -2.35
CA HIS A 276 12.67 -30.65 -2.84
C HIS A 276 13.93 -29.88 -3.17
N SER A 277 13.89 -29.13 -4.28
CA SER A 277 15.00 -28.30 -4.74
C SER A 277 16.28 -29.12 -4.91
N ASN A 278 16.22 -30.07 -5.85
CA ASN A 278 17.38 -30.89 -6.18
C ASN A 278 17.74 -30.84 -7.66
N SER A 279 17.08 -29.99 -8.45
CA SER A 279 17.30 -29.87 -9.89
C SER A 279 17.19 -31.22 -10.60
N LEU A 280 16.32 -32.08 -10.10
CA LEU A 280 16.16 -33.41 -10.70
C LEU A 280 15.43 -33.29 -12.04
N GLN A 281 15.83 -34.13 -12.99
CA GLN A 281 15.21 -34.18 -14.30
C GLN A 281 14.42 -35.45 -14.55
N HIS A 282 14.88 -36.59 -14.05
CA HIS A 282 14.19 -37.86 -14.21
C HIS A 282 14.10 -38.56 -12.86
N VAL A 283 13.00 -39.26 -12.64
CA VAL A 283 12.77 -40.04 -11.43
C VAL A 283 12.61 -41.50 -11.83
N PRO A 284 13.69 -42.28 -11.78
CA PRO A 284 13.60 -43.69 -12.18
C PRO A 284 12.71 -44.47 -11.23
N PRO A 285 11.90 -45.39 -11.76
CA PRO A 285 11.06 -46.22 -10.88
C PRO A 285 11.85 -47.16 -9.99
N ARG A 286 13.12 -47.40 -10.30
CA ARG A 286 13.93 -48.31 -9.50
C ARG A 286 14.14 -47.78 -8.08
N TRP A 287 14.05 -46.47 -7.87
CA TRP A 287 14.24 -45.91 -6.54
C TRP A 287 13.19 -46.44 -5.57
N PHE A 288 11.94 -46.49 -6.00
CA PHE A 288 10.82 -46.87 -5.13
C PHE A 288 10.48 -48.35 -5.23
N LYS A 289 11.46 -49.19 -5.58
CA LYS A 289 11.20 -50.62 -5.69
C LYS A 289 11.08 -51.27 -4.32
N ASN A 290 11.94 -50.88 -3.38
CA ASN A 290 11.95 -51.51 -2.07
C ASN A 290 11.12 -50.76 -1.04
N ILE A 291 11.04 -49.44 -1.13
CA ILE A 291 10.25 -48.66 -0.17
C ILE A 291 8.78 -48.72 -0.55
N ASN A 292 8.06 -49.68 0.03
CA ASN A 292 6.64 -49.86 -0.26
C ASN A 292 5.75 -49.13 0.72
N ASN A 293 6.25 -48.76 1.90
CA ASN A 293 5.47 -48.09 2.92
C ASN A 293 5.66 -46.58 2.90
N LEU A 294 6.11 -46.02 1.78
CA LEU A 294 6.30 -44.58 1.68
C LEU A 294 4.97 -43.86 1.81
N GLN A 295 4.94 -42.79 2.60
CA GLN A 295 3.73 -42.03 2.85
C GLN A 295 3.77 -40.63 2.27
N GLU A 296 4.80 -39.86 2.58
CA GLU A 296 4.95 -38.49 2.10
C GLU A 296 6.16 -38.41 1.18
N LEU A 297 5.98 -37.89 -0.02
CA LEU A 297 7.04 -37.71 -1.00
C LEU A 297 7.05 -36.27 -1.47
N ASP A 298 8.22 -35.64 -1.45
CA ASP A 298 8.38 -34.26 -1.87
C ASP A 298 9.29 -34.20 -3.08
N LEU A 299 8.81 -33.59 -4.17
CA LEU A 299 9.60 -33.45 -5.39
C LEU A 299 9.48 -32.04 -5.95
N SER A 300 9.27 -31.05 -5.09
CA SER A 300 9.06 -29.68 -5.52
C SER A 300 10.37 -29.02 -5.93
N GLN A 301 10.24 -27.91 -6.65
CA GLN A 301 11.38 -27.08 -7.05
C GLN A 301 12.42 -27.88 -7.83
N ASN A 302 11.96 -28.74 -8.72
CA ASN A 302 12.82 -29.50 -9.60
C ASN A 302 12.47 -29.19 -11.05
N PHE A 303 13.08 -29.92 -11.98
CA PHE A 303 12.83 -29.77 -13.40
C PHE A 303 12.06 -30.96 -13.96
N LEU A 304 11.09 -31.45 -13.19
CA LEU A 304 10.32 -32.63 -13.54
C LEU A 304 9.05 -32.29 -14.32
N ALA A 305 9.07 -31.22 -15.11
CA ALA A 305 7.90 -30.86 -15.92
C ALA A 305 7.59 -31.95 -16.93
N LYS A 306 8.62 -32.48 -17.59
CA LYS A 306 8.40 -33.56 -18.55
C LYS A 306 8.09 -34.87 -17.85
N GLU A 307 8.65 -35.09 -16.66
CA GLU A 307 8.42 -36.35 -15.95
C GLU A 307 6.98 -36.47 -15.47
N ILE A 308 6.33 -35.35 -15.16
CA ILE A 308 4.94 -35.39 -14.73
C ILE A 308 4.06 -35.99 -15.84
N GLY A 309 4.37 -35.66 -17.10
CA GLY A 309 3.64 -36.25 -18.20
C GLY A 309 3.83 -37.75 -18.30
N ASP A 310 4.96 -38.26 -17.86
CA ASP A 310 5.21 -39.71 -17.86
C ASP A 310 4.86 -40.33 -16.52
N ALA A 311 5.56 -39.91 -15.45
CA ALA A 311 5.26 -40.32 -14.08
C ALA A 311 5.21 -41.85 -13.96
N LYS A 312 6.16 -42.52 -14.59
CA LYS A 312 6.18 -43.98 -14.56
C LYS A 312 6.49 -44.50 -13.16
N PHE A 313 7.17 -43.71 -12.34
CA PHE A 313 7.52 -44.14 -10.99
C PHE A 313 6.32 -44.20 -10.04
N LEU A 314 5.19 -43.59 -10.41
CA LEU A 314 4.04 -43.56 -9.53
C LEU A 314 3.38 -44.92 -9.35
N HIS A 315 3.73 -45.91 -10.18
CA HIS A 315 3.14 -47.24 -10.05
C HIS A 315 3.66 -48.01 -8.85
N PHE A 316 4.73 -47.54 -8.21
CA PHE A 316 5.33 -48.23 -7.07
C PHE A 316 5.02 -47.56 -5.74
N LEU A 317 4.00 -46.70 -5.71
CA LEU A 317 3.63 -45.98 -4.48
C LEU A 317 2.14 -46.18 -4.23
N PRO A 318 1.76 -47.37 -3.75
CA PRO A 318 0.33 -47.62 -3.47
C PRO A 318 -0.14 -47.06 -2.14
N ASN A 319 0.77 -46.74 -1.22
CA ASN A 319 0.42 -46.23 0.09
C ASN A 319 0.80 -44.77 0.28
N LEU A 320 1.04 -44.05 -0.82
CA LEU A 320 1.41 -42.64 -0.72
C LEU A 320 0.25 -41.81 -0.19
N ILE A 321 0.55 -40.92 0.75
CA ILE A 321 -0.46 -40.06 1.36
C ILE A 321 -0.34 -38.63 0.83
N GLN A 322 0.86 -38.07 0.84
CA GLN A 322 1.12 -36.72 0.38
C GLN A 322 2.06 -36.75 -0.83
N LEU A 323 1.76 -35.91 -1.81
CA LEU A 323 2.60 -35.77 -3.00
C LEU A 323 2.73 -34.31 -3.34
N ASP A 324 3.96 -33.79 -3.31
CA ASP A 324 4.24 -32.39 -3.60
C ASP A 324 5.02 -32.30 -4.90
N LEU A 325 4.51 -31.51 -5.84
CA LEU A 325 5.17 -31.30 -7.13
C LEU A 325 5.12 -29.84 -7.51
N SER A 326 5.31 -28.97 -6.52
CA SER A 326 5.17 -27.53 -6.73
C SER A 326 6.40 -26.93 -7.37
N PHE A 327 6.17 -25.92 -8.21
CA PHE A 327 7.23 -25.11 -8.82
C PHE A 327 8.21 -25.98 -9.62
N ASN A 328 7.67 -26.62 -10.66
CA ASN A 328 8.47 -27.41 -11.59
C ASN A 328 8.35 -26.85 -13.00
N PHE A 329 8.09 -25.55 -13.12
CA PHE A 329 7.88 -24.93 -14.43
C PHE A 329 9.18 -24.88 -15.21
N GLU A 330 9.03 -24.84 -16.54
CA GLU A 330 10.16 -24.73 -17.46
C GLU A 330 10.42 -23.27 -17.77
N LEU A 331 11.70 -22.91 -17.82
CA LEU A 331 12.07 -21.52 -18.09
C LEU A 331 11.71 -21.14 -19.52
N GLN A 332 11.13 -19.96 -19.68
CA GLN A 332 10.74 -19.42 -20.99
C GLN A 332 9.77 -20.34 -21.72
N VAL A 333 8.91 -21.04 -20.98
CA VAL A 333 7.92 -21.94 -21.55
C VAL A 333 6.59 -21.70 -20.85
N TYR A 334 5.54 -21.48 -21.64
CA TYR A 334 4.18 -21.30 -21.12
C TYR A 334 3.33 -22.42 -21.71
N ARG A 335 3.09 -23.47 -20.91
CA ARG A 335 2.35 -24.61 -21.39
C ARG A 335 0.89 -24.24 -21.68
N ALA A 336 0.33 -24.87 -22.72
CA ALA A 336 -1.06 -24.63 -23.07
C ALA A 336 -2.02 -25.32 -22.12
N SER A 337 -1.65 -26.48 -21.59
CA SER A 337 -2.51 -27.22 -20.68
C SER A 337 -1.65 -28.09 -19.78
N MET A 338 -2.23 -28.49 -18.65
CA MET A 338 -1.55 -29.38 -17.73
C MET A 338 -1.55 -30.80 -18.27
N ASN A 339 -0.38 -31.43 -18.30
CA ASN A 339 -0.21 -32.77 -18.83
C ASN A 339 0.00 -33.73 -17.67
N LEU A 340 -1.09 -34.23 -17.11
CA LEU A 340 -1.04 -35.19 -16.02
C LEU A 340 -1.03 -36.60 -16.60
N SER A 341 -0.09 -37.42 -16.12
CA SER A 341 0.03 -38.77 -16.61
C SER A 341 -1.12 -39.64 -16.12
N GLN A 342 -1.42 -40.69 -16.89
CA GLN A 342 -2.45 -41.64 -16.49
C GLN A 342 -2.03 -42.50 -15.31
N ALA A 343 -0.74 -42.52 -14.96
CA ALA A 343 -0.27 -43.29 -13.82
C ALA A 343 -0.71 -42.71 -12.49
N PHE A 344 -1.28 -41.51 -12.48
CA PHE A 344 -1.77 -40.91 -11.24
C PHE A 344 -2.94 -41.68 -10.65
N SER A 345 -3.58 -42.54 -11.44
CA SER A 345 -4.70 -43.33 -10.93
C SER A 345 -4.25 -44.43 -9.96
N SER A 346 -2.96 -44.75 -9.93
CA SER A 346 -2.45 -45.78 -9.06
C SER A 346 -2.31 -45.33 -7.61
N LEU A 347 -2.37 -44.02 -7.35
CA LEU A 347 -2.24 -43.49 -6.00
C LEU A 347 -3.57 -43.69 -5.27
N LYS A 348 -3.80 -44.92 -4.84
CA LYS A 348 -5.07 -45.26 -4.20
C LYS A 348 -5.27 -44.51 -2.89
N SER A 349 -4.22 -44.40 -2.09
CA SER A 349 -4.31 -43.81 -0.77
C SER A 349 -3.94 -42.33 -0.74
N LEU A 350 -3.83 -41.68 -1.91
CA LEU A 350 -3.44 -40.29 -1.95
C LEU A 350 -4.51 -39.40 -1.33
N LYS A 351 -4.08 -38.44 -0.52
CA LYS A 351 -4.99 -37.50 0.14
C LYS A 351 -4.72 -36.07 -0.25
N ILE A 352 -3.47 -35.63 -0.26
CA ILE A 352 -3.09 -34.25 -0.55
C ILE A 352 -2.23 -34.25 -1.80
N LEU A 353 -2.56 -33.37 -2.75
CA LEU A 353 -1.81 -33.23 -3.98
C LEU A 353 -1.61 -31.75 -4.26
N ARG A 354 -0.35 -31.35 -4.47
CA ARG A 354 0.00 -29.96 -4.75
C ARG A 354 0.70 -29.89 -6.09
N ILE A 355 0.10 -29.17 -7.04
CA ILE A 355 0.67 -29.03 -8.38
C ILE A 355 0.84 -27.55 -8.67
N ARG A 356 1.28 -26.80 -7.65
CA ARG A 356 1.56 -25.38 -7.86
C ARG A 356 2.79 -25.20 -8.73
N GLY A 357 2.99 -23.97 -9.21
CA GLY A 357 4.17 -23.65 -9.99
C GLY A 357 4.31 -24.43 -11.27
N TYR A 358 3.22 -25.03 -11.76
CA TYR A 358 3.20 -25.74 -13.04
C TYR A 358 2.54 -24.89 -14.11
N VAL A 359 2.91 -23.61 -14.18
CA VAL A 359 2.22 -22.57 -14.93
C VAL A 359 1.76 -23.06 -16.30
N PHE A 360 0.46 -22.93 -16.55
CA PHE A 360 -0.13 -23.33 -17.82
C PHE A 360 -1.36 -22.48 -18.08
N LYS A 361 -1.78 -22.43 -19.34
CA LYS A 361 -2.81 -21.48 -19.75
C LYS A 361 -4.21 -21.94 -19.36
N GLU A 362 -4.66 -23.06 -19.93
CA GLU A 362 -6.04 -23.50 -19.82
C GLU A 362 -6.13 -24.83 -19.09
N LEU A 363 -7.10 -24.94 -18.19
CA LEU A 363 -7.39 -26.17 -17.48
C LEU A 363 -8.73 -26.71 -17.96
N LYS A 364 -8.74 -27.96 -18.41
CA LYS A 364 -9.94 -28.59 -18.94
C LYS A 364 -10.36 -29.75 -18.05
N SER A 365 -11.60 -30.20 -18.25
CA SER A 365 -12.15 -31.27 -17.43
C SER A 365 -11.40 -32.58 -17.66
N PHE A 366 -11.05 -32.89 -18.91
CA PHE A 366 -10.43 -34.16 -19.21
C PHE A 366 -8.99 -34.24 -18.71
N GLN A 367 -8.35 -33.11 -18.41
CA GLN A 367 -7.00 -33.13 -17.90
C GLN A 367 -6.93 -33.63 -16.45
N LEU A 368 -8.05 -33.60 -15.73
CA LEU A 368 -8.12 -34.10 -14.37
C LEU A 368 -8.74 -35.50 -14.30
N SER A 369 -8.86 -36.17 -15.45
CA SER A 369 -9.43 -37.52 -15.44
C SER A 369 -8.66 -38.52 -14.59
N PRO A 370 -7.32 -38.53 -14.53
CA PRO A 370 -6.65 -39.52 -13.67
C PRO A 370 -7.02 -39.40 -12.19
N LEU A 371 -7.39 -38.21 -11.74
CA LEU A 371 -7.74 -38.00 -10.34
C LEU A 371 -9.22 -38.27 -10.05
N HIS A 372 -9.99 -38.72 -11.05
CA HIS A 372 -11.41 -38.96 -10.84
C HIS A 372 -11.68 -40.19 -9.98
N ASN A 373 -10.74 -41.13 -9.91
CA ASN A 373 -10.94 -42.38 -9.20
C ASN A 373 -10.22 -42.43 -7.86
N LEU A 374 -9.68 -41.31 -7.39
CA LEU A 374 -9.00 -41.26 -6.09
C LEU A 374 -10.05 -41.01 -5.02
N GLN A 375 -10.44 -42.07 -4.31
CA GLN A 375 -11.51 -41.97 -3.32
C GLN A 375 -11.05 -41.21 -2.08
N ASN A 376 -9.78 -41.32 -1.72
CA ASN A 376 -9.27 -40.70 -0.50
C ASN A 376 -8.71 -39.30 -0.72
N LEU A 377 -8.81 -38.77 -1.94
CA LEU A 377 -8.29 -37.43 -2.22
C LEU A 377 -9.13 -36.38 -1.50
N GLU A 378 -8.45 -35.48 -0.79
CA GLU A 378 -9.12 -34.42 -0.04
C GLU A 378 -8.71 -33.03 -0.48
N VAL A 379 -7.40 -32.78 -0.62
CA VAL A 379 -6.87 -31.46 -0.96
C VAL A 379 -6.26 -31.52 -2.34
N LEU A 380 -6.65 -30.59 -3.20
CA LEU A 380 -6.12 -30.45 -4.55
C LEU A 380 -5.62 -29.03 -4.72
N ASP A 381 -4.32 -28.82 -4.58
CA ASP A 381 -3.73 -27.50 -4.66
C ASP A 381 -3.36 -27.20 -6.11
N LEU A 382 -3.87 -26.07 -6.64
CA LEU A 382 -3.55 -25.67 -8.00
C LEU A 382 -3.25 -24.18 -8.11
N GLY A 383 -2.97 -23.52 -6.99
CA GLY A 383 -2.70 -22.10 -7.02
C GLY A 383 -1.35 -21.76 -7.63
N THR A 384 -1.20 -20.48 -7.96
CA THR A 384 0.02 -19.94 -8.56
C THR A 384 0.38 -20.71 -9.83
N ASN A 385 -0.58 -20.80 -10.74
CA ASN A 385 -0.39 -21.47 -12.01
C ASN A 385 -0.74 -20.60 -13.21
N PHE A 386 -1.24 -19.39 -12.99
CA PHE A 386 -1.59 -18.46 -14.06
C PHE A 386 -2.58 -19.09 -15.04
N ILE A 387 -3.55 -19.84 -14.49
CA ILE A 387 -4.58 -20.45 -15.32
C ILE A 387 -5.50 -19.35 -15.83
N LYS A 388 -5.67 -19.29 -17.15
CA LYS A 388 -6.50 -18.25 -17.76
C LYS A 388 -7.94 -18.71 -17.94
N ILE A 389 -8.13 -19.84 -18.63
CA ILE A 389 -9.46 -20.38 -18.89
C ILE A 389 -9.65 -21.61 -18.01
N ALA A 390 -10.74 -21.61 -17.24
CA ALA A 390 -11.03 -22.72 -16.33
C ALA A 390 -12.54 -22.78 -16.13
N ASN A 391 -13.17 -23.83 -16.65
CA ASN A 391 -14.60 -24.02 -16.46
C ASN A 391 -14.85 -24.58 -15.06
N LEU A 392 -15.46 -23.77 -14.20
CA LEU A 392 -15.69 -24.19 -12.82
C LEU A 392 -16.67 -25.35 -12.71
N SER A 393 -17.49 -25.58 -13.74
CA SER A 393 -18.44 -26.69 -13.71
C SER A 393 -17.76 -28.06 -13.74
N MET A 394 -16.48 -28.11 -14.09
CA MET A 394 -15.76 -29.38 -14.13
C MET A 394 -15.48 -29.95 -12.75
N PHE A 395 -15.67 -29.17 -11.69
CA PHE A 395 -15.43 -29.62 -10.33
C PHE A 395 -16.64 -30.33 -9.72
N LYS A 396 -17.72 -30.50 -10.49
CA LYS A 396 -18.88 -31.21 -9.97
C LYS A 396 -18.59 -32.67 -9.67
N GLN A 397 -17.54 -33.23 -10.27
CA GLN A 397 -17.16 -34.61 -9.99
C GLN A 397 -16.31 -34.74 -8.73
N PHE A 398 -15.72 -33.64 -8.26
CA PHE A 398 -14.89 -33.66 -7.05
C PHE A 398 -15.71 -33.25 -5.83
N LYS A 399 -16.85 -33.91 -5.63
CA LYS A 399 -17.67 -33.60 -4.46
C LYS A 399 -17.02 -34.09 -3.17
N ARG A 400 -16.31 -35.22 -3.23
CA ARG A 400 -15.67 -35.76 -2.03
C ARG A 400 -14.47 -34.92 -1.60
N LEU A 401 -13.98 -34.03 -2.46
CA LEU A 401 -12.84 -33.21 -2.11
C LEU A 401 -13.20 -32.24 -1.00
N LYS A 402 -12.25 -31.97 -0.12
CA LYS A 402 -12.45 -31.07 1.01
C LYS A 402 -11.99 -29.64 0.71
N VAL A 403 -10.84 -29.47 0.09
CA VAL A 403 -10.31 -28.16 -0.25
C VAL A 403 -9.87 -28.17 -1.71
N ILE A 404 -10.37 -27.20 -2.48
CA ILE A 404 -9.96 -27.00 -3.86
C ILE A 404 -9.31 -25.62 -3.95
N ASP A 405 -8.04 -25.60 -4.35
CA ASP A 405 -7.25 -24.37 -4.37
C ASP A 405 -7.24 -23.79 -5.77
N LEU A 406 -7.73 -22.57 -5.91
CA LEU A 406 -7.75 -21.82 -7.16
C LEU A 406 -7.21 -20.42 -6.91
N SER A 407 -5.99 -20.36 -6.38
CA SER A 407 -5.38 -19.14 -5.87
C SER A 407 -4.96 -18.19 -6.99
N VAL A 408 -3.88 -17.44 -6.76
CA VAL A 408 -3.54 -16.22 -7.46
C VAL A 408 -3.56 -16.34 -8.99
N ASN A 409 -3.75 -17.55 -9.51
CA ASN A 409 -3.89 -17.71 -10.95
C ASN A 409 -5.03 -16.83 -11.49
N LYS A 410 -5.02 -16.61 -12.80
CA LYS A 410 -5.78 -15.55 -13.44
C LYS A 410 -7.13 -16.02 -13.99
N ILE A 411 -7.83 -16.90 -13.27
CA ILE A 411 -9.13 -17.37 -13.73
C ILE A 411 -10.11 -16.20 -13.78
N SER A 412 -10.85 -16.12 -14.88
CA SER A 412 -11.80 -15.05 -15.14
C SER A 412 -13.17 -15.65 -15.49
N PRO A 413 -14.25 -14.86 -15.41
CA PRO A 413 -15.56 -15.39 -15.77
C PRO A 413 -15.60 -15.88 -17.20
N SER A 414 -16.41 -16.91 -17.43
CA SER A 414 -16.53 -17.51 -18.75
C SER A 414 -17.15 -16.52 -19.73
N GLY A 415 -16.59 -16.48 -20.95
CA GLY A 415 -17.08 -15.59 -21.98
C GLY A 415 -18.18 -16.21 -22.82
N ASP A 416 -18.54 -15.49 -23.87
CA ASP A 416 -19.59 -15.94 -24.79
C ASP A 416 -19.00 -16.46 -26.09
N TYR A 449 18.14 -12.05 17.03
CA TYR A 449 17.30 -13.24 17.00
C TYR A 449 17.52 -14.03 15.72
N ALA A 450 17.11 -15.30 15.74
CA ALA A 450 17.24 -16.17 14.58
C ALA A 450 16.20 -17.27 14.66
N ARG A 451 16.26 -18.22 13.73
CA ARG A 451 15.30 -19.32 13.74
C ARG A 451 15.49 -20.22 14.95
N SER A 452 16.74 -20.49 15.32
CA SER A 452 17.01 -21.38 16.45
C SER A 452 16.67 -20.74 17.79
N CYS A 453 16.48 -19.42 17.84
CA CYS A 453 16.12 -18.76 19.08
C CYS A 453 14.74 -19.16 19.58
N ARG A 454 13.86 -19.62 18.68
CA ARG A 454 12.53 -20.09 19.07
C ARG A 454 12.27 -21.45 18.45
N PHE A 455 11.03 -21.94 18.57
CA PHE A 455 10.60 -23.19 17.95
C PHE A 455 11.47 -24.37 18.43
N LYS A 456 11.27 -24.69 19.71
CA LYS A 456 12.03 -25.77 20.33
C LYS A 456 11.84 -27.11 19.64
N ASN A 457 10.76 -27.27 18.86
CA ASN A 457 10.54 -28.52 18.14
C ASN A 457 11.60 -28.77 17.08
N LYS A 458 12.34 -27.74 16.68
CA LYS A 458 13.42 -27.86 15.71
C LYS A 458 12.92 -28.44 14.39
N GLU A 459 13.32 -29.67 14.08
CA GLU A 459 12.93 -30.32 12.83
C GLU A 459 11.45 -30.71 12.92
N ALA A 460 10.59 -29.90 12.30
CA ALA A 460 9.16 -30.16 12.28
C ALA A 460 8.63 -30.02 10.86
N SER A 461 7.58 -30.76 10.56
CA SER A 461 6.98 -30.72 9.24
C SER A 461 6.29 -29.38 9.00
N PHE A 462 6.18 -29.02 7.72
CA PHE A 462 5.53 -27.76 7.34
C PHE A 462 4.05 -27.84 7.67
N THR A 463 3.62 -27.06 8.67
CA THR A 463 2.22 -27.05 9.08
C THR A 463 1.41 -26.24 8.07
N SER A 464 0.39 -26.87 7.49
CA SER A 464 -0.46 -26.19 6.52
C SER A 464 -1.25 -25.09 7.20
N VAL A 465 -1.44 -23.98 6.49
CA VAL A 465 -2.19 -22.84 7.02
C VAL A 465 -3.67 -23.24 7.09
N GLN A 466 -4.16 -23.45 8.30
CA GLN A 466 -5.55 -23.86 8.52
C GLN A 466 -6.42 -22.62 8.48
N GLU A 467 -6.99 -22.32 7.31
CA GLU A 467 -7.86 -21.18 7.17
C GLU A 467 -9.19 -21.43 7.89
N SER A 468 -9.85 -20.32 8.24
CA SER A 468 -11.11 -20.40 8.98
C SER A 468 -12.25 -20.99 8.16
N CYS A 469 -12.11 -21.07 6.84
CA CYS A 469 -13.17 -21.58 5.99
C CYS A 469 -13.12 -23.08 5.78
N TYR A 470 -12.07 -23.75 6.23
CA TYR A 470 -11.93 -25.18 5.99
C TYR A 470 -12.85 -26.02 6.89
N LYS A 471 -13.12 -25.55 8.10
CA LYS A 471 -13.92 -26.32 9.04
C LYS A 471 -15.39 -26.40 8.64
N TYR A 472 -15.83 -25.61 7.67
CA TYR A 472 -17.24 -25.60 7.27
C TYR A 472 -17.56 -26.61 6.18
N GLY A 473 -16.56 -27.27 5.60
CA GLY A 473 -16.80 -28.27 4.58
C GLY A 473 -16.03 -28.04 3.31
N GLN A 474 -16.69 -28.26 2.17
CA GLN A 474 -16.02 -28.06 0.88
C GLN A 474 -15.66 -26.59 0.68
N THR A 475 -14.45 -26.36 0.20
CA THR A 475 -13.90 -25.01 0.05
C THR A 475 -13.40 -24.83 -1.37
N LEU A 476 -13.79 -23.72 -2.00
CA LEU A 476 -13.31 -23.34 -3.32
C LEU A 476 -12.60 -21.99 -3.17
N ASP A 477 -11.31 -22.04 -2.88
CA ASP A 477 -10.50 -20.84 -2.64
C ASP A 477 -10.18 -20.20 -3.98
N LEU A 478 -11.04 -19.26 -4.40
CA LEU A 478 -10.85 -18.52 -5.64
C LEU A 478 -10.28 -17.12 -5.39
N SER A 479 -9.43 -16.97 -4.38
CA SER A 479 -8.93 -15.66 -4.00
C SER A 479 -7.87 -15.17 -4.98
N LYS A 480 -7.76 -13.84 -5.09
CA LYS A 480 -6.72 -13.17 -5.88
C LYS A 480 -6.75 -13.63 -7.34
N ASN A 481 -7.95 -13.77 -7.89
CA ASN A 481 -8.12 -14.19 -9.27
C ASN A 481 -8.51 -13.01 -10.14
N SER A 482 -8.73 -13.27 -11.42
CA SER A 482 -9.08 -12.24 -12.40
C SER A 482 -10.59 -12.15 -12.63
N ILE A 483 -11.39 -12.49 -11.63
CA ILE A 483 -12.84 -12.38 -11.73
C ILE A 483 -13.24 -10.96 -11.43
N PHE A 484 -13.91 -10.31 -12.38
CA PHE A 484 -14.35 -8.93 -12.20
C PHE A 484 -15.85 -8.76 -12.12
N PHE A 485 -16.63 -9.81 -12.39
CA PHE A 485 -18.07 -9.78 -12.18
C PHE A 485 -18.57 -11.20 -12.03
N ILE A 486 -19.69 -11.34 -11.32
CA ILE A 486 -20.22 -12.65 -10.92
C ILE A 486 -21.46 -12.95 -11.75
N LYS A 487 -21.50 -14.15 -12.32
CA LYS A 487 -22.68 -14.64 -13.03
C LYS A 487 -23.21 -15.88 -12.33
N SER A 488 -24.52 -16.05 -12.37
CA SER A 488 -25.13 -17.24 -11.79
C SER A 488 -24.82 -18.49 -12.61
N SER A 489 -24.53 -18.32 -13.90
CA SER A 489 -24.25 -19.47 -14.75
C SER A 489 -22.87 -20.05 -14.48
N ASP A 490 -21.91 -19.22 -14.08
CA ASP A 490 -20.56 -19.71 -13.83
C ASP A 490 -20.53 -20.67 -12.65
N PHE A 491 -21.28 -20.38 -11.59
CA PHE A 491 -21.29 -21.20 -10.40
C PHE A 491 -22.32 -22.31 -10.46
N GLN A 492 -22.75 -22.71 -11.65
CA GLN A 492 -23.68 -23.81 -11.79
C GLN A 492 -22.97 -25.13 -11.47
N HIS A 493 -23.79 -26.13 -11.12
CA HIS A 493 -23.30 -27.46 -10.77
C HIS A 493 -22.33 -27.43 -9.59
N LEU A 494 -22.51 -26.45 -8.69
CA LEU A 494 -21.66 -26.29 -7.52
C LEU A 494 -22.52 -26.12 -6.27
N SER A 495 -23.63 -26.84 -6.20
CA SER A 495 -24.53 -26.73 -5.05
C SER A 495 -23.94 -27.35 -3.79
N PHE A 496 -22.88 -28.14 -3.91
CA PHE A 496 -22.27 -28.80 -2.77
C PHE A 496 -21.26 -27.92 -2.04
N LEU A 497 -21.00 -26.71 -2.53
CA LEU A 497 -19.99 -25.86 -1.92
C LEU A 497 -20.49 -25.31 -0.60
N LYS A 498 -19.79 -25.63 0.49
CA LYS A 498 -20.09 -25.08 1.80
C LYS A 498 -19.26 -23.86 2.15
N CYS A 499 -18.30 -23.50 1.30
CA CYS A 499 -17.43 -22.36 1.56
C CYS A 499 -16.94 -21.81 0.23
N LEU A 500 -16.74 -20.49 0.19
CA LEU A 500 -16.28 -19.82 -1.03
C LEU A 500 -15.48 -18.60 -0.64
N ASN A 501 -14.23 -18.52 -1.10
CA ASN A 501 -13.35 -17.41 -0.83
C ASN A 501 -13.12 -16.63 -2.12
N LEU A 502 -13.49 -15.34 -2.11
CA LEU A 502 -13.36 -14.48 -3.26
C LEU A 502 -12.60 -13.20 -2.91
N SER A 503 -11.71 -13.28 -1.93
CA SER A 503 -10.97 -12.11 -1.48
C SER A 503 -9.95 -11.68 -2.51
N GLY A 504 -9.78 -10.38 -2.67
CA GLY A 504 -8.74 -9.83 -3.54
C GLY A 504 -9.06 -9.85 -5.02
N ASN A 505 -10.27 -10.24 -5.40
CA ASN A 505 -10.61 -10.29 -6.83
C ASN A 505 -10.92 -8.91 -7.40
N LEU A 506 -11.18 -7.93 -6.55
CA LEU A 506 -11.51 -6.56 -6.96
C LEU A 506 -12.70 -6.54 -7.91
N ILE A 507 -13.82 -7.05 -7.40
CA ILE A 507 -15.07 -7.13 -8.16
C ILE A 507 -15.87 -5.87 -7.88
N SER A 508 -16.30 -5.19 -8.94
CA SER A 508 -17.16 -4.01 -8.85
C SER A 508 -18.54 -4.41 -9.36
N GLN A 509 -19.42 -4.80 -8.44
CA GLN A 509 -20.75 -5.26 -8.82
C GLN A 509 -21.76 -4.72 -7.83
N THR A 510 -23.00 -4.57 -8.31
CA THR A 510 -24.13 -4.15 -7.48
C THR A 510 -25.08 -5.34 -7.39
N LEU A 511 -24.84 -6.20 -6.40
CA LEU A 511 -25.65 -7.40 -6.24
C LEU A 511 -27.07 -7.04 -5.84
N ASN A 512 -28.05 -7.76 -6.40
CA ASN A 512 -29.45 -7.56 -6.07
C ASN A 512 -30.16 -8.85 -5.67
N GLY A 513 -29.41 -9.94 -5.47
CA GLY A 513 -29.99 -11.18 -5.00
C GLY A 513 -30.18 -12.26 -6.03
N SER A 514 -29.36 -12.28 -7.09
CA SER A 514 -29.47 -13.31 -8.11
C SER A 514 -28.14 -13.85 -8.59
N GLU A 515 -27.01 -13.39 -8.04
CA GLU A 515 -25.72 -13.84 -8.52
C GLU A 515 -25.36 -15.22 -7.97
N PHE A 516 -25.44 -15.38 -6.65
CA PHE A 516 -25.09 -16.64 -6.01
C PHE A 516 -26.31 -17.55 -5.88
N GLN A 517 -27.03 -17.73 -6.99
CA GLN A 517 -28.25 -18.53 -6.94
C GLN A 517 -27.97 -20.02 -6.81
N PRO A 518 -27.10 -20.65 -7.61
CA PRO A 518 -26.89 -22.09 -7.45
C PRO A 518 -26.27 -22.48 -6.12
N LEU A 519 -25.58 -21.57 -5.44
CA LEU A 519 -24.93 -21.87 -4.17
C LEU A 519 -25.99 -21.92 -3.06
N ALA A 520 -26.77 -23.00 -3.08
CA ALA A 520 -27.86 -23.16 -2.12
C ALA A 520 -27.36 -23.58 -0.75
N GLU A 521 -26.29 -24.37 -0.69
CA GLU A 521 -25.77 -24.89 0.57
C GLU A 521 -24.57 -24.12 1.10
N LEU A 522 -24.31 -22.93 0.55
CA LEU A 522 -23.16 -22.15 0.99
C LEU A 522 -23.37 -21.66 2.42
N ARG A 523 -22.35 -21.83 3.27
CA ARG A 523 -22.40 -21.39 4.64
C ARG A 523 -21.39 -20.30 4.98
N TYR A 524 -20.29 -20.22 4.23
CA TYR A 524 -19.26 -19.20 4.46
C TYR A 524 -18.93 -18.53 3.13
N LEU A 525 -18.98 -17.21 3.11
CA LEU A 525 -18.65 -16.44 1.93
C LEU A 525 -17.69 -15.33 2.32
N ASP A 526 -16.58 -15.22 1.60
CA ASP A 526 -15.58 -14.19 1.83
C ASP A 526 -15.57 -13.25 0.64
N PHE A 527 -15.75 -11.96 0.89
CA PHE A 527 -15.81 -10.94 -0.15
C PHE A 527 -14.91 -9.78 0.19
N SER A 528 -13.79 -10.06 0.86
CA SER A 528 -12.87 -9.01 1.27
C SER A 528 -12.09 -8.47 0.08
N ASN A 529 -11.57 -7.25 0.24
CA ASN A 529 -10.72 -6.59 -0.75
C ASN A 529 -11.43 -6.51 -2.10
N ASN A 530 -12.71 -6.16 -2.09
CA ASN A 530 -13.47 -5.99 -3.32
C ASN A 530 -14.14 -4.63 -3.35
N ARG A 531 -15.00 -4.41 -4.34
CA ARG A 531 -15.74 -3.16 -4.48
C ARG A 531 -17.22 -3.49 -4.56
N LEU A 532 -17.85 -3.66 -3.40
CA LEU A 532 -19.25 -4.04 -3.33
C LEU A 532 -20.12 -2.80 -3.22
N ASP A 533 -21.12 -2.71 -4.09
CA ASP A 533 -22.07 -1.59 -4.09
C ASP A 533 -23.35 -2.05 -3.41
N LEU A 534 -23.60 -1.52 -2.21
CA LEU A 534 -24.78 -1.91 -1.43
C LEU A 534 -25.95 -0.96 -1.74
N LEU A 535 -26.34 -0.95 -3.01
CA LEU A 535 -27.45 -0.11 -3.45
C LEU A 535 -28.81 -0.77 -3.25
N HIS A 536 -28.85 -2.05 -2.92
CA HIS A 536 -30.09 -2.77 -2.72
C HIS A 536 -30.04 -3.55 -1.42
N SER A 537 -31.18 -3.63 -0.74
CA SER A 537 -31.29 -4.39 0.49
C SER A 537 -31.50 -5.89 0.25
N THR A 538 -31.61 -6.31 -1.00
CA THR A 538 -31.81 -7.71 -1.35
C THR A 538 -30.51 -8.42 -1.67
N ALA A 539 -29.36 -7.83 -1.36
CA ALA A 539 -28.09 -8.49 -1.60
C ALA A 539 -27.93 -9.70 -0.68
N PHE A 540 -27.39 -10.79 -1.24
CA PHE A 540 -27.19 -12.04 -0.51
C PHE A 540 -28.51 -12.60 0.02
N GLU A 541 -29.62 -12.30 -0.65
CA GLU A 541 -30.91 -12.78 -0.17
C GLU A 541 -31.09 -14.27 -0.46
N GLU A 542 -30.55 -14.74 -1.59
CA GLU A 542 -30.74 -16.13 -1.99
C GLU A 542 -29.82 -17.10 -1.24
N LEU A 543 -28.85 -16.59 -0.49
CA LEU A 543 -27.98 -17.44 0.33
C LEU A 543 -28.74 -17.79 1.61
N ARG A 544 -29.63 -18.78 1.50
CA ARG A 544 -30.53 -19.10 2.60
C ARG A 544 -29.79 -19.72 3.78
N LYS A 545 -28.74 -20.49 3.51
CA LYS A 545 -28.01 -21.19 4.56
C LYS A 545 -26.71 -20.50 4.95
N LEU A 546 -26.51 -19.25 4.52
CA LEU A 546 -25.29 -18.54 4.84
C LEU A 546 -25.21 -18.25 6.33
N GLU A 547 -24.02 -18.45 6.90
CA GLU A 547 -23.79 -18.23 8.32
C GLU A 547 -22.78 -17.13 8.60
N VAL A 548 -21.65 -17.11 7.89
CA VAL A 548 -20.62 -16.10 8.08
C VAL A 548 -20.44 -15.33 6.78
N LEU A 549 -20.52 -14.01 6.85
CA LEU A 549 -20.35 -13.14 5.69
C LEU A 549 -19.26 -12.13 5.99
N ASP A 550 -18.31 -11.99 5.07
CA ASP A 550 -17.17 -11.09 5.22
C ASP A 550 -17.17 -10.14 4.04
N ILE A 551 -17.42 -8.85 4.30
CA ILE A 551 -17.42 -7.84 3.27
C ILE A 551 -16.43 -6.73 3.64
N SER A 552 -15.34 -7.12 4.32
CA SER A 552 -14.35 -6.15 4.75
C SER A 552 -13.57 -5.61 3.57
N SER A 553 -12.86 -4.51 3.81
CA SER A 553 -11.96 -3.89 2.82
C SER A 553 -12.69 -3.57 1.53
N ASN A 554 -13.91 -3.04 1.65
CA ASN A 554 -14.71 -2.58 0.52
C ASN A 554 -14.90 -1.07 0.59
N SER A 555 -13.83 -0.34 0.91
CA SER A 555 -13.93 1.07 1.23
C SER A 555 -14.27 1.93 0.03
N HIS A 556 -14.16 1.41 -1.19
CA HIS A 556 -14.32 2.24 -2.38
C HIS A 556 -15.71 2.87 -2.43
N TYR A 557 -16.74 2.05 -2.54
CA TYR A 557 -18.10 2.57 -2.66
C TYR A 557 -18.66 3.06 -1.34
N PHE A 558 -18.12 2.61 -0.21
CA PHE A 558 -18.58 3.10 1.08
C PHE A 558 -18.00 4.47 1.41
N GLN A 559 -16.87 4.85 0.81
CA GLN A 559 -16.29 6.16 1.06
C GLN A 559 -17.09 7.27 0.41
N SER A 560 -17.71 6.99 -0.74
CA SER A 560 -18.50 8.01 -1.43
C SER A 560 -19.72 8.38 -0.60
N GLU A 561 -20.08 9.66 -0.65
CA GLU A 561 -21.20 10.20 0.11
C GLU A 561 -22.34 10.57 -0.83
N GLY A 562 -23.56 10.38 -0.35
CA GLY A 562 -24.76 10.69 -1.11
C GLY A 562 -25.42 9.50 -1.77
N ILE A 563 -24.69 8.40 -1.94
CA ILE A 563 -25.26 7.21 -2.54
C ILE A 563 -25.88 6.35 -1.45
N THR A 564 -26.87 5.55 -1.83
CA THR A 564 -27.59 4.73 -0.86
C THR A 564 -26.68 3.63 -0.31
N HIS A 565 -26.79 3.40 1.00
CA HIS A 565 -26.03 2.36 1.70
C HIS A 565 -27.02 1.55 2.51
N MET A 566 -27.61 0.53 1.88
CA MET A 566 -28.62 -0.30 2.54
C MET A 566 -27.92 -1.20 3.55
N LEU A 567 -27.89 -0.76 4.81
CA LEU A 567 -27.27 -1.52 5.89
C LEU A 567 -28.21 -2.52 6.53
N ASN A 568 -29.49 -2.53 6.13
CA ASN A 568 -30.46 -3.48 6.68
C ASN A 568 -30.58 -4.74 5.82
N PHE A 569 -29.57 -5.04 5.02
CA PHE A 569 -29.60 -6.22 4.17
C PHE A 569 -29.49 -7.53 4.94
N THR A 570 -29.16 -7.47 6.23
CA THR A 570 -29.04 -8.67 7.04
C THR A 570 -30.39 -9.22 7.51
N LYS A 571 -31.48 -8.50 7.25
CA LYS A 571 -32.79 -8.96 7.66
C LYS A 571 -33.18 -10.25 6.94
N ASN A 572 -32.86 -10.35 5.65
CA ASN A 572 -33.24 -11.53 4.89
C ASN A 572 -32.42 -12.75 5.28
N LEU A 573 -31.18 -12.55 5.73
CA LEU A 573 -30.32 -13.65 6.14
C LEU A 573 -30.83 -14.22 7.45
N LYS A 574 -31.55 -15.34 7.37
CA LYS A 574 -32.22 -15.88 8.53
C LYS A 574 -31.28 -16.59 9.51
N VAL A 575 -30.24 -17.25 9.00
CA VAL A 575 -29.36 -18.03 9.84
C VAL A 575 -27.96 -17.43 9.90
N LEU A 576 -27.82 -16.15 9.61
CA LEU A 576 -26.52 -15.49 9.70
C LEU A 576 -26.09 -15.38 11.15
N GLN A 577 -24.85 -15.79 11.42
CA GLN A 577 -24.30 -15.79 12.77
C GLN A 577 -23.20 -14.76 12.99
N LYS A 578 -22.29 -14.62 12.03
CA LYS A 578 -21.18 -13.68 12.14
C LYS A 578 -21.13 -12.81 10.89
N LEU A 579 -20.86 -11.52 11.09
CA LEU A 579 -20.77 -10.56 9.99
C LEU A 579 -19.57 -9.66 10.24
N MET A 580 -18.57 -9.76 9.37
CA MET A 580 -17.36 -8.95 9.45
C MET A 580 -17.39 -7.93 8.31
N MET A 581 -17.57 -6.66 8.65
CA MET A 581 -17.55 -5.57 7.69
C MET A 581 -16.61 -4.47 8.15
N ASN A 582 -15.47 -4.86 8.72
CA ASN A 582 -14.52 -3.89 9.26
C ASN A 582 -13.66 -3.31 8.13
N ASP A 583 -13.00 -2.19 8.45
CA ASP A 583 -12.13 -1.47 7.52
C ASP A 583 -12.88 -1.09 6.25
N ASN A 584 -14.13 -0.66 6.40
CA ASN A 584 -14.95 -0.24 5.28
C ASN A 584 -15.13 1.27 5.18
N ASP A 585 -14.72 2.02 6.20
CA ASP A 585 -14.85 3.48 6.22
C ASP A 585 -16.29 3.93 6.00
N ILE A 586 -17.22 3.23 6.64
CA ILE A 586 -18.63 3.57 6.53
C ILE A 586 -18.88 4.87 7.26
N SER A 587 -19.36 5.88 6.54
CA SER A 587 -19.63 7.18 7.12
C SER A 587 -21.11 7.58 7.06
N SER A 588 -21.89 6.99 6.17
CA SER A 588 -23.30 7.29 6.07
C SER A 588 -24.06 6.00 5.76
N SER A 589 -25.35 6.00 6.12
CA SER A 589 -26.19 4.82 5.91
C SER A 589 -27.60 5.28 5.61
N THR A 590 -28.17 4.78 4.52
CA THR A 590 -29.56 5.10 4.18
C THR A 590 -30.50 4.46 5.20
N SER A 591 -30.27 3.19 5.52
CA SER A 591 -31.11 2.50 6.50
C SER A 591 -30.84 3.05 7.90
N ARG A 592 -31.92 3.29 8.64
CA ARG A 592 -31.78 3.85 9.99
C ARG A 592 -31.27 2.81 10.97
N THR A 593 -31.73 1.57 10.85
CA THR A 593 -31.37 0.51 11.78
C THR A 593 -30.98 -0.74 11.01
N MET A 594 -30.19 -1.59 11.67
CA MET A 594 -29.81 -2.89 11.13
C MET A 594 -30.62 -3.98 11.84
N GLU A 595 -31.29 -4.81 11.05
CA GLU A 595 -32.18 -5.83 11.59
C GLU A 595 -31.61 -7.22 11.32
N SER A 596 -31.57 -8.05 12.35
CA SER A 596 -31.13 -9.43 12.21
C SER A 596 -31.59 -10.20 13.44
N GLU A 597 -32.29 -11.31 13.22
CA GLU A 597 -32.85 -12.10 14.30
C GLU A 597 -31.94 -13.24 14.74
N SER A 598 -30.78 -13.42 14.10
CA SER A 598 -29.86 -14.49 14.45
C SER A 598 -28.41 -14.06 14.53
N LEU A 599 -28.07 -12.82 14.18
CA LEU A 599 -26.68 -12.38 14.21
C LEU A 599 -26.16 -12.37 15.64
N ARG A 600 -24.97 -12.92 15.84
CA ARG A 600 -24.36 -12.99 17.17
C ARG A 600 -23.06 -12.21 17.28
N THR A 601 -22.27 -12.13 16.22
CA THR A 601 -21.01 -11.41 16.22
C THR A 601 -21.02 -10.37 15.11
N LEU A 602 -20.55 -9.16 15.41
CA LEU A 602 -20.50 -8.09 14.45
C LEU A 602 -19.19 -7.32 14.63
N GLU A 603 -18.36 -7.31 13.59
CA GLU A 603 -17.11 -6.57 13.59
C GLU A 603 -17.29 -5.30 12.76
N PHE A 604 -17.14 -4.15 13.41
CA PHE A 604 -17.36 -2.86 12.78
C PHE A 604 -16.16 -1.95 12.99
N ARG A 605 -14.97 -2.53 12.99
CA ARG A 605 -13.76 -1.77 13.28
C ARG A 605 -13.27 -1.04 12.03
N GLY A 606 -12.48 0.01 12.25
CA GLY A 606 -11.90 0.75 11.14
C GLY A 606 -12.92 1.44 10.27
N ASN A 607 -14.00 1.95 10.86
CA ASN A 607 -15.04 2.68 10.14
C ASN A 607 -15.10 4.10 10.66
N HIS A 608 -16.11 4.84 10.21
CA HIS A 608 -16.32 6.23 10.63
C HIS A 608 -17.65 6.29 11.35
N LEU A 609 -17.64 5.98 12.65
CA LEU A 609 -18.85 6.06 13.47
C LEU A 609 -19.02 7.42 14.13
N ASP A 610 -17.99 8.27 14.10
CA ASP A 610 -18.13 9.62 14.65
C ASP A 610 -19.11 10.45 13.84
N VAL A 611 -19.04 10.35 12.50
CA VAL A 611 -19.97 11.09 11.67
C VAL A 611 -21.38 10.54 11.81
N LEU A 612 -21.51 9.21 11.94
CA LEU A 612 -22.82 8.62 12.15
C LEU A 612 -23.41 9.05 13.48
N TRP A 613 -22.57 9.16 14.52
CA TRP A 613 -23.00 9.61 15.85
C TRP A 613 -22.58 11.05 16.11
N ARG A 614 -22.63 11.89 15.08
CA ARG A 614 -22.26 13.30 15.23
C ARG A 614 -23.23 14.00 16.16
N ASP A 615 -22.73 15.03 16.83
CA ASP A 615 -23.56 15.80 17.75
C ASP A 615 -24.72 16.45 17.00
N GLY A 616 -25.92 16.33 17.57
CA GLY A 616 -27.13 16.83 16.94
C GLY A 616 -27.75 15.89 15.94
N ASP A 617 -27.15 14.73 15.70
CA ASP A 617 -27.67 13.73 14.75
C ASP A 617 -28.04 12.49 15.55
N ASN A 618 -29.33 12.35 15.86
CA ASN A 618 -29.85 11.21 16.60
C ASN A 618 -30.49 10.17 15.71
N ARG A 619 -30.29 10.25 14.40
CA ARG A 619 -30.91 9.29 13.49
C ARG A 619 -30.35 7.90 13.68
N TYR A 620 -29.02 7.77 13.80
CA TYR A 620 -28.36 6.48 13.88
C TYR A 620 -27.94 6.13 15.30
N LEU A 621 -28.67 6.62 16.30
CA LEU A 621 -28.33 6.29 17.68
C LEU A 621 -28.62 4.83 17.98
N GLN A 622 -29.81 4.36 17.60
CA GLN A 622 -30.19 2.96 17.81
C GLN A 622 -29.87 2.11 16.58
N LEU A 623 -28.63 2.19 16.10
CA LEU A 623 -28.25 1.46 14.89
C LEU A 623 -28.20 -0.04 15.14
N PHE A 624 -27.71 -0.46 16.31
CA PHE A 624 -27.56 -1.87 16.65
C PHE A 624 -28.65 -2.37 17.58
N LYS A 625 -29.71 -1.59 17.79
CA LYS A 625 -30.75 -1.99 18.74
C LYS A 625 -31.50 -3.22 18.28
N ASN A 626 -31.79 -3.32 16.98
CA ASN A 626 -32.62 -4.40 16.48
C ASN A 626 -31.89 -5.74 16.41
N LEU A 627 -30.57 -5.76 16.60
CA LEU A 627 -29.82 -7.02 16.62
C LEU A 627 -30.07 -7.69 17.97
N LEU A 628 -31.19 -8.43 18.04
CA LEU A 628 -31.64 -8.97 19.30
C LEU A 628 -30.67 -10.01 19.85
N LYS A 629 -30.16 -10.89 18.99
CA LYS A 629 -29.29 -11.98 19.44
C LYS A 629 -27.82 -11.61 19.44
N LEU A 630 -27.47 -10.36 19.16
CA LEU A 630 -26.07 -9.96 19.14
C LEU A 630 -25.46 -10.09 20.52
N GLU A 631 -24.25 -10.63 20.57
CA GLU A 631 -23.53 -10.81 21.83
C GLU A 631 -22.12 -10.25 21.83
N GLU A 632 -21.55 -9.95 20.67
CA GLU A 632 -20.18 -9.43 20.59
C GLU A 632 -20.15 -8.27 19.61
N LEU A 633 -19.58 -7.15 20.05
CA LEU A 633 -19.40 -5.97 19.22
C LEU A 633 -17.94 -5.58 19.20
N ASP A 634 -17.47 -5.13 18.04
CA ASP A 634 -16.07 -4.77 17.83
C ASP A 634 -15.96 -3.40 17.18
N ILE A 635 -16.62 -2.40 17.76
CA ILE A 635 -16.54 -1.05 17.25
C ILE A 635 -15.28 -0.39 17.76
N SER A 636 -14.18 -0.53 17.01
CA SER A 636 -12.89 0.01 17.40
C SER A 636 -12.27 0.74 16.22
N LYS A 637 -11.30 1.60 16.53
CA LYS A 637 -10.61 2.40 15.51
C LYS A 637 -11.59 3.22 14.68
N ASN A 638 -12.64 3.70 15.33
CA ASN A 638 -13.69 4.46 14.66
C ASN A 638 -13.53 5.96 14.84
N SER A 639 -12.39 6.41 15.37
CA SER A 639 -12.12 7.82 15.60
C SER A 639 -13.21 8.46 16.47
N LEU A 640 -13.68 7.71 17.46
CA LEU A 640 -14.72 8.18 18.36
C LEU A 640 -14.08 9.03 19.45
N SER A 641 -14.14 10.36 19.28
CA SER A 641 -13.61 11.25 20.31
C SER A 641 -14.42 11.16 21.59
N PHE A 642 -15.74 11.04 21.46
CA PHE A 642 -16.62 10.95 22.61
C PHE A 642 -17.86 10.15 22.23
N LEU A 643 -18.52 9.58 23.23
CA LEU A 643 -19.74 8.82 23.01
C LEU A 643 -20.95 9.67 23.34
N PRO A 644 -21.81 9.97 22.38
CA PRO A 644 -23.01 10.76 22.69
C PRO A 644 -23.93 10.02 23.63
N SER A 645 -24.60 10.78 24.50
CA SER A 645 -25.50 10.19 25.48
C SER A 645 -26.72 9.62 24.78
N GLY A 646 -26.92 8.30 24.91
CA GLY A 646 -28.06 7.65 24.29
C GLY A 646 -27.68 6.43 23.49
N VAL A 647 -26.40 6.31 23.12
CA VAL A 647 -25.96 5.15 22.35
C VAL A 647 -26.06 3.89 23.19
N PHE A 648 -25.77 3.99 24.48
CA PHE A 648 -25.87 2.84 25.36
C PHE A 648 -27.31 2.37 25.51
N ASP A 649 -28.26 3.30 25.49
CA ASP A 649 -29.66 2.91 25.51
C ASP A 649 -30.07 2.19 24.23
N GLY A 650 -29.42 2.51 23.11
CA GLY A 650 -29.68 1.89 21.84
C GLY A 650 -28.88 0.64 21.56
N MET A 651 -28.13 0.14 22.52
CA MET A 651 -27.35 -1.07 22.34
C MET A 651 -28.24 -2.30 22.45
N PRO A 652 -27.85 -3.40 21.81
CA PRO A 652 -28.65 -4.64 21.89
C PRO A 652 -28.75 -5.13 23.32
N PRO A 653 -29.88 -5.74 23.69
CA PRO A 653 -30.06 -6.17 25.09
C PRO A 653 -29.12 -7.28 25.51
N ASN A 654 -28.73 -8.17 24.60
CA ASN A 654 -27.90 -9.32 24.93
C ASN A 654 -26.42 -9.08 24.63
N LEU A 655 -25.96 -7.84 24.66
CA LEU A 655 -24.57 -7.55 24.40
C LEU A 655 -23.70 -8.09 25.53
N LYS A 656 -22.62 -8.77 25.16
CA LYS A 656 -21.72 -9.39 26.13
C LYS A 656 -20.25 -9.07 25.91
N ASN A 657 -19.84 -8.69 24.70
CA ASN A 657 -18.44 -8.43 24.39
C ASN A 657 -18.37 -7.09 23.64
N LEU A 658 -18.04 -6.03 24.35
CA LEU A 658 -17.94 -4.70 23.77
C LEU A 658 -16.48 -4.26 23.76
N SER A 659 -16.01 -3.82 22.59
CA SER A 659 -14.63 -3.38 22.42
C SER A 659 -14.63 -1.96 21.85
N LEU A 660 -13.81 -1.10 22.43
CA LEU A 660 -13.65 0.28 21.98
C LEU A 660 -12.18 0.67 21.94
N ALA A 661 -11.34 -0.25 21.48
CA ALA A 661 -9.91 -0.03 21.50
C ALA A 661 -9.48 0.92 20.39
N LYS A 662 -8.40 1.67 20.65
CA LYS A 662 -7.78 2.56 19.68
C LYS A 662 -8.81 3.54 19.09
N ASN A 663 -9.68 4.06 19.96
CA ASN A 663 -10.73 4.98 19.53
C ASN A 663 -10.44 6.43 19.88
N GLY A 664 -9.59 6.68 20.87
CA GLY A 664 -9.32 8.05 21.28
C GLY A 664 -10.42 8.67 22.10
N LEU A 665 -11.03 7.91 23.01
CA LEU A 665 -12.11 8.42 23.85
C LEU A 665 -11.55 9.46 24.81
N LYS A 666 -11.84 10.73 24.53
CA LYS A 666 -11.37 11.80 25.41
C LYS A 666 -12.02 11.72 26.78
N SER A 667 -13.33 11.45 26.82
CA SER A 667 -14.06 11.35 28.09
C SER A 667 -15.18 10.35 27.89
N PHE A 668 -15.08 9.20 28.55
CA PHE A 668 -16.05 8.12 28.44
C PHE A 668 -16.90 8.08 29.69
N ILE A 669 -18.22 8.25 29.54
CA ILE A 669 -19.10 8.20 30.69
C ILE A 669 -19.19 6.77 31.23
N TRP A 670 -19.52 6.67 32.52
CA TRP A 670 -19.60 5.39 33.18
C TRP A 670 -20.95 5.07 33.79
N GLU A 671 -21.75 6.07 34.13
CA GLU A 671 -23.07 5.81 34.70
C GLU A 671 -24.02 5.17 33.70
N LYS A 672 -23.77 5.34 32.40
CA LYS A 672 -24.65 4.78 31.39
C LYS A 672 -24.43 3.28 31.19
N LEU A 673 -23.40 2.69 31.78
CA LEU A 673 -23.17 1.26 31.67
C LEU A 673 -24.25 0.44 32.37
N ARG A 674 -25.06 1.07 33.22
CA ARG A 674 -26.15 0.36 33.89
C ARG A 674 -27.19 -0.16 32.91
N TYR A 675 -27.31 0.46 31.73
CA TYR A 675 -28.26 -0.01 30.74
C TYR A 675 -27.90 -1.41 30.23
N LEU A 676 -26.60 -1.65 30.01
CA LEU A 676 -26.14 -2.96 29.54
C LEU A 676 -26.15 -3.92 30.73
N LYS A 677 -27.16 -4.78 30.78
CA LYS A 677 -27.33 -5.72 31.88
C LYS A 677 -26.63 -7.06 31.63
N ASN A 678 -25.89 -7.19 30.53
CA ASN A 678 -25.19 -8.43 30.23
C ASN A 678 -23.74 -8.19 29.81
N LEU A 679 -23.20 -7.00 30.04
CA LEU A 679 -21.83 -6.71 29.65
C LEU A 679 -20.86 -7.45 30.56
N GLU A 680 -19.85 -8.09 29.96
CA GLU A 680 -18.86 -8.84 30.72
C GLU A 680 -17.43 -8.62 30.28
N THR A 681 -17.17 -8.11 29.08
CA THR A 681 -15.81 -8.00 28.53
C THR A 681 -15.58 -6.62 27.94
N LEU A 682 -15.90 -5.59 28.70
CA LEU A 682 -15.66 -4.22 28.24
C LEU A 682 -14.17 -3.99 28.02
N ASP A 683 -13.84 -3.42 26.85
CA ASP A 683 -12.44 -3.18 26.48
C ASP A 683 -12.30 -1.73 26.06
N LEU A 684 -11.38 -1.01 26.71
CA LEU A 684 -11.10 0.38 26.40
C LEU A 684 -9.60 0.62 26.25
N SER A 685 -8.88 -0.35 25.71
CA SER A 685 -7.44 -0.24 25.61
C SER A 685 -7.04 0.76 24.52
N HIS A 686 -5.82 1.28 24.65
CA HIS A 686 -5.24 2.21 23.68
C HIS A 686 -6.14 3.42 23.45
N ASN A 687 -6.76 3.90 24.52
CA ASN A 687 -7.63 5.06 24.46
C ASN A 687 -6.98 6.23 25.20
N GLN A 688 -7.69 7.35 25.24
CA GLN A 688 -7.21 8.56 25.89
C GLN A 688 -8.11 8.95 27.06
N LEU A 689 -8.64 7.95 27.76
CA LEU A 689 -9.42 8.22 28.96
C LEU A 689 -8.54 8.83 30.04
N THR A 690 -9.17 9.49 31.01
CA THR A 690 -8.42 10.14 32.07
C THR A 690 -9.00 9.93 33.47
N THR A 691 -10.20 9.36 33.62
CA THR A 691 -10.82 9.20 34.93
C THR A 691 -11.53 7.86 35.00
N VAL A 692 -11.30 7.14 36.10
CA VAL A 692 -11.98 5.88 36.36
C VAL A 692 -13.33 6.18 37.00
N PRO A 693 -14.30 5.27 36.96
CA PRO A 693 -15.59 5.56 37.59
C PRO A 693 -15.47 5.66 39.11
N GLU A 694 -16.40 6.42 39.69
CA GLU A 694 -16.40 6.60 41.14
C GLU A 694 -16.62 5.28 41.87
N ARG A 695 -17.57 4.47 41.39
CA ARG A 695 -17.86 3.17 41.97
C ARG A 695 -18.20 2.20 40.84
N LEU A 696 -17.36 1.19 40.64
CA LEU A 696 -17.60 0.23 39.58
C LEU A 696 -18.83 -0.62 39.85
N SER A 697 -19.15 -0.85 41.13
CA SER A 697 -20.34 -1.61 41.47
C SER A 697 -21.60 -0.88 41.03
N ASN A 698 -21.62 0.44 41.14
CA ASN A 698 -22.77 1.22 40.73
C ASN A 698 -22.89 1.32 39.21
N CYS A 699 -21.80 1.12 38.47
CA CYS A 699 -21.84 1.25 37.03
C CYS A 699 -22.39 -0.02 36.37
N SER A 700 -21.71 -1.14 36.56
CA SER A 700 -22.11 -2.41 35.97
C SER A 700 -22.18 -3.48 37.05
N ARG A 701 -23.22 -4.29 37.01
CA ARG A 701 -23.40 -5.38 37.97
C ARG A 701 -22.90 -6.72 37.44
N SER A 702 -22.32 -6.75 36.23
CA SER A 702 -21.84 -7.99 35.66
C SER A 702 -20.50 -7.87 34.95
N LEU A 703 -19.85 -6.71 34.98
CA LEU A 703 -18.56 -6.55 34.33
C LEU A 703 -17.50 -7.36 35.06
N LYS A 704 -16.70 -8.12 34.31
CA LYS A 704 -15.67 -8.96 34.91
C LYS A 704 -14.37 -8.97 34.14
N ASN A 705 -14.25 -8.26 33.02
CA ASN A 705 -13.05 -8.28 32.19
C ASN A 705 -12.67 -6.87 31.77
N LEU A 706 -12.61 -5.96 32.73
CA LEU A 706 -12.23 -4.59 32.43
C LEU A 706 -10.80 -4.53 31.92
N ILE A 707 -10.59 -3.81 30.82
CA ILE A 707 -9.28 -3.65 30.20
C ILE A 707 -9.07 -2.16 29.93
N LEU A 708 -7.93 -1.64 30.40
CA LEU A 708 -7.58 -0.24 30.20
C LEU A 708 -6.11 -0.13 29.82
N LYS A 709 -5.67 -1.00 28.91
CA LYS A 709 -4.27 -1.01 28.50
C LYS A 709 -3.92 0.23 27.70
N ASN A 710 -2.69 0.71 27.88
CA ASN A 710 -2.15 1.84 27.13
C ASN A 710 -3.05 3.07 27.22
N ASN A 711 -3.59 3.30 28.41
CA ASN A 711 -4.42 4.47 28.67
C ASN A 711 -3.61 5.53 29.40
N GLN A 712 -4.25 6.66 29.68
CA GLN A 712 -3.61 7.78 30.37
C GLN A 712 -4.42 8.10 31.62
N ILE A 713 -4.15 7.34 32.68
CA ILE A 713 -4.84 7.51 33.96
C ILE A 713 -3.78 7.81 35.02
N ARG A 714 -3.92 8.95 35.70
CA ARG A 714 -2.94 9.36 36.69
C ARG A 714 -3.30 8.89 38.10
N SER A 715 -4.59 8.75 38.41
CA SER A 715 -5.01 8.32 39.73
C SER A 715 -6.33 7.59 39.62
N LEU A 716 -6.63 6.79 40.64
CA LEU A 716 -7.88 6.05 40.74
C LEU A 716 -8.74 6.63 41.86
N THR A 717 -10.04 6.38 41.77
CA THR A 717 -10.96 6.83 42.79
C THR A 717 -10.72 6.06 44.09
N LYS A 718 -11.08 6.70 45.21
CA LYS A 718 -10.88 6.08 46.52
C LYS A 718 -11.82 4.92 46.78
N TYR A 719 -12.82 4.71 45.93
CA TYR A 719 -13.73 3.57 46.03
C TYR A 719 -13.91 2.91 44.68
N PHE A 720 -12.79 2.70 43.97
CA PHE A 720 -12.87 2.16 42.61
C PHE A 720 -13.40 0.74 42.60
N LEU A 721 -12.94 -0.11 43.52
CA LEU A 721 -13.34 -1.51 43.52
C LEU A 721 -14.11 -1.85 44.80
N GLN A 722 -15.03 -0.99 45.20
CA GLN A 722 -15.81 -1.20 46.41
C GLN A 722 -17.01 -2.07 46.09
N ASP A 723 -17.10 -3.23 46.77
CA ASP A 723 -18.21 -4.16 46.65
C ASP A 723 -18.38 -4.70 45.23
N ALA A 724 -17.31 -4.73 44.43
CA ALA A 724 -17.36 -5.25 43.07
C ALA A 724 -16.81 -6.68 43.08
N PHE A 725 -17.64 -7.59 43.60
CA PHE A 725 -17.24 -8.99 43.72
C PHE A 725 -17.37 -9.78 42.43
N GLN A 726 -18.08 -9.25 41.44
CA GLN A 726 -18.31 -9.96 40.19
C GLN A 726 -17.15 -9.81 39.20
N LEU A 727 -16.15 -8.99 39.52
CA LEU A 727 -15.03 -8.76 38.61
C LEU A 727 -14.00 -9.87 38.79
N ARG A 728 -13.44 -10.33 37.66
CA ARG A 728 -12.41 -11.35 37.67
C ARG A 728 -11.14 -10.96 36.92
N TYR A 729 -11.22 -10.04 35.96
CA TYR A 729 -10.07 -9.61 35.18
C TYR A 729 -10.00 -8.09 35.20
N LEU A 730 -8.79 -7.56 35.33
CA LEU A 730 -8.58 -6.12 35.40
C LEU A 730 -7.20 -5.80 34.85
N ASP A 731 -7.11 -4.70 34.10
CA ASP A 731 -5.86 -4.30 33.46
C ASP A 731 -5.71 -2.79 33.53
N LEU A 732 -4.58 -2.32 34.07
CA LEU A 732 -4.25 -0.91 34.11
C LEU A 732 -2.81 -0.67 33.64
N SER A 733 -2.28 -1.58 32.82
CA SER A 733 -0.90 -1.47 32.39
C SER A 733 -0.72 -0.31 31.41
N SER A 734 0.53 0.15 31.31
CA SER A 734 0.91 1.22 30.40
C SER A 734 0.09 2.49 30.63
N ASN A 735 -0.02 2.89 31.89
CA ASN A 735 -0.74 4.10 32.30
C ASN A 735 0.23 5.05 32.98
N LYS A 736 -0.30 6.18 33.43
CA LYS A 736 0.47 7.19 34.16
C LYS A 736 0.08 7.23 35.65
N ILE A 737 -0.33 6.09 36.19
CA ILE A 737 -0.76 6.03 37.58
C ILE A 737 0.43 6.29 38.51
N GLN A 738 0.16 6.93 39.64
CA GLN A 738 1.18 7.29 40.60
C GLN A 738 1.19 6.40 41.84
N MET A 739 0.03 6.20 42.46
CA MET A 739 -0.05 5.40 43.68
C MET A 739 -1.43 4.78 43.78
N ILE A 740 -1.52 3.73 44.60
CA ILE A 740 -2.78 3.03 44.86
C ILE A 740 -2.99 3.00 46.37
N GLN A 741 -4.16 3.45 46.81
CA GLN A 741 -4.50 3.46 48.22
C GLN A 741 -5.17 2.16 48.63
N LYS A 742 -5.16 1.90 49.94
CA LYS A 742 -5.75 0.67 50.46
C LYS A 742 -7.26 0.65 50.27
N THR A 743 -7.93 1.79 50.50
CA THR A 743 -9.38 1.84 50.43
C THR A 743 -9.92 1.63 49.02
N SER A 744 -9.08 1.74 47.99
CA SER A 744 -9.52 1.52 46.62
C SER A 744 -9.31 0.10 46.13
N PHE A 745 -8.47 -0.68 46.81
CA PHE A 745 -8.17 -2.06 46.41
C PHE A 745 -8.35 -2.97 47.61
N PRO A 746 -9.59 -3.30 47.95
CA PRO A 746 -9.82 -4.21 49.08
C PRO A 746 -9.33 -5.61 48.76
N GLU A 747 -8.85 -6.30 49.81
CA GLU A 747 -8.32 -7.64 49.62
C GLU A 747 -9.41 -8.65 49.31
N ASN A 748 -10.63 -8.40 49.78
CA ASN A 748 -11.73 -9.33 49.51
C ASN A 748 -12.00 -9.42 48.01
N VAL A 749 -12.02 -8.29 47.31
CA VAL A 749 -12.18 -8.30 45.86
C VAL A 749 -10.94 -8.87 45.18
N LEU A 750 -9.75 -8.50 45.68
CA LEU A 750 -8.51 -8.93 45.05
C LEU A 750 -8.28 -10.43 45.17
N ASN A 751 -8.92 -11.09 46.13
CA ASN A 751 -8.69 -12.53 46.32
C ASN A 751 -9.21 -13.33 45.14
N ASN A 752 -10.33 -12.94 44.56
CA ASN A 752 -10.95 -13.68 43.48
C ASN A 752 -10.50 -13.26 42.10
N LEU A 753 -9.55 -12.32 42.00
CA LEU A 753 -9.09 -11.84 40.70
C LEU A 753 -8.17 -12.88 40.08
N LYS A 754 -8.48 -13.29 38.86
CA LYS A 754 -7.65 -14.28 38.18
C LYS A 754 -6.35 -13.67 37.67
N MET A 755 -6.40 -12.44 37.16
CA MET A 755 -5.23 -11.78 36.60
C MET A 755 -5.34 -10.28 36.83
N LEU A 756 -4.19 -9.65 37.04
CA LEU A 756 -4.13 -8.22 37.25
C LEU A 756 -2.77 -7.71 36.76
N LEU A 757 -2.80 -6.67 35.93
CA LEU A 757 -1.59 -6.16 35.29
C LEU A 757 -1.38 -4.71 35.70
N LEU A 758 -0.19 -4.41 36.23
CA LEU A 758 0.19 -3.06 36.61
C LEU A 758 1.64 -2.80 36.22
N HIS A 759 2.02 -3.19 35.01
CA HIS A 759 3.39 -3.06 34.55
C HIS A 759 3.51 -1.94 33.53
N HIS A 760 4.77 -1.51 33.31
CA HIS A 760 5.10 -0.47 32.34
C HIS A 760 4.35 0.83 32.60
N ASN A 761 4.29 1.23 33.87
CA ASN A 761 3.62 2.47 34.23
C ASN A 761 4.56 3.38 35.03
N ARG A 762 4.02 4.44 35.62
CA ARG A 762 4.85 5.45 36.27
C ARG A 762 4.63 5.48 37.77
N PHE A 763 4.64 4.31 38.40
CA PHE A 763 4.53 4.24 39.86
C PHE A 763 5.70 4.94 40.52
N LEU A 764 5.42 5.64 41.62
CA LEU A 764 6.45 6.27 42.44
C LEU A 764 6.64 5.45 43.70
N CYS A 765 7.89 5.06 43.96
CA CYS A 765 8.22 4.22 45.11
C CYS A 765 8.76 5.07 46.25
N THR A 766 7.84 5.80 46.87
CA THR A 766 8.14 6.64 48.02
C THR A 766 7.52 6.04 49.28
N CYS A 767 7.60 6.77 50.38
CA CYS A 767 7.10 6.29 51.66
C CYS A 767 5.60 6.46 51.83
N ASP A 768 4.89 6.90 50.80
CA ASP A 768 3.45 7.09 50.87
C ASP A 768 2.65 5.87 50.45
N ALA A 769 3.31 4.83 49.95
CA ALA A 769 2.65 3.63 49.45
C ALA A 769 3.20 2.39 50.15
N VAL A 770 3.33 2.46 51.47
CA VAL A 770 3.86 1.32 52.22
C VAL A 770 2.88 0.16 52.18
N TRP A 771 1.57 0.44 52.18
CA TRP A 771 0.60 -0.63 52.08
C TRP A 771 0.68 -1.32 50.72
N PHE A 772 0.82 -0.54 49.65
CA PHE A 772 0.97 -1.13 48.32
C PHE A 772 2.25 -1.95 48.23
N VAL A 773 3.35 -1.44 48.78
CA VAL A 773 4.62 -2.17 48.74
C VAL A 773 4.50 -3.48 49.50
N TRP A 774 3.83 -3.46 50.66
CA TRP A 774 3.66 -4.68 51.43
C TRP A 774 2.76 -5.68 50.70
N TRP A 775 1.68 -5.20 50.10
CA TRP A 775 0.71 -6.11 49.49
C TRP A 775 1.23 -6.71 48.19
N VAL A 776 1.98 -5.94 47.39
CA VAL A 776 2.45 -6.45 46.10
C VAL A 776 3.41 -7.62 46.28
N GLN A 777 4.12 -7.69 47.40
CA GLN A 777 5.07 -8.77 47.66
C GLN A 777 4.54 -9.76 48.70
N HIS A 778 3.23 -9.73 48.98
CA HIS A 778 2.67 -10.66 49.96
C HIS A 778 1.32 -11.23 49.52
N THR A 779 0.95 -11.09 48.25
CA THR A 779 -0.33 -11.59 47.75
C THR A 779 -0.09 -12.66 46.69
N GLU A 780 -1.14 -13.43 46.40
CA GLU A 780 -1.10 -14.50 45.42
C GLU A 780 -1.73 -14.12 44.09
N VAL A 781 -2.01 -12.84 43.87
CA VAL A 781 -2.62 -12.41 42.62
C VAL A 781 -1.62 -12.53 41.49
N THR A 782 -2.03 -13.16 40.39
CA THR A 782 -1.14 -13.38 39.25
C THR A 782 -0.88 -12.04 38.57
N ILE A 783 0.31 -11.49 38.80
CA ILE A 783 0.73 -10.24 38.21
C ILE A 783 1.94 -10.50 37.32
N PRO A 784 1.74 -10.57 36.01
CA PRO A 784 2.86 -10.83 35.10
C PRO A 784 3.82 -9.65 35.05
N TYR A 785 5.08 -9.96 34.73
CA TYR A 785 6.14 -8.96 34.61
C TYR A 785 6.28 -8.15 35.90
N LEU A 786 6.19 -8.83 37.04
CA LEU A 786 6.23 -8.13 38.33
C LEU A 786 7.64 -7.67 38.67
N ALA A 787 8.67 -8.34 38.16
CA ALA A 787 10.06 -7.99 38.47
C ALA A 787 10.86 -7.60 37.24
N THR A 788 10.21 -7.36 36.12
CA THR A 788 10.94 -7.01 34.91
C THR A 788 10.45 -5.73 34.24
N ASP A 789 9.15 -5.48 34.25
CA ASP A 789 8.57 -4.33 33.56
C ASP A 789 8.22 -3.18 34.51
N VAL A 790 7.54 -3.48 35.60
CA VAL A 790 7.12 -2.44 36.54
C VAL A 790 8.32 -2.00 37.36
N THR A 791 8.68 -0.73 37.26
CA THR A 791 9.81 -0.14 37.99
C THR A 791 9.30 1.03 38.82
N CYS A 792 10.25 1.76 39.40
CA CYS A 792 9.95 2.93 40.22
C CYS A 792 10.54 4.17 39.56
N VAL A 793 9.71 5.20 39.40
CA VAL A 793 10.19 6.44 38.79
C VAL A 793 11.20 7.12 39.69
N GLY A 794 10.92 7.17 40.99
CA GLY A 794 11.82 7.78 41.95
C GLY A 794 11.56 7.30 43.36
N PRO A 795 11.98 8.10 44.35
CA PRO A 795 12.66 9.39 44.23
C PRO A 795 14.19 9.27 44.28
N GLY A 796 14.89 9.86 43.33
CA GLY A 796 16.34 9.86 43.34
C GLY A 796 16.96 8.54 42.95
N ALA A 797 17.58 7.86 43.92
CA ALA A 797 18.28 6.61 43.64
C ALA A 797 17.35 5.44 43.37
N HIS A 798 16.04 5.61 43.59
CA HIS A 798 15.08 4.53 43.38
C HIS A 798 14.66 4.38 41.92
N LYS A 799 15.38 4.97 40.99
CA LYS A 799 15.05 4.83 39.58
C LYS A 799 15.33 3.42 39.10
N GLY A 800 14.34 2.81 38.45
CA GLY A 800 14.49 1.47 37.94
C GLY A 800 14.44 0.37 38.98
N GLN A 801 14.13 0.70 40.23
CA GLN A 801 14.07 -0.31 41.28
C GLN A 801 12.84 -1.18 41.12
N SER A 802 12.98 -2.45 41.48
CA SER A 802 11.88 -3.40 41.43
C SER A 802 10.98 -3.20 42.65
N VAL A 803 9.67 -3.11 42.41
CA VAL A 803 8.73 -2.90 43.50
C VAL A 803 8.68 -4.12 44.41
N ILE A 804 8.69 -5.33 43.82
CA ILE A 804 8.67 -6.54 44.63
C ILE A 804 9.97 -6.74 45.39
N SER A 805 11.06 -6.12 44.92
CA SER A 805 12.36 -6.19 45.59
C SER A 805 12.65 -4.95 46.41
N LEU A 806 11.61 -4.36 47.01
CA LEU A 806 11.74 -3.16 47.81
C LEU A 806 11.48 -3.49 49.28
N ASP A 807 12.28 -2.88 50.15
CA ASP A 807 12.12 -3.06 51.60
C ASP A 807 12.53 -1.75 52.26
N LEU A 808 11.55 -0.90 52.54
CA LEU A 808 11.79 0.41 53.14
C LEU A 808 11.77 0.26 54.65
N TYR A 809 12.95 -0.01 55.22
CA TYR A 809 13.05 -0.16 56.67
C TYR A 809 12.86 1.16 57.39
N THR A 810 13.28 2.27 56.78
CA THR A 810 13.15 3.59 57.40
C THR A 810 11.71 4.10 57.38
N CYS A 811 10.82 3.45 56.63
CA CYS A 811 9.43 3.89 56.56
C CYS A 811 8.65 3.46 57.80
N ALA B 5 1.26 50.81 -14.31
CA ALA B 5 2.20 51.85 -13.92
C ALA B 5 2.38 51.89 -12.41
N ARG B 6 2.89 53.02 -11.92
CA ARG B 6 3.07 53.31 -10.50
C ARG B 6 4.21 52.48 -9.90
N TRP B 7 4.66 51.46 -10.64
CA TRP B 7 5.80 50.61 -10.28
C TRP B 7 5.87 50.26 -8.80
N PHE B 8 6.32 51.20 -7.98
CA PHE B 8 6.65 50.92 -6.59
C PHE B 8 5.40 50.92 -5.72
N PRO B 9 5.04 49.81 -5.07
CA PRO B 9 3.94 49.82 -4.12
C PRO B 9 4.44 50.13 -2.71
N LYS B 10 3.54 50.13 -1.72
CA LYS B 10 3.93 50.47 -0.35
C LYS B 10 3.80 49.29 0.60
N THR B 11 2.60 48.74 0.78
CA THR B 11 2.40 47.67 1.75
C THR B 11 1.43 46.60 1.25
N LEU B 12 1.28 46.44 -0.06
CA LEU B 12 0.33 45.49 -0.59
C LEU B 12 0.84 44.06 -0.40
N PRO B 13 0.07 43.18 0.25
CA PRO B 13 0.49 41.78 0.39
C PRO B 13 0.24 40.91 -0.83
N CYS B 14 -0.03 41.51 -1.99
CA CYS B 14 -0.32 40.78 -3.21
C CYS B 14 0.78 41.04 -4.24
N ASP B 15 1.08 40.00 -5.03
CA ASP B 15 2.08 40.12 -6.07
C ASP B 15 1.60 41.05 -7.17
N VAL B 16 2.54 41.82 -7.73
CA VAL B 16 2.24 42.78 -8.80
C VAL B 16 3.08 42.42 -10.01
N THR B 17 2.42 42.28 -11.16
CA THR B 17 3.07 41.97 -12.42
C THR B 17 2.73 43.06 -13.43
N LEU B 18 3.75 43.55 -14.12
CA LEU B 18 3.59 44.64 -15.08
C LEU B 18 3.91 44.15 -16.48
N ASP B 19 3.04 44.48 -17.43
CA ASP B 19 3.25 44.17 -18.85
C ASP B 19 3.08 45.47 -19.63
N VAL B 20 4.20 46.15 -19.90
CA VAL B 20 4.14 47.43 -20.58
C VAL B 20 3.62 47.26 -22.00
N SER B 21 3.97 46.15 -22.65
CA SER B 21 3.48 45.91 -24.01
C SER B 21 1.97 45.74 -24.04
N LYS B 22 1.42 45.00 -23.07
CA LYS B 22 -0.02 44.78 -23.00
C LYS B 22 -0.75 45.80 -22.16
N ASN B 23 -0.02 46.71 -21.49
CA ASN B 23 -0.62 47.73 -20.63
C ASN B 23 -1.52 47.10 -19.57
N HIS B 24 -1.08 45.98 -19.00
CA HIS B 24 -1.85 45.23 -18.02
C HIS B 24 -1.06 45.12 -16.73
N VAL B 25 -1.73 45.43 -15.62
CA VAL B 25 -1.17 45.30 -14.27
C VAL B 25 -1.98 44.26 -13.54
N ILE B 26 -1.31 43.24 -13.02
CA ILE B 26 -1.95 42.09 -12.39
C ILE B 26 -1.67 42.12 -10.89
N VAL B 27 -2.73 42.06 -10.10
CA VAL B 27 -2.63 41.98 -8.63
C VAL B 27 -3.25 40.66 -8.20
N ASP B 28 -2.45 39.82 -7.56
CA ASP B 28 -2.87 38.48 -7.18
C ASP B 28 -2.86 38.35 -5.66
N CYS B 29 -4.04 38.32 -5.07
CA CYS B 29 -4.21 38.15 -3.62
C CYS B 29 -4.77 36.77 -3.29
N THR B 30 -4.31 35.74 -4.01
CA THR B 30 -4.82 34.40 -3.80
C THR B 30 -4.32 33.83 -2.48
N ASP B 31 -5.26 33.31 -1.68
CA ASP B 31 -4.96 32.65 -0.41
C ASP B 31 -4.17 33.57 0.52
N LYS B 32 -4.80 34.69 0.88
CA LYS B 32 -4.21 35.65 1.79
C LYS B 32 -5.01 35.87 3.06
N HIS B 33 -6.22 35.29 3.17
CA HIS B 33 -7.06 35.42 4.36
C HIS B 33 -7.33 36.88 4.69
N LEU B 34 -7.62 37.67 3.66
CA LEU B 34 -7.92 39.08 3.82
C LEU B 34 -9.38 39.24 4.21
N THR B 35 -9.61 39.77 5.42
CA THR B 35 -10.98 40.03 5.84
C THR B 35 -11.61 41.14 5.01
N GLU B 36 -10.84 42.17 4.70
CA GLU B 36 -11.32 43.28 3.89
C GLU B 36 -10.29 43.60 2.80
N ILE B 37 -10.74 44.32 1.79
CA ILE B 37 -9.85 44.71 0.69
C ILE B 37 -8.77 45.64 1.24
N PRO B 38 -7.49 45.35 1.02
CA PRO B 38 -6.43 46.21 1.57
C PRO B 38 -6.41 47.57 0.89
N GLY B 39 -5.91 48.56 1.63
CA GLY B 39 -5.76 49.89 1.10
C GLY B 39 -4.52 50.04 0.25
N GLY B 40 -4.41 51.21 -0.39
CA GLY B 40 -3.26 51.49 -1.22
C GLY B 40 -3.22 50.73 -2.52
N ILE B 41 -4.36 50.20 -2.97
CA ILE B 41 -4.39 49.50 -4.26
C ILE B 41 -4.18 50.51 -5.38
N PRO B 42 -3.27 50.23 -6.32
CA PRO B 42 -2.99 51.22 -7.39
C PRO B 42 -4.21 51.44 -8.27
N THR B 43 -4.34 52.66 -8.76
CA THR B 43 -5.42 53.01 -9.69
C THR B 43 -5.10 52.59 -11.12
N ASN B 44 -3.87 52.18 -11.41
CA ASN B 44 -3.46 51.78 -12.74
C ASN B 44 -3.63 50.29 -12.99
N THR B 45 -4.06 49.52 -11.98
CA THR B 45 -4.19 48.08 -12.14
C THR B 45 -5.34 47.75 -13.09
N THR B 46 -5.25 46.58 -13.71
CA THR B 46 -6.25 46.11 -14.65
C THR B 46 -6.91 44.81 -14.24
N ASN B 47 -6.15 43.87 -13.68
CA ASN B 47 -6.68 42.59 -13.22
C ASN B 47 -6.58 42.53 -11.70
N LEU B 48 -7.71 42.28 -11.05
CA LEU B 48 -7.78 42.16 -9.60
C LEU B 48 -8.18 40.74 -9.24
N THR B 49 -7.36 40.09 -8.42
CA THR B 49 -7.61 38.73 -7.96
C THR B 49 -7.99 38.77 -6.48
N LEU B 50 -9.20 38.32 -6.17
CA LEU B 50 -9.74 38.33 -4.81
C LEU B 50 -10.39 36.98 -4.50
N THR B 51 -9.61 35.92 -4.66
CA THR B 51 -10.11 34.55 -4.46
C THR B 51 -10.29 34.27 -2.97
N ILE B 52 -10.33 32.98 -2.62
CA ILE B 52 -10.78 32.50 -1.32
C ILE B 52 -10.22 33.36 -0.19
N ASN B 53 -11.11 33.97 0.58
CA ASN B 53 -10.77 34.92 1.63
C ASN B 53 -11.93 34.96 2.63
N HIS B 54 -11.97 36.00 3.44
CA HIS B 54 -13.02 36.19 4.44
C HIS B 54 -13.70 37.54 4.26
N ILE B 55 -13.97 37.92 3.01
CA ILE B 55 -14.63 39.18 2.71
C ILE B 55 -16.12 39.05 3.04
N PRO B 56 -16.66 39.89 3.93
CA PRO B 56 -18.08 39.73 4.29
C PRO B 56 -19.03 40.20 3.20
N ASP B 57 -18.74 41.33 2.55
CA ASP B 57 -19.65 41.89 1.55
C ASP B 57 -18.84 42.79 0.62
N ILE B 58 -19.53 43.35 -0.37
CA ILE B 58 -18.92 44.23 -1.36
C ILE B 58 -19.60 45.59 -1.27
N SER B 59 -18.80 46.64 -1.12
CA SER B 59 -19.29 48.01 -1.02
C SER B 59 -18.99 48.79 -2.29
N PRO B 60 -19.83 49.76 -2.66
CA PRO B 60 -19.52 50.58 -3.83
C PRO B 60 -18.22 51.36 -3.70
N ALA B 61 -17.80 51.66 -2.47
CA ALA B 61 -16.55 52.39 -2.26
C ALA B 61 -15.32 51.50 -2.43
N SER B 62 -15.50 50.18 -2.57
CA SER B 62 -14.36 49.30 -2.75
C SER B 62 -13.62 49.59 -4.04
N PHE B 63 -14.35 49.86 -5.12
CA PHE B 63 -13.77 50.20 -6.42
C PHE B 63 -14.10 51.64 -6.80
N HIS B 64 -14.10 52.54 -5.82
CA HIS B 64 -14.44 53.93 -6.07
C HIS B 64 -13.36 54.63 -6.89
N ARG B 65 -12.09 54.47 -6.48
CA ARG B 65 -10.99 55.13 -7.17
C ARG B 65 -10.34 54.27 -8.24
N LEU B 66 -10.85 53.05 -8.48
CA LEU B 66 -10.31 52.18 -9.50
C LEU B 66 -11.21 52.26 -10.74
N VAL B 67 -10.70 52.90 -11.80
CA VAL B 67 -11.46 53.05 -13.03
C VAL B 67 -10.82 52.30 -14.20
N HIS B 68 -9.56 51.88 -14.08
CA HIS B 68 -8.89 51.14 -15.14
C HIS B 68 -9.01 49.64 -14.99
N LEU B 69 -9.79 49.17 -14.02
CA LEU B 69 -9.95 47.74 -13.81
C LEU B 69 -10.73 47.12 -14.97
N VAL B 70 -10.20 46.04 -15.53
CA VAL B 70 -10.83 45.31 -16.61
C VAL B 70 -11.14 43.87 -16.24
N GLU B 71 -10.72 43.42 -15.06
CA GLU B 71 -10.91 42.03 -14.65
C GLU B 71 -10.99 41.97 -13.14
N ILE B 72 -12.11 41.49 -12.61
CA ILE B 72 -12.31 41.32 -11.18
C ILE B 72 -12.66 39.85 -10.92
N ASP B 73 -11.91 39.22 -10.02
CA ASP B 73 -12.10 37.82 -9.67
C ASP B 73 -12.54 37.74 -8.22
N PHE B 74 -13.65 37.04 -7.97
CA PHE B 74 -14.19 36.85 -6.64
C PHE B 74 -14.57 35.38 -6.42
N ARG B 75 -13.73 34.48 -6.93
CA ARG B 75 -14.07 33.06 -6.95
C ARG B 75 -13.94 32.45 -5.56
N CYS B 76 -14.99 31.76 -5.13
CA CYS B 76 -14.98 30.96 -3.90
C CYS B 76 -14.65 31.80 -2.68
N ASN B 77 -15.30 32.97 -2.55
CA ASN B 77 -15.09 33.79 -1.38
C ASN B 77 -15.85 33.29 -0.16
N CYS B 78 -16.83 32.40 -0.35
CA CYS B 78 -17.55 31.80 0.77
C CYS B 78 -18.06 30.44 0.32
N VAL B 79 -17.31 29.39 0.66
CA VAL B 79 -17.68 28.03 0.29
C VAL B 79 -18.51 27.41 1.41
N PRO B 80 -19.72 26.92 1.12
CA PRO B 80 -20.60 26.30 2.12
C PRO B 80 -19.97 25.07 2.77
N MET B 89 -19.05 26.23 7.68
CA MET B 89 -17.69 26.71 7.92
C MET B 89 -17.53 28.12 7.36
N CYS B 90 -18.61 28.64 6.78
CA CYS B 90 -18.61 29.96 6.18
C CYS B 90 -19.77 30.77 6.72
N PRO B 91 -19.61 32.08 6.87
CA PRO B 91 -20.72 32.92 7.37
C PRO B 91 -21.80 33.10 6.32
N ARG B 92 -22.75 34.00 6.59
CA ARG B 92 -23.86 34.25 5.68
C ARG B 92 -23.36 34.61 4.28
N ARG B 93 -24.27 34.50 3.31
CA ARG B 93 -23.91 34.70 1.92
C ARG B 93 -23.46 36.14 1.67
N LEU B 94 -22.68 36.31 0.61
CA LEU B 94 -22.16 37.62 0.26
C LEU B 94 -23.30 38.55 -0.16
N GLN B 95 -23.27 39.78 0.31
CA GLN B 95 -24.26 40.79 -0.03
C GLN B 95 -23.58 41.88 -0.85
N ILE B 96 -24.16 42.19 -2.00
CA ILE B 96 -23.63 43.21 -2.91
C ILE B 96 -24.55 44.42 -2.85
N LYS B 97 -24.00 45.56 -2.44
CA LYS B 97 -24.79 46.78 -2.37
C LYS B 97 -25.14 47.26 -3.77
N PRO B 98 -26.25 47.97 -3.92
CA PRO B 98 -26.62 48.48 -5.25
C PRO B 98 -25.59 49.46 -5.78
N ARG B 99 -25.44 49.46 -7.12
CA ARG B 99 -24.51 50.35 -7.81
C ARG B 99 -23.08 50.15 -7.33
N SER B 100 -22.70 48.89 -7.13
CA SER B 100 -21.35 48.55 -6.70
C SER B 100 -20.40 48.30 -7.88
N PHE B 101 -20.91 48.27 -9.10
CA PHE B 101 -20.09 48.03 -10.28
C PHE B 101 -20.31 49.04 -11.40
N SER B 102 -21.22 50.00 -11.22
CA SER B 102 -21.51 50.96 -12.27
C SER B 102 -20.34 51.91 -12.52
N GLY B 103 -19.45 52.08 -11.56
CA GLY B 103 -18.33 52.98 -11.72
C GLY B 103 -17.17 52.43 -12.53
N LEU B 104 -17.23 51.16 -12.91
CA LEU B 104 -16.15 50.52 -13.67
C LEU B 104 -16.56 50.48 -15.14
N THR B 105 -16.32 51.59 -15.83
CA THR B 105 -16.71 51.69 -17.24
C THR B 105 -15.80 50.85 -18.13
N TYR B 106 -14.59 50.54 -17.69
CA TYR B 106 -13.65 49.74 -18.45
C TYR B 106 -13.71 48.26 -18.10
N LEU B 107 -14.64 47.85 -17.24
CA LEU B 107 -14.74 46.45 -16.86
C LEU B 107 -15.18 45.60 -18.04
N LYS B 108 -14.56 44.43 -18.19
CA LYS B 108 -14.88 43.55 -19.30
C LYS B 108 -15.15 42.13 -18.82
N SER B 109 -14.51 41.72 -17.72
CA SER B 109 -14.66 40.38 -17.19
C SER B 109 -14.90 40.44 -15.69
N LEU B 110 -15.77 39.56 -15.21
CA LEU B 110 -16.12 39.54 -13.79
C LEU B 110 -16.45 38.11 -13.39
N TYR B 111 -15.82 37.63 -12.32
CA TYR B 111 -16.06 36.30 -11.78
C TYR B 111 -16.68 36.42 -10.40
N LEU B 112 -17.77 35.70 -10.18
CA LEU B 112 -18.47 35.71 -8.90
C LEU B 112 -18.87 34.29 -8.50
N ASP B 113 -17.95 33.34 -8.70
CA ASP B 113 -18.25 31.94 -8.42
C ASP B 113 -18.06 31.63 -6.94
N GLY B 114 -18.90 30.74 -6.43
CA GLY B 114 -18.81 30.32 -5.04
C GLY B 114 -19.09 31.41 -4.03
N ASN B 115 -20.12 32.22 -4.26
CA ASN B 115 -20.47 33.30 -3.35
C ASN B 115 -21.84 33.14 -2.71
N GLN B 116 -22.55 32.04 -3.00
CA GLN B 116 -23.86 31.76 -2.42
C GLN B 116 -24.86 32.86 -2.74
N LEU B 117 -24.73 33.45 -3.92
CA LEU B 117 -25.66 34.49 -4.34
C LEU B 117 -27.02 33.90 -4.67
N LEU B 118 -28.08 34.64 -4.34
CA LEU B 118 -29.44 34.18 -4.61
C LEU B 118 -29.97 34.66 -5.95
N GLU B 119 -29.66 35.91 -6.32
CA GLU B 119 -30.13 36.48 -7.57
C GLU B 119 -28.94 37.07 -8.32
N ILE B 120 -29.16 37.30 -9.61
CA ILE B 120 -28.10 37.89 -10.46
C ILE B 120 -27.85 39.33 -10.01
N PRO B 121 -26.61 39.72 -9.75
CA PRO B 121 -26.33 41.09 -9.33
C PRO B 121 -26.72 42.09 -10.42
N GLN B 122 -27.21 43.24 -9.98
CA GLN B 122 -27.65 44.30 -10.88
C GLN B 122 -26.65 45.45 -10.88
N GLY B 123 -26.87 46.39 -11.81
CA GLY B 123 -26.00 47.54 -11.93
C GLY B 123 -24.69 47.28 -12.62
N LEU B 124 -24.56 46.16 -13.34
CA LEU B 124 -23.32 45.87 -14.03
C LEU B 124 -23.09 46.85 -15.18
N PRO B 125 -21.84 47.20 -15.46
CA PRO B 125 -21.57 48.15 -16.54
C PRO B 125 -21.91 47.54 -17.89
N PRO B 126 -22.29 48.36 -18.87
CA PRO B 126 -22.61 47.82 -20.20
C PRO B 126 -21.40 47.28 -20.96
N SER B 127 -20.19 47.56 -20.51
CA SER B 127 -18.99 47.09 -21.19
C SER B 127 -18.59 45.68 -20.80
N LEU B 128 -19.37 45.02 -19.93
CA LEU B 128 -19.03 43.68 -19.49
C LEU B 128 -19.14 42.69 -20.65
N GLN B 129 -18.17 41.79 -20.74
CA GLN B 129 -18.15 40.75 -21.77
C GLN B 129 -18.23 39.34 -21.21
N LEU B 130 -17.69 39.10 -20.02
CA LEU B 130 -17.71 37.78 -19.40
C LEU B 130 -18.33 37.88 -18.02
N LEU B 131 -19.13 36.88 -17.65
CA LEU B 131 -19.78 36.84 -16.35
C LEU B 131 -19.86 35.39 -15.89
N SER B 132 -19.31 35.11 -14.71
CA SER B 132 -19.33 33.77 -14.14
C SER B 132 -20.13 33.80 -12.84
N LEU B 133 -21.11 32.92 -12.73
CA LEU B 133 -21.97 32.83 -11.55
C LEU B 133 -22.12 31.38 -11.11
N GLU B 134 -21.06 30.59 -11.27
CA GLU B 134 -21.12 29.19 -10.90
C GLU B 134 -21.11 29.02 -9.38
N ALA B 135 -21.53 27.85 -8.93
CA ALA B 135 -21.55 27.48 -7.52
C ALA B 135 -22.32 28.50 -6.68
N ASN B 136 -23.46 28.94 -7.20
CA ASN B 136 -24.33 29.89 -6.52
C ASN B 136 -25.70 29.27 -6.32
N ASN B 137 -26.61 30.05 -5.75
CA ASN B 137 -27.97 29.61 -5.46
C ASN B 137 -28.99 30.31 -6.33
N ILE B 138 -28.67 30.49 -7.61
CA ILE B 138 -29.55 31.15 -8.57
C ILE B 138 -30.19 30.05 -9.40
N PHE B 139 -31.45 29.72 -9.09
CA PHE B 139 -32.20 28.71 -9.82
C PHE B 139 -33.38 29.31 -10.59
N SER B 140 -33.49 30.63 -10.65
CA SER B 140 -34.56 31.30 -11.38
C SER B 140 -33.93 32.28 -12.36
N ILE B 141 -34.41 32.27 -13.60
CA ILE B 141 -33.89 33.12 -14.66
C ILE B 141 -35.05 33.87 -15.29
N ARG B 142 -34.97 35.20 -15.27
CA ARG B 142 -35.99 36.05 -15.87
C ARG B 142 -35.33 37.10 -16.74
N LYS B 143 -36.12 37.69 -17.64
CA LYS B 143 -35.58 38.61 -18.62
C LYS B 143 -35.25 39.96 -18.00
N GLU B 144 -35.86 40.30 -16.86
CA GLU B 144 -35.70 41.62 -16.28
C GLU B 144 -34.25 41.89 -15.87
N GLN B 145 -33.65 40.95 -15.12
CA GLN B 145 -32.27 41.16 -14.71
C GLN B 145 -31.27 40.74 -15.78
N LEU B 146 -31.75 40.15 -16.87
CA LEU B 146 -30.91 39.86 -18.03
C LEU B 146 -30.92 40.99 -19.05
N THR B 147 -31.82 41.98 -18.90
CA THR B 147 -31.84 43.12 -19.80
C THR B 147 -30.54 43.91 -19.73
N GLU B 148 -29.98 44.05 -18.53
CA GLU B 148 -28.74 44.81 -18.35
C GLU B 148 -27.53 44.11 -18.97
N LEU B 149 -27.63 42.83 -19.30
CA LEU B 149 -26.52 42.07 -19.87
C LEU B 149 -26.63 41.96 -21.39
N ALA B 150 -27.18 42.99 -22.04
CA ALA B 150 -27.39 42.92 -23.48
C ALA B 150 -26.09 42.89 -24.27
N ASN B 151 -24.98 43.27 -23.66
CA ASN B 151 -23.69 43.30 -24.34
C ASN B 151 -22.76 42.17 -23.89
N ILE B 152 -23.27 41.20 -23.14
CA ILE B 152 -22.43 40.10 -22.67
C ILE B 152 -22.12 39.15 -23.83
N GLU B 153 -21.00 38.44 -23.69
CA GLU B 153 -20.57 37.47 -24.69
C GLU B 153 -20.43 36.06 -24.14
N ILE B 154 -19.88 35.91 -22.93
CA ILE B 154 -19.69 34.61 -22.31
C ILE B 154 -20.43 34.61 -20.98
N LEU B 155 -21.29 33.61 -20.77
CA LEU B 155 -22.09 33.49 -19.56
C LEU B 155 -21.86 32.11 -18.95
N TYR B 156 -21.57 32.09 -17.65
CA TYR B 156 -21.34 30.85 -16.91
C TYR B 156 -22.32 30.81 -15.75
N LEU B 157 -23.38 30.01 -15.88
CA LEU B 157 -24.40 29.89 -14.85
C LEU B 157 -24.54 28.44 -14.36
N GLY B 158 -23.51 27.63 -14.53
CA GLY B 158 -23.60 26.23 -14.18
C GLY B 158 -23.37 25.96 -12.71
N GLN B 159 -23.56 24.69 -12.34
CA GLN B 159 -23.31 24.21 -10.97
C GLN B 159 -24.12 25.00 -9.95
N ASN B 160 -25.37 25.31 -10.28
CA ASN B 160 -26.25 26.02 -9.37
C ASN B 160 -27.19 25.11 -8.60
N CYS B 161 -27.48 23.91 -9.10
CA CYS B 161 -28.36 22.98 -8.40
C CYS B 161 -28.01 21.57 -8.86
N TYR B 162 -27.25 20.85 -8.03
CA TYR B 162 -26.91 19.46 -8.28
C TYR B 162 -26.58 18.80 -6.95
N TYR B 163 -26.01 17.59 -6.99
CA TYR B 163 -25.87 16.81 -5.76
C TYR B 163 -24.90 17.45 -4.79
N ARG B 164 -23.89 18.17 -5.28
CA ARG B 164 -22.95 18.84 -4.38
C ARG B 164 -23.55 20.10 -3.79
N ASN B 165 -24.33 20.84 -4.58
CA ASN B 165 -24.96 22.09 -4.15
C ASN B 165 -26.45 22.00 -4.45
N PRO B 166 -27.22 21.34 -3.60
CA PRO B 166 -28.64 21.11 -3.92
C PRO B 166 -29.50 22.32 -3.63
N CYS B 167 -30.61 22.41 -4.36
CA CYS B 167 -31.61 23.44 -4.15
C CYS B 167 -33.03 22.91 -4.13
N TYR B 168 -33.25 21.63 -4.45
CA TYR B 168 -34.53 20.94 -4.36
C TYR B 168 -35.60 21.53 -5.26
N VAL B 169 -35.23 22.40 -6.20
CA VAL B 169 -36.17 23.00 -7.13
C VAL B 169 -35.59 22.88 -8.53
N SER B 170 -36.41 22.46 -9.49
CA SER B 170 -35.97 22.38 -10.87
C SER B 170 -35.71 23.78 -11.42
N TYR B 171 -34.74 23.86 -12.33
CA TYR B 171 -34.38 25.15 -12.93
C TYR B 171 -35.56 25.73 -13.70
N SER B 172 -35.77 27.03 -13.53
CA SER B 172 -36.87 27.74 -14.19
C SER B 172 -36.29 28.86 -15.03
N ILE B 173 -36.54 28.81 -16.33
CA ILE B 173 -36.15 29.85 -17.27
C ILE B 173 -37.37 30.32 -18.02
N GLU B 174 -37.66 31.62 -17.96
CA GLU B 174 -38.81 32.15 -18.65
C GLU B 174 -38.58 32.14 -20.16
N LYS B 175 -39.68 32.25 -20.90
CA LYS B 175 -39.61 32.16 -22.36
C LYS B 175 -38.79 33.29 -22.94
N ASP B 176 -37.91 32.94 -23.88
CA ASP B 176 -37.08 33.90 -24.61
C ASP B 176 -36.25 34.76 -23.66
N ALA B 177 -35.73 34.15 -22.60
CA ALA B 177 -34.91 34.87 -21.65
C ALA B 177 -33.59 35.31 -22.26
N PHE B 178 -32.97 34.44 -23.05
CA PHE B 178 -31.67 34.72 -23.66
C PHE B 178 -31.80 35.22 -25.09
N LEU B 179 -33.02 35.45 -25.58
CA LEU B 179 -33.21 35.81 -26.98
C LEU B 179 -32.58 37.16 -27.30
N ASN B 180 -32.72 38.13 -26.41
CA ASN B 180 -32.26 39.49 -26.70
C ASN B 180 -30.77 39.67 -26.49
N LEU B 181 -30.07 38.66 -25.99
CA LEU B 181 -28.61 38.73 -25.82
C LEU B 181 -27.97 38.44 -27.18
N THR B 182 -27.93 39.48 -28.02
CA THR B 182 -27.44 39.31 -29.38
C THR B 182 -25.95 39.04 -29.42
N LYS B 183 -25.20 39.53 -28.44
CA LYS B 183 -23.76 39.36 -28.41
C LYS B 183 -23.33 38.06 -27.74
N LEU B 184 -24.27 37.25 -27.28
CA LEU B 184 -23.93 36.02 -26.58
C LEU B 184 -23.22 35.05 -27.51
N LYS B 185 -22.16 34.45 -27.02
CA LYS B 185 -21.38 33.48 -27.80
C LYS B 185 -21.22 32.14 -27.10
N VAL B 186 -21.01 32.15 -25.79
CA VAL B 186 -20.81 30.92 -25.01
C VAL B 186 -21.82 30.92 -23.87
N LEU B 187 -22.56 29.81 -23.73
CA LEU B 187 -23.53 29.64 -22.66
C LEU B 187 -23.32 28.30 -22.00
N SER B 188 -23.23 28.30 -20.66
CA SER B 188 -23.00 27.09 -19.89
C SER B 188 -24.09 26.94 -18.85
N LEU B 189 -24.74 25.77 -18.83
CA LEU B 189 -25.81 25.47 -17.89
C LEU B 189 -25.64 24.08 -17.32
N LYS B 190 -24.41 23.73 -16.94
CA LYS B 190 -24.12 22.40 -16.45
C LYS B 190 -24.49 22.27 -14.97
N ASP B 191 -25.01 21.09 -14.61
CA ASP B 191 -25.35 20.77 -13.21
C ASP B 191 -26.31 21.80 -12.61
N ASN B 192 -27.31 22.19 -13.41
CA ASN B 192 -28.28 23.18 -12.97
C ASN B 192 -29.69 22.61 -12.84
N ASN B 193 -29.84 21.28 -12.89
CA ASN B 193 -31.14 20.63 -12.73
C ASN B 193 -32.13 21.11 -13.78
N VAL B 194 -31.64 21.39 -14.98
CA VAL B 194 -32.49 21.87 -16.07
C VAL B 194 -33.28 20.70 -16.63
N THR B 195 -34.57 20.94 -16.90
CA THR B 195 -35.45 19.92 -17.46
C THR B 195 -35.70 20.10 -18.95
N THR B 196 -35.82 21.34 -19.41
CA THR B 196 -36.12 21.64 -20.80
C THR B 196 -35.10 22.65 -21.32
N VAL B 197 -34.64 22.43 -22.55
CA VAL B 197 -33.68 23.35 -23.17
C VAL B 197 -34.31 24.74 -23.27
N PRO B 198 -33.63 25.80 -22.82
CA PRO B 198 -34.28 27.12 -22.76
C PRO B 198 -34.43 27.79 -24.10
N THR B 199 -35.49 27.44 -24.83
CA THR B 199 -35.82 28.15 -26.06
C THR B 199 -36.34 29.55 -25.73
N VAL B 200 -35.99 30.53 -26.57
CA VAL B 200 -35.19 30.38 -27.78
C VAL B 200 -33.81 31.01 -27.59
N LEU B 201 -32.77 30.24 -27.85
CA LEU B 201 -31.41 30.73 -27.70
C LEU B 201 -31.07 31.68 -28.85
N PRO B 202 -30.17 32.63 -28.62
CA PRO B 202 -29.78 33.56 -29.70
C PRO B 202 -29.07 32.83 -30.82
N SER B 203 -29.24 33.36 -32.04
CA SER B 203 -28.66 32.73 -33.21
C SER B 203 -27.15 32.90 -33.31
N THR B 204 -26.54 33.72 -32.45
CA THR B 204 -25.11 33.95 -32.48
C THR B 204 -24.34 33.04 -31.53
N LEU B 205 -25.00 32.04 -30.95
CA LEU B 205 -24.33 31.12 -30.05
C LEU B 205 -23.33 30.26 -30.80
N THR B 206 -22.20 29.97 -30.16
CA THR B 206 -21.16 29.12 -30.71
C THR B 206 -20.88 27.89 -29.85
N GLU B 207 -20.91 28.05 -28.52
CA GLU B 207 -20.67 26.95 -27.59
C GLU B 207 -21.84 26.86 -26.63
N LEU B 208 -22.47 25.69 -26.57
CA LEU B 208 -23.59 25.45 -25.67
C LEU B 208 -23.27 24.26 -24.79
N TYR B 209 -23.35 24.45 -23.47
CA TYR B 209 -23.02 23.43 -22.49
C TYR B 209 -24.25 23.17 -21.63
N LEU B 210 -24.99 22.12 -21.98
CA LEU B 210 -26.18 21.72 -21.23
C LEU B 210 -26.02 20.35 -20.58
N TYR B 211 -24.79 19.92 -20.34
CA TYR B 211 -24.55 18.57 -19.84
C TYR B 211 -24.79 18.50 -18.33
N ASN B 212 -24.89 17.26 -17.84
CA ASN B 212 -25.11 16.97 -16.42
C ASN B 212 -26.40 17.61 -15.91
N ASN B 213 -27.45 17.54 -16.71
CA ASN B 213 -28.75 18.06 -16.35
C ASN B 213 -29.78 16.93 -16.36
N MET B 214 -31.05 17.29 -16.17
CA MET B 214 -32.14 16.33 -16.14
C MET B 214 -33.03 16.42 -17.37
N ILE B 215 -32.44 16.79 -18.52
CA ILE B 215 -33.21 16.86 -19.76
C ILE B 215 -33.53 15.46 -20.23
N ALA B 216 -34.81 15.20 -20.46
CA ALA B 216 -35.27 13.88 -20.88
C ALA B 216 -35.63 13.81 -22.35
N GLU B 217 -36.10 14.91 -22.95
CA GLU B 217 -36.52 14.92 -24.34
C GLU B 217 -35.97 16.15 -25.03
N ILE B 218 -35.80 16.03 -26.35
CA ILE B 218 -35.35 17.14 -27.19
C ILE B 218 -36.41 17.36 -28.26
N GLN B 219 -36.82 18.61 -28.44
CA GLN B 219 -37.79 18.94 -29.46
C GLN B 219 -37.09 19.23 -30.79
N GLU B 220 -37.83 19.03 -31.88
CA GLU B 220 -37.26 19.22 -33.21
C GLU B 220 -36.95 20.68 -33.50
N ASP B 221 -37.52 21.61 -32.75
CA ASP B 221 -37.25 23.03 -32.93
C ASP B 221 -36.33 23.60 -31.86
N ASP B 222 -35.66 22.73 -31.09
CA ASP B 222 -34.80 23.22 -30.02
C ASP B 222 -33.60 23.98 -30.55
N PHE B 223 -32.97 23.46 -31.59
CA PHE B 223 -31.81 24.09 -32.22
C PHE B 223 -32.14 24.55 -33.63
N ASN B 224 -33.33 25.12 -33.81
CA ASN B 224 -33.78 25.51 -35.14
C ASN B 224 -33.09 26.76 -35.65
N ASN B 225 -32.72 27.68 -34.76
CA ASN B 225 -32.12 28.95 -35.15
C ASN B 225 -30.61 28.99 -34.95
N LEU B 226 -30.02 27.98 -34.33
CA LEU B 226 -28.58 27.96 -34.08
C LEU B 226 -27.88 27.47 -35.34
N ASN B 227 -27.26 28.40 -36.08
CA ASN B 227 -26.52 28.06 -37.28
C ASN B 227 -25.02 28.26 -37.14
N GLN B 228 -24.57 29.04 -36.17
CA GLN B 228 -23.14 29.25 -35.94
C GLN B 228 -22.61 28.44 -34.77
N LEU B 229 -23.40 27.52 -34.24
CA LEU B 229 -22.97 26.71 -33.11
C LEU B 229 -21.83 25.79 -33.53
N GLN B 230 -20.83 25.68 -32.67
CA GLN B 230 -19.66 24.86 -32.93
C GLN B 230 -19.46 23.74 -31.91
N ILE B 231 -19.78 23.99 -30.65
CA ILE B 231 -19.61 23.01 -29.58
C ILE B 231 -20.95 22.80 -28.90
N LEU B 232 -21.38 21.53 -28.85
CA LEU B 232 -22.64 21.17 -28.21
C LEU B 232 -22.38 20.01 -27.25
N ASP B 233 -22.83 20.18 -26.01
CA ASP B 233 -22.64 19.17 -24.96
C ASP B 233 -23.99 18.78 -24.39
N LEU B 234 -24.30 17.49 -24.42
CA LEU B 234 -25.56 16.95 -23.91
C LEU B 234 -25.32 15.77 -22.99
N SER B 235 -24.19 15.75 -22.29
CA SER B 235 -23.85 14.64 -21.42
C SER B 235 -24.72 14.64 -20.17
N GLY B 236 -24.62 13.55 -19.41
CA GLY B 236 -25.28 13.46 -18.13
C GLY B 236 -26.79 13.36 -18.16
N ASN B 237 -27.43 13.67 -19.29
CA ASN B 237 -28.88 13.59 -19.40
C ASN B 237 -29.28 12.13 -19.58
N CYS B 238 -30.05 11.62 -18.63
CA CYS B 238 -30.40 10.18 -18.64
C CYS B 238 -29.11 9.41 -18.61
N PRO B 239 -28.28 9.45 -17.55
CA PRO B 239 -26.95 8.85 -17.60
C PRO B 239 -26.98 7.35 -17.30
N ARG B 240 -25.84 6.72 -17.55
CA ARG B 240 -25.62 5.31 -17.21
C ARG B 240 -25.17 5.26 -15.76
N CYS B 241 -26.10 4.93 -14.86
CA CYS B 241 -25.86 5.00 -13.43
C CYS B 241 -25.28 3.73 -12.83
N TYR B 242 -24.98 2.72 -13.65
CA TYR B 242 -24.44 1.49 -13.12
C TYR B 242 -23.03 1.71 -12.58
N ASN B 243 -22.79 1.27 -11.34
CA ASN B 243 -21.49 1.39 -10.69
C ASN B 243 -21.01 2.83 -10.66
N ALA B 244 -21.93 3.76 -10.43
CA ALA B 244 -21.61 5.18 -10.39
C ALA B 244 -21.17 5.57 -8.98
N PRO B 245 -19.97 6.08 -8.78
CA PRO B 245 -19.52 6.48 -7.44
C PRO B 245 -20.10 7.81 -6.95
N PHE B 246 -21.05 8.39 -7.67
CA PHE B 246 -21.69 9.64 -7.29
C PHE B 246 -23.20 9.51 -7.40
N PRO B 247 -23.95 10.29 -6.62
CA PRO B 247 -25.41 10.20 -6.70
C PRO B 247 -25.95 10.66 -8.05
N CYS B 248 -26.52 9.73 -8.82
CA CYS B 248 -27.12 10.04 -10.10
C CYS B 248 -28.49 9.37 -10.19
N THR B 249 -29.41 9.93 -10.96
CA THR B 249 -30.70 9.23 -11.00
C THR B 249 -30.95 8.73 -12.41
N PRO B 250 -31.07 7.43 -12.63
CA PRO B 250 -31.36 6.98 -13.96
C PRO B 250 -32.71 7.53 -14.40
N CYS B 251 -32.96 7.62 -15.71
CA CYS B 251 -34.30 8.03 -16.19
C CYS B 251 -35.21 6.82 -16.04
N LYS B 252 -36.50 6.96 -16.36
CA LYS B 252 -37.42 5.83 -16.07
C LYS B 252 -37.29 4.71 -17.07
N ASN B 253 -37.46 3.49 -16.61
CA ASN B 253 -37.44 2.33 -17.53
C ASN B 253 -36.12 2.32 -18.28
N ASN B 254 -35.13 3.04 -17.78
CA ASN B 254 -33.79 3.06 -18.42
C ASN B 254 -33.85 3.85 -19.71
N SER B 255 -35.01 4.39 -20.04
CA SER B 255 -35.17 5.08 -21.34
C SER B 255 -33.96 5.92 -21.67
N PRO B 256 -33.58 6.00 -22.94
CA PRO B 256 -32.48 6.83 -23.42
C PRO B 256 -32.94 8.26 -23.65
N LEU B 257 -31.96 9.14 -23.87
CA LEU B 257 -32.25 10.53 -24.19
C LEU B 257 -32.92 10.60 -25.56
N GLN B 258 -34.23 10.84 -25.56
CA GLN B 258 -35.00 10.85 -26.81
C GLN B 258 -34.59 12.04 -27.65
N ILE B 259 -33.91 11.79 -28.75
CA ILE B 259 -33.48 12.82 -29.69
C ILE B 259 -34.12 12.51 -31.04
N PRO B 260 -34.88 13.44 -31.61
CA PRO B 260 -35.49 13.17 -32.93
C PRO B 260 -34.43 13.09 -34.02
N VAL B 261 -34.81 12.43 -35.11
CA VAL B 261 -33.90 12.27 -36.23
C VAL B 261 -33.56 13.62 -36.85
N ASN B 262 -34.55 14.49 -36.99
CA ASN B 262 -34.34 15.83 -37.56
C ASN B 262 -34.08 16.87 -36.47
N ALA B 263 -33.11 16.58 -35.60
CA ALA B 263 -32.76 17.48 -34.52
C ALA B 263 -31.56 18.36 -34.86
N PHE B 264 -30.48 17.76 -35.33
CA PHE B 264 -29.28 18.51 -35.72
C PHE B 264 -29.31 18.89 -37.20
N ASP B 265 -30.40 19.53 -37.62
CA ASP B 265 -30.55 19.92 -39.02
C ASP B 265 -30.01 21.32 -39.28
N ALA B 266 -30.38 22.28 -38.43
CA ALA B 266 -29.90 23.65 -38.62
C ALA B 266 -28.42 23.80 -38.31
N LEU B 267 -27.84 22.87 -37.54
CA LEU B 267 -26.43 22.93 -37.22
C LEU B 267 -25.61 22.58 -38.45
N THR B 268 -24.83 23.54 -38.94
CA THR B 268 -23.95 23.32 -40.08
C THR B 268 -22.47 23.58 -39.78
N GLU B 269 -22.17 24.43 -38.81
CA GLU B 269 -20.80 24.71 -38.40
C GLU B 269 -20.39 23.93 -37.16
N LEU B 270 -21.19 22.94 -36.75
CA LEU B 270 -20.87 22.16 -35.57
C LEU B 270 -19.59 21.37 -35.77
N LYS B 271 -18.73 21.40 -34.77
CA LYS B 271 -17.44 20.72 -34.82
C LYS B 271 -17.24 19.72 -33.69
N VAL B 272 -17.77 20.00 -32.49
CA VAL B 272 -17.63 19.11 -31.34
C VAL B 272 -19.03 18.76 -30.85
N LEU B 273 -19.31 17.46 -30.75
CA LEU B 273 -20.59 16.97 -30.26
C LEU B 273 -20.31 15.91 -29.21
N ARG B 274 -20.75 16.17 -27.97
CA ARG B 274 -20.52 15.26 -26.85
C ARG B 274 -21.85 14.66 -26.44
N LEU B 275 -21.93 13.32 -26.47
CA LEU B 275 -23.11 12.59 -26.04
C LEU B 275 -22.73 11.54 -25.00
N HIS B 276 -21.68 11.81 -24.23
CA HIS B 276 -21.20 10.85 -23.25
C HIS B 276 -22.20 10.69 -22.12
N SER B 277 -22.38 9.44 -21.67
CA SER B 277 -23.29 9.10 -20.57
C SER B 277 -24.71 9.59 -20.86
N ASN B 278 -25.30 9.02 -21.90
CA ASN B 278 -26.68 9.31 -22.26
C ASN B 278 -27.56 8.07 -22.36
N SER B 279 -27.04 6.90 -21.98
CA SER B 279 -27.76 5.62 -22.06
C SER B 279 -28.34 5.38 -23.45
N LEU B 280 -27.63 5.84 -24.49
CA LEU B 280 -28.11 5.66 -25.85
C LEU B 280 -27.97 4.20 -26.28
N GLN B 281 -28.94 3.73 -27.05
CA GLN B 281 -28.92 2.37 -27.59
C GLN B 281 -28.70 2.31 -29.09
N HIS B 282 -29.25 3.26 -29.84
CA HIS B 282 -29.07 3.32 -31.28
C HIS B 282 -28.67 4.72 -31.69
N VAL B 283 -27.83 4.81 -32.72
CA VAL B 283 -27.40 6.08 -33.28
C VAL B 283 -27.84 6.13 -34.73
N PRO B 284 -28.98 6.74 -35.02
CA PRO B 284 -29.48 6.79 -36.40
C PRO B 284 -28.55 7.62 -37.28
N PRO B 285 -28.32 7.19 -38.52
CA PRO B 285 -27.49 8.00 -39.43
C PRO B 285 -28.11 9.32 -39.81
N ARG B 286 -29.42 9.50 -39.60
CA ARG B 286 -30.08 10.76 -39.94
C ARG B 286 -29.55 11.93 -39.12
N TRP B 287 -29.01 11.68 -37.94
CA TRP B 287 -28.49 12.76 -37.11
C TRP B 287 -27.35 13.50 -37.81
N PHE B 288 -26.44 12.75 -38.43
CA PHE B 288 -25.24 13.32 -39.03
C PHE B 288 -25.42 13.59 -40.52
N LYS B 289 -26.65 13.83 -40.96
CA LYS B 289 -26.89 14.10 -42.38
C LYS B 289 -26.44 15.50 -42.76
N ASN B 290 -26.71 16.48 -41.90
CA ASN B 290 -26.40 17.87 -42.22
C ASN B 290 -25.05 18.33 -41.68
N ILE B 291 -24.62 17.80 -40.53
CA ILE B 291 -23.34 18.18 -39.94
C ILE B 291 -22.21 17.43 -40.64
N ASN B 292 -21.64 18.04 -41.68
CA ASN B 292 -20.57 17.41 -42.44
C ASN B 292 -19.18 17.80 -41.95
N ASN B 293 -19.06 18.89 -41.20
CA ASN B 293 -17.78 19.37 -40.71
C ASN B 293 -17.51 18.94 -39.27
N LEU B 294 -18.18 17.88 -38.81
CA LEU B 294 -17.96 17.40 -37.45
C LEU B 294 -16.54 16.89 -37.29
N GLN B 295 -15.90 17.26 -36.19
CA GLN B 295 -14.51 16.89 -35.93
C GLN B 295 -14.37 15.95 -34.75
N GLU B 296 -14.93 16.29 -33.60
CA GLU B 296 -14.84 15.46 -32.39
C GLU B 296 -16.24 14.98 -32.02
N LEU B 297 -16.38 13.67 -31.85
CA LEU B 297 -17.64 13.05 -31.45
C LEU B 297 -17.41 12.18 -30.24
N ASP B 298 -18.24 12.34 -29.21
CA ASP B 298 -18.13 11.58 -27.98
C ASP B 298 -19.39 10.74 -27.80
N LEU B 299 -19.21 9.43 -27.64
CA LEU B 299 -20.33 8.51 -27.43
C LEU B 299 -20.04 7.54 -26.31
N SER B 300 -19.22 7.94 -25.34
CA SER B 300 -18.80 7.05 -24.27
C SER B 300 -19.91 6.87 -23.24
N GLN B 301 -19.76 5.83 -22.42
CA GLN B 301 -20.66 5.55 -21.30
C GLN B 301 -22.11 5.41 -21.76
N ASN B 302 -22.30 4.73 -22.89
CA ASN B 302 -23.63 4.44 -23.41
C ASN B 302 -23.79 2.92 -23.53
N PHE B 303 -24.90 2.50 -24.13
CA PHE B 303 -25.19 1.10 -24.35
C PHE B 303 -25.09 0.74 -25.83
N LEU B 304 -24.08 1.30 -26.51
CA LEU B 304 -23.90 1.12 -27.95
C LEU B 304 -22.99 -0.06 -28.27
N ALA B 305 -23.01 -1.11 -27.43
CA ALA B 305 -22.20 -2.28 -27.71
C ALA B 305 -22.64 -2.96 -29.00
N LYS B 306 -23.95 -3.09 -29.22
CA LYS B 306 -24.45 -3.67 -30.45
C LYS B 306 -24.29 -2.72 -31.63
N GLU B 307 -24.37 -1.41 -31.38
CA GLU B 307 -24.27 -0.45 -32.48
C GLU B 307 -22.86 -0.40 -33.06
N ILE B 308 -21.84 -0.67 -32.24
CA ILE B 308 -20.47 -0.68 -32.74
C ILE B 308 -20.31 -1.75 -33.81
N GLY B 309 -20.98 -2.90 -33.64
CA GLY B 309 -20.94 -3.93 -34.65
C GLY B 309 -21.58 -3.50 -35.96
N ASP B 310 -22.56 -2.60 -35.90
CA ASP B 310 -23.20 -2.08 -37.10
C ASP B 310 -22.55 -0.77 -37.55
N ALA B 311 -22.62 0.26 -36.71
CA ALA B 311 -21.95 1.54 -36.94
C ALA B 311 -22.30 2.11 -38.32
N LYS B 312 -23.59 2.03 -38.67
CA LYS B 312 -24.01 2.53 -39.97
C LYS B 312 -23.89 4.05 -40.08
N PHE B 313 -23.92 4.74 -38.94
CA PHE B 313 -23.83 6.20 -38.94
C PHE B 313 -22.44 6.71 -39.28
N LEU B 314 -21.42 5.85 -39.23
CA LEU B 314 -20.05 6.30 -39.49
C LEU B 314 -19.82 6.70 -40.94
N HIS B 315 -20.72 6.36 -41.84
CA HIS B 315 -20.56 6.71 -43.26
C HIS B 315 -20.76 8.19 -43.53
N PHE B 316 -21.31 8.95 -42.57
CA PHE B 316 -21.60 10.36 -42.75
C PHE B 316 -20.61 11.26 -42.02
N LEU B 317 -19.46 10.72 -41.62
CA LEU B 317 -18.44 11.48 -40.89
C LEU B 317 -17.10 11.34 -41.61
N PRO B 318 -16.93 12.03 -42.73
CA PRO B 318 -15.65 11.93 -43.45
C PRO B 318 -14.56 12.82 -42.89
N ASN B 319 -14.91 13.82 -42.07
CA ASN B 319 -13.93 14.74 -41.51
C ASN B 319 -13.77 14.56 -40.00
N LEU B 320 -14.19 13.42 -39.47
CA LEU B 320 -14.07 13.17 -38.03
C LEU B 320 -12.61 13.06 -37.64
N ILE B 321 -12.24 13.71 -36.54
CA ILE B 321 -10.87 13.69 -36.03
C ILE B 321 -10.75 12.80 -34.80
N GLN B 322 -11.64 12.99 -33.83
CA GLN B 322 -11.64 12.23 -32.59
C GLN B 322 -12.94 11.43 -32.49
N LEU B 323 -12.82 10.18 -32.02
CA LEU B 323 -13.97 9.33 -31.79
C LEU B 323 -13.79 8.60 -30.48
N ASP B 324 -14.69 8.82 -29.54
CA ASP B 324 -14.64 8.21 -28.22
C ASP B 324 -15.81 7.24 -28.07
N LEU B 325 -15.50 5.99 -27.73
CA LEU B 325 -16.51 4.95 -27.54
C LEU B 325 -16.19 4.15 -26.30
N SER B 326 -15.72 4.82 -25.26
CA SER B 326 -15.25 4.14 -24.06
C SER B 326 -16.40 3.73 -23.15
N PHE B 327 -16.23 2.59 -22.48
CA PHE B 327 -17.15 2.11 -21.46
C PHE B 327 -18.57 1.95 -22.01
N ASN B 328 -18.69 1.06 -23.00
CA ASN B 328 -19.98 0.69 -23.57
C ASN B 328 -20.26 -0.79 -23.39
N PHE B 329 -19.71 -1.38 -22.32
CA PHE B 329 -19.86 -2.81 -22.10
C PHE B 329 -21.28 -3.16 -21.69
N GLU B 330 -21.65 -4.40 -21.95
CA GLU B 330 -22.96 -4.93 -21.59
C GLU B 330 -22.89 -5.59 -20.23
N LEU B 331 -23.91 -5.37 -19.41
CA LEU B 331 -23.94 -5.94 -18.07
C LEU B 331 -24.07 -7.45 -18.14
N GLN B 332 -23.27 -8.14 -17.32
CA GLN B 332 -23.28 -9.61 -17.23
C GLN B 332 -22.99 -10.27 -18.57
N VAL B 333 -22.17 -9.64 -19.40
CA VAL B 333 -21.78 -10.16 -20.70
C VAL B 333 -20.28 -10.00 -20.86
N TYR B 334 -19.60 -11.09 -21.23
CA TYR B 334 -18.17 -11.09 -21.49
C TYR B 334 -17.97 -11.52 -22.94
N ARG B 335 -17.76 -10.55 -23.83
CA ARG B 335 -17.64 -10.84 -25.24
C ARG B 335 -16.38 -11.65 -25.53
N ALA B 336 -16.48 -12.56 -26.51
CA ALA B 336 -15.33 -13.36 -26.88
C ALA B 336 -14.31 -12.57 -27.70
N SER B 337 -14.78 -11.62 -28.51
CA SER B 337 -13.89 -10.83 -29.34
C SER B 337 -14.55 -9.49 -29.63
N MET B 338 -13.72 -8.52 -30.00
CA MET B 338 -14.22 -7.19 -30.37
C MET B 338 -14.84 -7.25 -31.75
N ASN B 339 -16.05 -6.72 -31.87
CA ASN B 339 -16.80 -6.74 -33.12
C ASN B 339 -16.83 -5.32 -33.69
N LEU B 340 -15.80 -4.98 -34.46
CA LEU B 340 -15.70 -3.69 -35.11
C LEU B 340 -16.35 -3.75 -36.48
N SER B 341 -17.22 -2.80 -36.77
CA SER B 341 -17.92 -2.77 -38.04
C SER B 341 -16.97 -2.41 -39.17
N GLN B 342 -17.32 -2.86 -40.38
CA GLN B 342 -16.54 -2.51 -41.56
C GLN B 342 -16.70 -1.05 -41.96
N ALA B 343 -17.70 -0.35 -41.41
CA ALA B 343 -17.89 1.06 -41.71
C ALA B 343 -16.82 1.96 -41.11
N PHE B 344 -15.96 1.41 -40.24
CA PHE B 344 -14.89 2.21 -39.67
C PHE B 344 -13.85 2.63 -40.70
N SER B 345 -13.85 2.00 -41.88
CA SER B 345 -12.90 2.37 -42.92
C SER B 345 -13.24 3.71 -43.56
N SER B 346 -14.46 4.22 -43.34
CA SER B 346 -14.86 5.49 -43.92
C SER B 346 -14.29 6.70 -43.18
N LEU B 347 -13.75 6.50 -41.98
CA LEU B 347 -13.18 7.59 -41.20
C LEU B 347 -11.80 7.91 -41.75
N LYS B 348 -11.79 8.64 -42.87
CA LYS B 348 -10.53 8.93 -43.56
C LYS B 348 -9.63 9.82 -42.71
N SER B 349 -10.21 10.83 -42.06
CA SER B 349 -9.43 11.81 -41.30
C SER B 349 -9.32 11.47 -39.82
N LEU B 350 -9.67 10.24 -39.42
CA LEU B 350 -9.62 9.89 -38.01
C LEU B 350 -8.18 9.86 -37.52
N LYS B 351 -7.96 10.41 -36.32
CA LYS B 351 -6.63 10.45 -35.71
C LYS B 351 -6.59 9.72 -34.38
N ILE B 352 -7.57 9.95 -33.51
CA ILE B 352 -7.60 9.37 -32.17
C ILE B 352 -8.84 8.49 -32.06
N LEU B 353 -8.66 7.27 -31.59
CA LEU B 353 -9.77 6.33 -31.38
C LEU B 353 -9.61 5.66 -30.03
N ARG B 354 -10.66 5.73 -29.22
CA ARG B 354 -10.67 5.15 -27.87
C ARG B 354 -11.80 4.13 -27.80
N ILE B 355 -11.42 2.87 -27.56
CA ILE B 355 -12.40 1.79 -27.45
C ILE B 355 -12.24 1.12 -26.10
N ARG B 356 -11.99 1.91 -25.07
CA ARG B 356 -11.90 1.36 -23.72
C ARG B 356 -13.27 0.90 -23.25
N GLY B 357 -13.26 0.14 -22.14
CA GLY B 357 -14.51 -0.31 -21.54
C GLY B 357 -15.36 -1.19 -22.43
N TYR B 358 -14.78 -1.76 -23.48
CA TYR B 358 -15.46 -2.70 -24.38
C TYR B 358 -15.06 -4.13 -24.07
N VAL B 359 -15.04 -4.47 -22.78
CA VAL B 359 -14.42 -5.69 -22.24
C VAL B 359 -14.68 -6.90 -23.13
N PHE B 360 -13.61 -7.56 -23.56
CA PHE B 360 -13.71 -8.76 -24.38
C PHE B 360 -12.48 -9.62 -24.12
N LYS B 361 -12.60 -10.90 -24.49
CA LYS B 361 -11.58 -11.87 -24.10
C LYS B 361 -10.34 -11.80 -24.99
N GLU B 362 -10.51 -12.08 -26.28
CA GLU B 362 -9.37 -12.26 -27.18
C GLU B 362 -9.42 -11.22 -28.29
N LEU B 363 -8.25 -10.65 -28.59
CA LEU B 363 -8.08 -9.71 -29.69
C LEU B 363 -7.25 -10.37 -30.78
N LYS B 364 -7.79 -10.40 -32.00
CA LYS B 364 -7.13 -11.04 -33.13
C LYS B 364 -6.76 -9.99 -34.17
N SER B 365 -5.88 -10.40 -35.10
CA SER B 365 -5.40 -9.49 -36.12
C SER B 365 -6.52 -9.06 -37.06
N PHE B 366 -7.40 -9.99 -37.44
CA PHE B 366 -8.44 -9.68 -38.40
C PHE B 366 -9.53 -8.78 -37.83
N GLN B 367 -9.63 -8.67 -36.50
CA GLN B 367 -10.62 -7.79 -35.90
C GLN B 367 -10.26 -6.32 -36.06
N LEU B 368 -8.99 -6.02 -36.33
CA LEU B 368 -8.55 -4.64 -36.56
C LEU B 368 -8.39 -4.33 -38.04
N SER B 369 -8.94 -5.18 -38.90
CA SER B 369 -8.83 -4.93 -40.35
C SER B 369 -9.46 -3.62 -40.80
N PRO B 370 -10.62 -3.17 -40.27
CA PRO B 370 -11.16 -1.88 -40.75
C PRO B 370 -10.23 -0.69 -40.50
N LEU B 371 -9.37 -0.77 -39.49
CA LEU B 371 -8.46 0.33 -39.18
C LEU B 371 -7.14 0.24 -39.94
N HIS B 372 -6.99 -0.76 -40.83
CA HIS B 372 -5.74 -0.91 -41.56
C HIS B 372 -5.52 0.16 -42.61
N ASN B 373 -6.60 0.80 -43.08
CA ASN B 373 -6.51 1.78 -44.16
C ASN B 373 -6.64 3.22 -43.68
N LEU B 374 -6.58 3.45 -42.37
CA LEU B 374 -6.66 4.80 -41.81
C LEU B 374 -5.25 5.38 -41.80
N GLN B 375 -4.95 6.24 -42.77
CA GLN B 375 -3.61 6.78 -42.91
C GLN B 375 -3.29 7.80 -41.82
N ASN B 376 -4.29 8.53 -41.35
CA ASN B 376 -4.08 9.59 -40.37
C ASN B 376 -4.25 9.11 -38.93
N LEU B 377 -4.47 7.83 -38.71
CA LEU B 377 -4.64 7.32 -37.36
C LEU B 377 -3.33 7.38 -36.60
N GLU B 378 -3.38 7.94 -35.39
CA GLU B 378 -2.19 8.09 -34.56
C GLU B 378 -2.32 7.39 -33.22
N VAL B 379 -3.44 7.56 -32.52
CA VAL B 379 -3.64 7.00 -31.18
C VAL B 379 -4.73 5.95 -31.26
N LEU B 380 -4.45 4.77 -30.73
CA LEU B 380 -5.41 3.67 -30.66
C LEU B 380 -5.49 3.20 -29.21
N ASP B 381 -6.50 3.67 -28.49
CA ASP B 381 -6.67 3.35 -27.08
C ASP B 381 -7.46 2.06 -26.94
N LEU B 382 -6.90 1.09 -26.21
CA LEU B 382 -7.58 -0.18 -25.99
C LEU B 382 -7.45 -0.65 -24.54
N GLY B 383 -7.08 0.23 -23.62
CA GLY B 383 -6.90 -0.16 -22.25
C GLY B 383 -8.21 -0.42 -21.54
N THR B 384 -8.10 -1.07 -20.38
CA THR B 384 -9.24 -1.42 -19.53
C THR B 384 -10.28 -2.21 -20.32
N ASN B 385 -9.82 -3.29 -20.94
CA ASN B 385 -10.67 -4.18 -21.72
C ASN B 385 -10.58 -5.63 -21.29
N PHE B 386 -9.70 -5.96 -20.34
CA PHE B 386 -9.55 -7.33 -19.84
C PHE B 386 -9.24 -8.30 -20.98
N ILE B 387 -8.41 -7.86 -21.93
CA ILE B 387 -8.00 -8.72 -23.03
C ILE B 387 -7.08 -9.80 -22.49
N LYS B 388 -7.42 -11.06 -22.75
CA LYS B 388 -6.63 -12.18 -22.24
C LYS B 388 -5.58 -12.64 -23.25
N ILE B 389 -6.00 -12.96 -24.46
CA ILE B 389 -5.11 -13.42 -25.52
C ILE B 389 -4.97 -12.29 -26.54
N ALA B 390 -3.71 -11.92 -26.82
CA ALA B 390 -3.44 -10.84 -27.77
C ALA B 390 -2.06 -11.09 -28.36
N ASN B 391 -2.02 -11.42 -29.66
CA ASN B 391 -0.75 -11.60 -30.34
C ASN B 391 -0.15 -10.25 -30.69
N LEU B 392 0.96 -9.90 -30.03
CA LEU B 392 1.57 -8.59 -30.24
C LEU B 392 2.14 -8.42 -31.64
N SER B 393 2.37 -9.52 -32.36
CA SER B 393 2.89 -9.42 -33.72
C SER B 393 1.89 -8.84 -34.70
N MET B 394 0.61 -8.75 -34.32
CA MET B 394 -0.40 -8.18 -35.21
C MET B 394 -0.28 -6.67 -35.35
N PHE B 395 0.53 -6.01 -34.51
CA PHE B 395 0.72 -4.57 -34.58
C PHE B 395 1.80 -4.16 -35.57
N LYS B 396 2.39 -5.12 -36.28
CA LYS B 396 3.41 -4.78 -37.28
C LYS B 396 2.84 -3.97 -38.44
N GLN B 397 1.52 -4.01 -38.65
CA GLN B 397 0.90 -3.22 -39.69
C GLN B 397 0.61 -1.79 -39.24
N PHE B 398 0.58 -1.53 -37.95
CA PHE B 398 0.34 -0.19 -37.41
C PHE B 398 1.64 0.54 -37.12
N LYS B 399 2.53 0.59 -38.12
CA LYS B 399 3.80 1.31 -37.95
C LYS B 399 3.59 2.81 -37.90
N ARG B 400 2.61 3.32 -38.66
CA ARG B 400 2.35 4.76 -38.67
C ARG B 400 1.72 5.25 -37.37
N LEU B 401 1.22 4.34 -36.54
CA LEU B 401 0.60 4.73 -35.29
C LEU B 401 1.65 5.32 -34.34
N LYS B 402 1.23 6.32 -33.57
CA LYS B 402 2.11 6.99 -32.62
C LYS B 402 2.01 6.42 -31.21
N VAL B 403 0.81 6.13 -30.72
CA VAL B 403 0.59 5.58 -29.40
C VAL B 403 -0.34 4.40 -29.52
N ILE B 404 0.07 3.25 -28.97
CA ILE B 404 -0.77 2.06 -28.89
C ILE B 404 -0.97 1.75 -27.41
N ASP B 405 -2.22 1.76 -26.98
CA ASP B 405 -2.55 1.59 -25.56
C ASP B 405 -2.96 0.15 -25.30
N LEU B 406 -2.22 -0.51 -24.41
CA LEU B 406 -2.45 -1.88 -23.97
C LEU B 406 -2.42 -1.94 -22.45
N SER B 407 -3.26 -1.11 -21.83
CA SER B 407 -3.25 -0.85 -20.39
C SER B 407 -3.77 -2.02 -19.59
N VAL B 408 -4.40 -1.73 -18.45
CA VAL B 408 -4.62 -2.66 -17.34
C VAL B 408 -5.23 -4.00 -17.74
N ASN B 409 -5.62 -4.15 -19.00
CA ASN B 409 -6.11 -5.45 -19.48
C ASN B 409 -5.06 -6.53 -19.22
N LYS B 410 -5.51 -7.78 -19.27
CA LYS B 410 -4.79 -8.93 -18.72
C LYS B 410 -3.96 -9.67 -19.76
N ILE B 411 -3.33 -8.96 -20.69
CA ILE B 411 -2.51 -9.61 -21.71
C ILE B 411 -1.33 -10.31 -21.05
N SER B 412 -1.09 -11.55 -21.46
CA SER B 412 -0.04 -12.40 -20.92
C SER B 412 0.83 -12.92 -22.05
N PRO B 413 2.03 -13.43 -21.74
CA PRO B 413 2.89 -13.98 -22.79
C PRO B 413 2.23 -15.13 -23.52
N SER B 414 2.55 -15.25 -24.80
CA SER B 414 1.96 -16.29 -25.63
C SER B 414 2.41 -17.67 -25.17
N GLY B 415 1.46 -18.61 -25.14
CA GLY B 415 1.74 -19.96 -24.72
C GLY B 415 2.19 -20.85 -25.86
N ASP B 416 2.31 -22.15 -25.54
CA ASP B 416 2.73 -23.14 -26.53
C ASP B 416 1.55 -23.97 -27.02
N TYR B 449 -12.77 24.57 -0.62
CA TYR B 449 -12.40 24.67 -2.03
C TYR B 449 -13.32 23.82 -2.90
N ALA B 450 -13.33 24.12 -4.20
CA ALA B 450 -14.17 23.39 -5.15
C ALA B 450 -13.53 23.50 -6.54
N ARG B 451 -14.22 22.97 -7.54
CA ARG B 451 -13.71 23.03 -8.91
C ARG B 451 -13.67 24.46 -9.42
N SER B 452 -14.69 25.26 -9.11
CA SER B 452 -14.75 26.64 -9.60
C SER B 452 -13.74 27.54 -8.91
N CYS B 453 -13.17 27.11 -7.78
CA CYS B 453 -12.18 27.93 -7.09
C CYS B 453 -10.90 28.08 -7.89
N ARG B 454 -10.62 27.17 -8.82
CA ARG B 454 -9.45 27.26 -9.68
C ARG B 454 -9.86 27.06 -11.13
N PHE B 455 -8.87 26.95 -12.03
CA PHE B 455 -9.10 26.65 -13.44
C PHE B 455 -10.02 27.72 -14.07
N LYS B 456 -9.45 28.91 -14.21
CA LYS B 456 -10.17 30.05 -14.77
C LYS B 456 -10.67 29.76 -16.18
N ASN B 457 -10.08 28.80 -16.89
CA ASN B 457 -10.53 28.47 -18.23
C ASN B 457 -11.95 27.92 -18.26
N LYS B 458 -12.45 27.45 -17.10
CA LYS B 458 -13.81 26.93 -16.98
C LYS B 458 -14.06 25.78 -17.94
N GLU B 459 -14.89 26.00 -18.96
CA GLU B 459 -15.21 24.96 -19.93
C GLU B 459 -14.01 24.73 -20.83
N ALA B 460 -13.27 23.65 -20.55
CA ALA B 460 -12.09 23.30 -21.34
C ALA B 460 -12.16 21.81 -21.68
N SER B 461 -11.57 21.46 -22.82
CA SER B 461 -11.55 20.08 -23.26
C SER B 461 -10.65 19.24 -22.35
N PHE B 462 -10.94 17.94 -22.31
CA PHE B 462 -10.16 17.01 -21.50
C PHE B 462 -8.76 16.89 -22.08
N THR B 463 -7.76 17.42 -21.36
CA THR B 463 -6.39 17.37 -21.81
C THR B 463 -5.82 15.97 -21.59
N SER B 464 -5.34 15.35 -22.65
CA SER B 464 -4.79 14.01 -22.54
C SER B 464 -3.50 14.03 -21.73
N VAL B 465 -3.29 12.98 -20.95
CA VAL B 465 -2.10 12.88 -20.10
C VAL B 465 -0.89 12.63 -21.02
N GLN B 466 -0.05 13.65 -21.17
CA GLN B 466 1.12 13.56 -22.04
C GLN B 466 2.24 12.88 -21.26
N GLU B 467 2.36 11.56 -21.44
CA GLU B 467 3.41 10.81 -20.77
C GLU B 467 4.77 11.15 -21.36
N SER B 468 5.82 10.92 -20.57
CA SER B 468 7.17 11.24 -20.98
C SER B 468 7.67 10.35 -22.11
N CYS B 469 7.01 9.23 -22.38
CA CYS B 469 7.46 8.29 -23.40
C CYS B 469 6.90 8.59 -24.78
N TYR B 470 5.96 9.53 -24.89
CA TYR B 470 5.33 9.79 -26.17
C TYR B 470 6.22 10.59 -27.12
N LYS B 471 7.07 11.47 -26.58
CA LYS B 471 7.91 12.31 -27.41
C LYS B 471 9.02 11.54 -28.12
N TYR B 472 9.26 10.28 -27.76
CA TYR B 472 10.32 9.50 -28.37
C TYR B 472 9.89 8.75 -29.61
N GLY B 473 8.60 8.73 -29.93
CA GLY B 473 8.13 8.05 -31.12
C GLY B 473 7.01 7.05 -30.84
N GLN B 474 7.08 5.90 -31.50
CA GLN B 474 6.06 4.87 -31.31
C GLN B 474 6.09 4.34 -29.88
N THR B 475 4.91 4.20 -29.28
CA THR B 475 4.78 3.80 -27.89
C THR B 475 3.84 2.60 -27.79
N LEU B 476 4.26 1.58 -27.07
CA LEU B 476 3.45 0.40 -26.77
C LEU B 476 3.28 0.33 -25.26
N ASP B 477 2.25 0.99 -24.75
CA ASP B 477 1.99 1.07 -23.31
C ASP B 477 1.38 -0.24 -22.85
N LEU B 478 2.23 -1.16 -22.41
CA LEU B 478 1.80 -2.45 -21.90
C LEU B 478 1.83 -2.51 -20.37
N SER B 479 1.50 -1.39 -19.73
CA SER B 479 1.60 -1.32 -18.27
C SER B 479 0.44 -2.02 -17.60
N LYS B 480 0.70 -2.51 -16.38
CA LYS B 480 -0.32 -3.13 -15.53
C LYS B 480 -1.00 -4.31 -16.22
N ASN B 481 -0.21 -5.11 -16.92
CA ASN B 481 -0.73 -6.28 -17.63
C ASN B 481 -0.37 -7.55 -16.85
N SER B 482 -0.76 -8.70 -17.43
CA SER B 482 -0.53 -10.00 -16.81
C SER B 482 0.72 -10.68 -17.36
N ILE B 483 1.71 -9.91 -17.79
CA ILE B 483 2.97 -10.47 -18.27
C ILE B 483 3.86 -10.76 -17.08
N PHE B 484 4.27 -12.02 -16.93
CA PHE B 484 5.12 -12.43 -15.82
C PHE B 484 6.52 -12.84 -16.24
N PHE B 485 6.77 -13.00 -17.54
CA PHE B 485 8.12 -13.25 -18.02
C PHE B 485 8.20 -12.81 -19.48
N ILE B 486 9.41 -12.46 -19.90
CA ILE B 486 9.64 -11.85 -21.21
C ILE B 486 10.33 -12.86 -22.12
N LYS B 487 9.79 -13.02 -23.32
CA LYS B 487 10.39 -13.85 -24.35
C LYS B 487 10.76 -12.99 -25.56
N SER B 488 11.85 -13.37 -26.23
CA SER B 488 12.25 -12.65 -27.42
C SER B 488 11.30 -12.91 -28.58
N SER B 489 10.59 -14.03 -28.56
CA SER B 489 9.68 -14.36 -29.66
C SER B 489 8.40 -13.52 -29.60
N ASP B 490 7.97 -13.14 -28.39
CA ASP B 490 6.74 -12.36 -28.26
C ASP B 490 6.89 -10.99 -28.90
N PHE B 491 8.04 -10.35 -28.73
CA PHE B 491 8.28 -9.01 -29.25
C PHE B 491 8.83 -9.03 -30.67
N GLN B 492 8.63 -10.11 -31.41
CA GLN B 492 9.05 -10.16 -32.79
C GLN B 492 8.18 -9.26 -33.66
N HIS B 493 8.73 -8.86 -34.81
CA HIS B 493 8.04 -7.98 -35.76
C HIS B 493 7.67 -6.64 -35.12
N LEU B 494 8.46 -6.20 -34.15
CA LEU B 494 8.23 -4.93 -33.47
C LEU B 494 9.52 -4.12 -33.40
N SER B 495 10.30 -4.15 -34.47
CA SER B 495 11.56 -3.43 -34.50
C SER B 495 11.37 -1.92 -34.60
N PHE B 496 10.15 -1.47 -34.92
CA PHE B 496 9.87 -0.04 -35.08
C PHE B 496 9.53 0.64 -33.76
N LEU B 497 9.47 -0.10 -32.65
CA LEU B 497 9.08 0.47 -31.38
C LEU B 497 10.20 1.35 -30.82
N LYS B 498 9.91 2.63 -30.64
CA LYS B 498 10.85 3.55 -30.03
C LYS B 498 10.61 3.74 -28.54
N CYS B 499 9.55 3.15 -27.99
CA CYS B 499 9.23 3.28 -26.58
C CYS B 499 8.44 2.05 -26.14
N LEU B 500 8.63 1.66 -24.88
CA LEU B 500 7.95 0.50 -24.33
C LEU B 500 7.77 0.70 -22.84
N ASN B 501 6.52 0.63 -22.38
CA ASN B 501 6.19 0.79 -20.98
C ASN B 501 5.72 -0.56 -20.43
N LEU B 502 6.43 -1.05 -19.41
CA LEU B 502 6.11 -2.33 -18.78
C LEU B 502 5.95 -2.18 -17.28
N SER B 503 5.54 -1.01 -16.82
CA SER B 503 5.42 -0.77 -15.39
C SER B 503 4.24 -1.51 -14.80
N GLY B 504 4.42 -2.02 -13.58
CA GLY B 504 3.34 -2.67 -12.86
C GLY B 504 3.02 -4.08 -13.27
N ASN B 505 3.81 -4.67 -14.17
CA ASN B 505 3.55 -6.04 -14.61
C ASN B 505 4.00 -7.08 -13.59
N LEU B 506 4.85 -6.69 -12.64
CA LEU B 506 5.37 -7.60 -11.61
C LEU B 506 6.06 -8.81 -12.24
N ILE B 507 7.08 -8.53 -13.03
CA ILE B 507 7.86 -9.56 -13.73
C ILE B 507 9.04 -9.94 -12.84
N SER B 508 9.19 -11.23 -12.60
CA SER B 508 10.32 -11.78 -11.84
C SER B 508 11.20 -12.52 -12.83
N GLN B 509 12.22 -11.83 -13.36
CA GLN B 509 13.10 -12.42 -14.35
C GLN B 509 14.53 -12.00 -14.07
N THR B 510 15.47 -12.84 -14.50
CA THR B 510 16.90 -12.57 -14.41
C THR B 510 17.41 -12.39 -15.84
N LEU B 511 17.35 -11.16 -16.34
CA LEU B 511 17.75 -10.89 -17.70
C LEU B 511 19.26 -11.06 -17.86
N ASN B 512 19.68 -11.62 -18.99
CA ASN B 512 21.09 -11.81 -19.28
C ASN B 512 21.49 -11.25 -20.64
N GLY B 513 20.60 -10.52 -21.31
CA GLY B 513 20.91 -9.87 -22.56
C GLY B 513 20.36 -10.53 -23.80
N SER B 514 19.24 -11.23 -23.71
CA SER B 514 18.63 -11.86 -24.86
C SER B 514 17.11 -11.72 -24.93
N GLU B 515 16.48 -11.04 -23.97
CA GLU B 515 15.03 -10.95 -23.97
C GLU B 515 14.54 -9.90 -24.97
N PHE B 516 15.07 -8.70 -24.89
CA PHE B 516 14.64 -7.61 -25.79
C PHE B 516 15.49 -7.57 -27.06
N GLN B 517 15.64 -8.74 -27.71
CA GLN B 517 16.49 -8.80 -28.90
C GLN B 517 15.85 -8.12 -30.11
N PRO B 518 14.60 -8.40 -30.48
CA PRO B 518 14.04 -7.74 -31.68
C PRO B 518 13.91 -6.23 -31.54
N LEU B 519 13.84 -5.70 -30.32
CA LEU B 519 13.68 -4.26 -30.11
C LEU B 519 15.03 -3.57 -30.36
N ALA B 520 15.38 -3.48 -31.63
CA ALA B 520 16.66 -2.89 -32.02
C ALA B 520 16.63 -1.37 -31.95
N GLU B 521 15.50 -0.75 -32.23
CA GLU B 521 15.39 0.70 -32.28
C GLU B 521 14.76 1.29 -31.02
N LEU B 522 14.68 0.51 -29.94
CA LEU B 522 14.07 1.01 -28.72
C LEU B 522 14.95 2.08 -28.08
N ARG B 523 14.34 3.19 -27.69
CA ARG B 523 15.05 4.28 -27.04
C ARG B 523 14.62 4.54 -25.62
N TYR B 524 13.40 4.17 -25.25
CA TYR B 524 12.88 4.37 -23.90
C TYR B 524 12.27 3.06 -23.42
N LEU B 525 12.70 2.61 -22.24
CA LEU B 525 12.17 1.40 -21.63
C LEU B 525 11.81 1.69 -20.18
N ASP B 526 10.60 1.33 -19.80
CA ASP B 526 10.11 1.52 -18.44
C ASP B 526 9.91 0.14 -17.80
N PHE B 527 10.56 -0.07 -16.66
CA PHE B 527 10.51 -1.36 -15.96
C PHE B 527 10.18 -1.15 -14.49
N SER B 528 9.39 -0.12 -14.20
CA SER B 528 9.05 0.20 -12.81
C SER B 528 8.07 -0.82 -12.25
N ASN B 529 8.04 -0.89 -10.91
CA ASN B 529 7.10 -1.75 -10.18
C ASN B 529 7.21 -3.21 -10.63
N ASN B 530 8.45 -3.68 -10.80
CA ASN B 530 8.67 -5.07 -11.18
C ASN B 530 9.64 -5.73 -10.21
N ARG B 531 10.07 -6.95 -10.53
CA ARG B 531 11.03 -7.69 -9.70
C ARG B 531 12.20 -8.09 -10.61
N LEU B 532 13.15 -7.18 -10.78
CA LEU B 532 14.28 -7.41 -11.66
C LEU B 532 15.46 -7.96 -10.84
N ASP B 533 16.02 -9.07 -11.31
CA ASP B 533 17.17 -9.70 -10.67
C ASP B 533 18.42 -9.33 -11.45
N LEU B 534 19.26 -8.48 -10.85
CA LEU B 534 20.48 -8.01 -11.50
C LEU B 534 21.65 -8.93 -11.16
N LEU B 535 21.51 -10.19 -11.55
CA LEU B 535 22.55 -11.19 -11.30
C LEU B 535 23.63 -11.20 -12.38
N HIS B 536 23.41 -10.51 -13.49
CA HIS B 536 24.36 -10.48 -14.59
C HIS B 536 24.59 -9.04 -15.03
N SER B 537 25.83 -8.75 -15.42
CA SER B 537 26.19 -7.42 -15.92
C SER B 537 25.83 -7.24 -17.38
N THR B 538 25.31 -8.27 -18.04
CA THR B 538 24.94 -8.20 -19.45
C THR B 538 23.48 -7.88 -19.66
N ALA B 539 22.77 -7.45 -18.62
CA ALA B 539 21.37 -7.07 -18.76
C ALA B 539 21.24 -5.83 -19.63
N PHE B 540 20.24 -5.83 -20.50
CA PHE B 540 19.97 -4.73 -21.42
C PHE B 540 21.16 -4.45 -22.34
N GLU B 541 21.95 -5.48 -22.62
CA GLU B 541 23.13 -5.29 -23.48
C GLU B 541 22.74 -5.14 -24.94
N GLU B 542 21.69 -5.84 -25.36
CA GLU B 542 21.29 -5.82 -26.77
C GLU B 542 20.49 -4.58 -27.14
N LEU B 543 20.09 -3.76 -26.17
CA LEU B 543 19.41 -2.51 -26.45
C LEU B 543 20.46 -1.46 -26.81
N ARG B 544 20.91 -1.53 -28.07
CA ARG B 544 22.02 -0.70 -28.51
C ARG B 544 21.65 0.78 -28.57
N LYS B 545 20.41 1.10 -28.90
CA LYS B 545 19.97 2.48 -29.06
C LYS B 545 19.20 3.00 -27.85
N LEU B 546 19.22 2.28 -26.74
CA LEU B 546 18.49 2.71 -25.56
C LEU B 546 19.08 3.99 -24.99
N GLU B 547 18.21 4.92 -24.60
CA GLU B 547 18.62 6.20 -24.05
C GLU B 547 18.18 6.40 -22.61
N VAL B 548 16.93 6.09 -22.29
CA VAL B 548 16.38 6.26 -20.94
C VAL B 548 15.95 4.90 -20.44
N LEU B 549 16.44 4.53 -19.25
CA LEU B 549 16.09 3.26 -18.61
C LEU B 549 15.55 3.53 -17.22
N ASP B 550 14.40 2.95 -16.90
CA ASP B 550 13.74 3.13 -15.62
C ASP B 550 13.55 1.77 -14.97
N ILE B 551 14.25 1.53 -13.87
CA ILE B 551 14.14 0.28 -13.13
C ILE B 551 13.75 0.56 -11.70
N SER B 552 12.95 1.61 -11.49
CA SER B 552 12.53 2.00 -10.16
C SER B 552 11.55 0.98 -9.59
N SER B 553 11.34 1.09 -8.27
CA SER B 553 10.37 0.26 -7.56
C SER B 553 10.60 -1.23 -7.78
N ASN B 554 11.86 -1.64 -7.75
CA ASN B 554 12.25 -3.05 -7.86
C ASN B 554 12.90 -3.51 -6.56
N SER B 555 12.28 -3.13 -5.43
CA SER B 555 12.91 -3.31 -4.13
C SER B 555 13.00 -4.78 -3.70
N HIS B 556 12.28 -5.68 -4.37
CA HIS B 556 12.20 -7.05 -3.89
C HIS B 556 13.57 -7.72 -3.87
N TYR B 557 14.19 -7.86 -5.04
CA TYR B 557 15.48 -8.53 -5.11
C TYR B 557 16.64 -7.66 -4.65
N PHE B 558 16.47 -6.34 -4.64
CA PHE B 558 17.51 -5.46 -4.11
C PHE B 558 17.54 -5.42 -2.60
N GLN B 559 16.43 -5.75 -1.93
CA GLN B 559 16.41 -5.76 -0.48
C GLN B 559 17.19 -6.94 0.09
N SER B 560 17.19 -8.07 -0.60
CA SER B 560 17.90 -9.24 -0.13
C SER B 560 19.41 -8.98 -0.10
N GLU B 561 20.07 -9.54 0.90
CA GLU B 561 21.51 -9.35 1.10
C GLU B 561 22.24 -10.64 0.81
N GLY B 562 23.44 -10.52 0.26
CA GLY B 562 24.28 -11.66 -0.06
C GLY B 562 24.25 -12.07 -1.51
N ILE B 563 23.23 -11.68 -2.26
CA ILE B 563 23.14 -12.01 -3.67
C ILE B 563 23.86 -10.93 -4.47
N THR B 564 24.34 -11.32 -5.66
CA THR B 564 25.10 -10.41 -6.50
C THR B 564 24.20 -9.29 -7.03
N HIS B 565 24.74 -8.08 -7.04
CA HIS B 565 24.04 -6.90 -7.56
C HIS B 565 24.99 -6.20 -8.53
N MET B 566 24.96 -6.63 -9.79
CA MET B 566 25.84 -6.07 -10.81
C MET B 566 25.37 -4.66 -11.16
N LEU B 567 25.97 -3.67 -10.51
CA LEU B 567 25.62 -2.27 -10.75
C LEU B 567 26.40 -1.66 -11.91
N ASN B 568 27.36 -2.39 -12.49
CA ASN B 568 28.13 -1.90 -13.62
C ASN B 568 27.54 -2.31 -14.96
N PHE B 569 26.25 -2.63 -14.99
CA PHE B 569 25.60 -3.03 -16.23
C PHE B 569 25.44 -1.89 -17.22
N THR B 570 25.65 -0.64 -16.80
CA THR B 570 25.51 0.50 -17.69
C THR B 570 26.71 0.67 -18.61
N LYS B 571 27.77 -0.11 -18.44
CA LYS B 571 28.95 0.02 -19.28
C LYS B 571 28.63 -0.34 -20.73
N ASN B 572 27.82 -1.38 -20.94
CA ASN B 572 27.51 -1.81 -22.29
C ASN B 572 26.58 -0.83 -23.01
N LEU B 573 25.73 -0.12 -22.26
CA LEU B 573 24.81 0.85 -22.85
C LEU B 573 25.61 2.06 -23.31
N LYS B 574 25.87 2.13 -24.62
CA LYS B 574 26.76 3.15 -25.15
C LYS B 574 26.11 4.52 -25.25
N VAL B 575 24.81 4.58 -25.53
CA VAL B 575 24.14 5.85 -25.75
C VAL B 575 23.11 6.14 -24.65
N LEU B 576 23.26 5.51 -23.49
CA LEU B 576 22.35 5.77 -22.38
C LEU B 576 22.56 7.18 -21.84
N GLN B 577 21.47 7.92 -21.68
CA GLN B 577 21.51 9.30 -21.22
C GLN B 577 20.95 9.48 -19.82
N LYS B 578 19.82 8.86 -19.52
CA LYS B 578 19.16 8.99 -18.21
C LYS B 578 18.89 7.61 -17.65
N LEU B 579 19.12 7.46 -16.35
CA LEU B 579 18.89 6.20 -15.65
C LEU B 579 18.21 6.49 -14.32
N MET B 580 16.96 6.03 -14.19
CA MET B 580 16.18 6.22 -12.97
C MET B 580 16.05 4.87 -12.28
N MET B 581 16.72 4.73 -11.13
CA MET B 581 16.64 3.51 -10.32
C MET B 581 16.32 3.87 -8.88
N ASN B 582 15.44 4.84 -8.68
CA ASN B 582 15.10 5.29 -7.35
C ASN B 582 14.09 4.36 -6.69
N ASP B 583 13.97 4.50 -5.37
CA ASP B 583 13.05 3.69 -4.56
C ASP B 583 13.32 2.20 -4.74
N ASN B 584 14.60 1.83 -4.80
CA ASN B 584 15.02 0.45 -4.95
C ASN B 584 15.56 -0.17 -3.67
N ASP B 585 15.83 0.64 -2.65
CA ASP B 585 16.37 0.16 -1.38
C ASP B 585 17.68 -0.60 -1.57
N ILE B 586 18.53 -0.09 -2.45
CA ILE B 586 19.82 -0.72 -2.71
C ILE B 586 20.71 -0.54 -1.49
N SER B 587 21.14 -1.66 -0.89
CA SER B 587 21.99 -1.62 0.28
C SER B 587 23.36 -2.23 0.06
N SER B 588 23.53 -3.08 -0.94
CA SER B 588 24.82 -3.69 -1.24
C SER B 588 24.99 -3.78 -2.75
N SER B 589 26.24 -3.84 -3.19
CA SER B 589 26.55 -3.91 -4.61
C SER B 589 27.80 -4.74 -4.80
N THR B 590 27.72 -5.75 -5.67
CA THR B 590 28.89 -6.55 -5.98
C THR B 590 29.93 -5.72 -6.74
N SER B 591 29.48 -4.97 -7.74
CA SER B 591 30.39 -4.11 -8.49
C SER B 591 30.86 -2.95 -7.64
N ARG B 592 32.16 -2.68 -7.70
CA ARG B 592 32.73 -1.60 -6.89
C ARG B 592 32.36 -0.23 -7.45
N THR B 593 32.35 -0.09 -8.77
CA THR B 593 32.09 1.19 -9.42
C THR B 593 31.08 1.00 -10.54
N MET B 594 30.40 2.10 -10.88
CA MET B 594 29.48 2.13 -12.00
C MET B 594 30.14 2.88 -13.16
N GLU B 595 30.17 2.23 -14.32
CA GLU B 595 30.86 2.76 -15.49
C GLU B 595 29.85 3.12 -16.57
N SER B 596 29.97 4.32 -17.12
CA SER B 596 29.13 4.77 -18.22
C SER B 596 29.79 5.98 -18.86
N GLU B 597 29.99 5.92 -20.18
CA GLU B 597 30.65 6.98 -20.91
C GLU B 597 29.69 8.01 -21.50
N SER B 598 28.39 7.83 -21.32
CA SER B 598 27.41 8.74 -21.88
C SER B 598 26.30 9.12 -20.91
N LEU B 599 26.23 8.52 -19.73
CA LEU B 599 25.16 8.82 -18.79
C LEU B 599 25.27 10.26 -18.31
N ARG B 600 24.14 10.97 -18.30
CA ARG B 600 24.11 12.37 -17.89
C ARG B 600 23.24 12.62 -16.67
N THR B 601 22.16 11.86 -16.48
CA THR B 601 21.27 12.01 -15.33
C THR B 601 21.16 10.68 -14.62
N LEU B 602 21.22 10.72 -13.29
CA LEU B 602 21.12 9.52 -12.47
C LEU B 602 20.27 9.84 -11.24
N GLU B 603 19.15 9.14 -11.12
CA GLU B 603 18.26 9.28 -9.96
C GLU B 603 18.47 8.09 -9.04
N PHE B 604 18.93 8.35 -7.82
CA PHE B 604 19.26 7.32 -6.85
C PHE B 604 18.57 7.57 -5.52
N ARG B 605 17.35 8.12 -5.58
CA ARG B 605 16.63 8.49 -4.39
C ARG B 605 15.93 7.28 -3.77
N GLY B 606 15.64 7.39 -2.47
CA GLY B 606 14.92 6.33 -1.79
C GLY B 606 15.67 5.02 -1.71
N ASN B 607 16.99 5.07 -1.57
CA ASN B 607 17.83 3.89 -1.45
C ASN B 607 18.51 3.90 -0.08
N HIS B 608 19.43 2.96 0.12
CA HIS B 608 20.18 2.84 1.37
C HIS B 608 21.65 3.08 1.03
N LEU B 609 22.05 4.34 0.99
CA LEU B 609 23.44 4.69 0.76
C LEU B 609 24.25 4.81 2.05
N ASP B 610 23.58 4.82 3.21
CA ASP B 610 24.32 4.87 4.46
C ASP B 610 25.10 3.57 4.69
N VAL B 611 24.50 2.42 4.38
CA VAL B 611 25.20 1.16 4.53
C VAL B 611 26.32 1.04 3.51
N LEU B 612 26.10 1.54 2.29
CA LEU B 612 27.15 1.53 1.28
C LEU B 612 28.31 2.43 1.70
N TRP B 613 28.02 3.57 2.30
CA TRP B 613 29.03 4.49 2.80
C TRP B 613 29.19 4.41 4.31
N ARG B 614 29.08 3.20 4.86
CA ARG B 614 29.23 3.00 6.30
C ARG B 614 30.66 3.34 6.73
N ASP B 615 30.78 3.77 7.99
CA ASP B 615 32.10 4.10 8.53
C ASP B 615 33.01 2.88 8.52
N GLY B 616 34.24 3.09 8.06
CA GLY B 616 35.18 2.00 7.92
C GLY B 616 35.06 1.20 6.65
N ASP B 617 34.11 1.52 5.78
CA ASP B 617 33.91 0.83 4.51
C ASP B 617 34.17 1.83 3.40
N ASN B 618 35.37 1.76 2.82
CA ASN B 618 35.78 2.65 1.74
C ASN B 618 35.69 1.97 0.37
N ARG B 619 35.03 0.82 0.29
CA ARG B 619 34.94 0.12 -0.99
C ARG B 619 34.10 0.90 -2.00
N TYR B 620 32.96 1.43 -1.57
CA TYR B 620 32.03 2.11 -2.47
C TYR B 620 32.11 3.63 -2.36
N LEU B 621 33.28 4.16 -2.00
CA LEU B 621 33.44 5.60 -1.92
C LEU B 621 33.37 6.24 -3.29
N GLN B 622 34.13 5.71 -4.25
CA GLN B 622 34.12 6.22 -5.62
C GLN B 622 33.12 5.46 -6.50
N LEU B 623 31.88 5.38 -6.03
CA LEU B 623 30.86 4.63 -6.77
C LEU B 623 30.47 5.35 -8.06
N PHE B 624 30.38 6.67 -8.03
CA PHE B 624 29.97 7.46 -9.18
C PHE B 624 31.13 8.14 -9.88
N LYS B 625 32.37 7.77 -9.56
CA LYS B 625 33.52 8.44 -10.13
C LYS B 625 33.64 8.18 -11.63
N ASN B 626 33.35 6.96 -12.07
CA ASN B 626 33.56 6.59 -13.47
C ASN B 626 32.52 7.18 -14.40
N LEU B 627 31.43 7.74 -13.88
CA LEU B 627 30.41 8.38 -14.71
C LEU B 627 30.96 9.73 -15.17
N LEU B 628 31.74 9.69 -16.25
CA LEU B 628 32.47 10.87 -16.69
C LEU B 628 31.54 11.98 -17.15
N LYS B 629 30.49 11.64 -17.90
CA LYS B 629 29.59 12.64 -18.46
C LYS B 629 28.41 12.95 -17.57
N LEU B 630 28.37 12.41 -16.35
CA LEU B 630 27.26 12.68 -15.45
C LEU B 630 27.22 14.16 -15.07
N GLU B 631 26.02 14.73 -15.08
CA GLU B 631 25.84 16.13 -14.73
C GLU B 631 24.77 16.38 -13.68
N GLU B 632 23.91 15.41 -13.40
CA GLU B 632 22.84 15.58 -12.42
C GLU B 632 22.76 14.34 -11.54
N LEU B 633 22.76 14.56 -10.23
CA LEU B 633 22.65 13.49 -9.26
C LEU B 633 21.48 13.78 -8.33
N ASP B 634 20.74 12.73 -7.97
CA ASP B 634 19.54 12.85 -7.14
C ASP B 634 19.59 11.86 -5.98
N ILE B 635 20.69 11.88 -5.23
CA ILE B 635 20.82 11.01 -4.06
C ILE B 635 20.11 11.65 -2.89
N SER B 636 18.82 11.35 -2.73
CA SER B 636 18.00 11.91 -1.67
C SER B 636 17.21 10.80 -0.99
N LYS B 637 16.74 11.09 0.22
CA LYS B 637 15.97 10.14 1.01
C LYS B 637 16.74 8.84 1.22
N ASN B 638 18.06 8.96 1.37
CA ASN B 638 18.93 7.81 1.53
C ASN B 638 19.31 7.55 2.98
N SER B 639 18.65 8.22 3.92
CA SER B 639 18.92 8.07 5.35
C SER B 639 20.39 8.33 5.66
N LEU B 640 20.97 9.32 4.99
CA LEU B 640 22.37 9.67 5.19
C LEU B 640 22.49 10.58 6.40
N SER B 641 22.86 10.00 7.54
CA SER B 641 23.06 10.79 8.74
C SER B 641 24.25 11.74 8.59
N PHE B 642 25.32 11.26 7.95
CA PHE B 642 26.50 12.08 7.73
C PHE B 642 27.20 11.61 6.47
N LEU B 643 28.00 12.49 5.88
CA LEU B 643 28.75 12.18 4.68
C LEU B 643 30.18 11.86 5.05
N PRO B 644 30.66 10.63 4.81
CA PRO B 644 32.05 10.31 5.11
C PRO B 644 33.01 11.11 4.26
N SER B 645 34.15 11.46 4.86
CA SER B 645 35.14 12.25 4.16
C SER B 645 35.77 11.44 3.03
N GLY B 646 35.61 11.91 1.80
CA GLY B 646 36.16 11.23 0.65
C GLY B 646 35.17 11.00 -0.46
N VAL B 647 33.88 11.07 -0.14
CA VAL B 647 32.85 10.87 -1.16
C VAL B 647 32.89 12.00 -2.18
N PHE B 648 33.17 13.22 -1.73
CA PHE B 648 33.26 14.35 -2.66
C PHE B 648 34.44 14.20 -3.60
N ASP B 649 35.53 13.61 -3.14
CA ASP B 649 36.65 13.32 -4.03
C ASP B 649 36.29 12.28 -5.08
N GLY B 650 35.39 11.37 -4.74
CA GLY B 650 34.93 10.33 -5.65
C GLY B 650 33.76 10.71 -6.51
N MET B 651 33.33 11.97 -6.49
CA MET B 651 32.22 12.41 -7.32
C MET B 651 32.69 12.62 -8.75
N PRO B 652 31.77 12.51 -9.72
CA PRO B 652 32.15 12.73 -11.13
C PRO B 652 32.64 14.15 -11.34
N PRO B 653 33.59 14.34 -12.26
CA PRO B 653 34.17 15.69 -12.45
C PRO B 653 33.19 16.69 -13.02
N ASN B 654 32.23 16.26 -13.83
CA ASN B 654 31.30 17.17 -14.50
C ASN B 654 29.96 17.26 -13.77
N LEU B 655 29.95 17.02 -12.46
CA LEU B 655 28.70 17.12 -11.71
C LEU B 655 28.22 18.57 -11.65
N LYS B 656 26.93 18.77 -11.91
CA LYS B 656 26.35 20.11 -11.95
C LYS B 656 25.07 20.24 -11.14
N ASN B 657 24.36 19.15 -10.86
CA ASN B 657 23.09 19.20 -10.14
C ASN B 657 23.13 18.13 -9.05
N LEU B 658 23.43 18.54 -7.83
CA LEU B 658 23.51 17.63 -6.69
C LEU B 658 22.36 17.91 -5.73
N SER B 659 21.62 16.87 -5.37
CA SER B 659 20.48 16.98 -4.47
C SER B 659 20.67 16.02 -3.30
N LEU B 660 20.44 16.51 -2.09
CA LEU B 660 20.53 15.72 -0.87
C LEU B 660 19.35 16.01 0.04
N ALA B 661 18.16 16.13 -0.54
CA ALA B 661 16.98 16.51 0.21
C ALA B 661 16.44 15.34 1.03
N LYS B 662 15.84 15.67 2.17
CA LYS B 662 15.18 14.68 3.03
C LYS B 662 16.13 13.54 3.42
N ASN B 663 17.38 13.90 3.71
CA ASN B 663 18.39 12.91 4.05
C ASN B 663 18.72 12.86 5.54
N GLY B 664 18.43 13.93 6.27
CA GLY B 664 18.75 13.96 7.69
C GLY B 664 20.22 14.17 7.99
N LEU B 665 20.88 15.04 7.23
CA LEU B 665 22.30 15.33 7.43
C LEU B 665 22.49 16.03 8.77
N LYS B 666 23.01 15.30 9.75
CA LYS B 666 23.25 15.89 11.06
C LYS B 666 24.34 16.96 10.99
N SER B 667 25.41 16.70 10.25
CA SER B 667 26.50 17.64 10.10
C SER B 667 27.12 17.45 8.72
N PHE B 668 26.94 18.44 7.86
CA PHE B 668 27.44 18.38 6.49
C PHE B 668 28.66 19.28 6.36
N ILE B 669 29.79 18.70 5.97
CA ILE B 669 31.00 19.48 5.80
C ILE B 669 30.88 20.38 4.58
N TRP B 670 31.63 21.49 4.60
CA TRP B 670 31.58 22.47 3.53
C TRP B 670 32.90 22.71 2.83
N GLU B 671 34.04 22.47 3.49
CA GLU B 671 35.32 22.68 2.85
C GLU B 671 35.59 21.70 1.73
N LYS B 672 34.91 20.54 1.73
CA LYS B 672 35.10 19.54 0.70
C LYS B 672 34.40 19.89 -0.61
N LEU B 673 33.56 20.92 -0.63
CA LEU B 673 32.90 21.34 -1.86
C LEU B 673 33.87 21.90 -2.89
N ARG B 674 35.10 22.23 -2.47
CA ARG B 674 36.09 22.73 -3.41
C ARG B 674 36.47 21.69 -4.47
N TYR B 675 36.30 20.41 -4.18
CA TYR B 675 36.60 19.38 -5.15
C TYR B 675 35.68 19.47 -6.36
N LEU B 676 34.40 19.73 -6.13
CA LEU B 676 33.43 19.86 -7.21
C LEU B 676 33.62 21.22 -7.87
N LYS B 677 34.26 21.24 -9.03
CA LYS B 677 34.56 22.47 -9.73
C LYS B 677 33.46 22.87 -10.71
N ASN B 678 32.35 22.15 -10.75
CA ASN B 678 31.25 22.47 -11.65
C ASN B 678 29.89 22.46 -10.96
N LEU B 679 29.86 22.44 -9.63
CA LEU B 679 28.60 22.41 -8.91
C LEU B 679 27.89 23.75 -9.04
N GLU B 680 26.59 23.70 -9.34
CA GLU B 680 25.80 24.93 -9.49
C GLU B 680 24.44 24.89 -8.81
N THR B 681 23.90 23.72 -8.48
CA THR B 681 22.54 23.60 -7.97
C THR B 681 22.51 22.69 -6.74
N LEU B 682 23.39 22.95 -5.78
CA LEU B 682 23.40 22.18 -4.54
C LEU B 682 22.08 22.35 -3.80
N ASP B 683 21.50 21.24 -3.37
CA ASP B 683 20.21 21.23 -2.69
C ASP B 683 20.34 20.44 -1.40
N LEU B 684 20.01 21.07 -0.27
CA LEU B 684 20.05 20.44 1.04
C LEU B 684 18.76 20.67 1.81
N SER B 685 17.63 20.71 1.10
CA SER B 685 16.36 21.01 1.74
C SER B 685 15.89 19.84 2.59
N HIS B 686 15.03 20.16 3.57
CA HIS B 686 14.41 19.16 4.44
C HIS B 686 15.46 18.31 5.15
N ASN B 687 16.56 18.93 5.54
CA ASN B 687 17.64 18.26 6.24
C ASN B 687 17.71 18.76 7.68
N GLN B 688 18.67 18.23 8.44
CA GLN B 688 18.86 18.58 9.84
C GLN B 688 20.21 19.25 10.06
N LEU B 689 20.65 20.03 9.08
CA LEU B 689 21.89 20.79 9.24
C LEU B 689 21.71 21.83 10.34
N THR B 690 22.84 22.32 10.86
CA THR B 690 22.79 23.30 11.94
C THR B 690 23.78 24.45 11.78
N THR B 691 24.70 24.40 10.83
CA THR B 691 25.71 25.45 10.70
C THR B 691 25.97 25.73 9.23
N VAL B 692 25.99 27.01 8.87
CA VAL B 692 26.31 27.44 7.51
C VAL B 692 27.83 27.53 7.39
N PRO B 693 28.39 27.49 6.18
CA PRO B 693 29.86 27.59 6.06
C PRO B 693 30.37 28.95 6.48
N GLU B 694 31.63 28.97 6.92
CA GLU B 694 32.25 30.21 7.34
C GLU B 694 32.34 31.22 6.20
N ARG B 695 32.73 30.75 5.02
CA ARG B 695 32.82 31.60 3.84
C ARG B 695 32.41 30.79 2.63
N LEU B 696 31.30 31.17 2.00
CA LEU B 696 30.81 30.44 0.83
C LEU B 696 31.74 30.60 -0.36
N SER B 697 32.45 31.73 -0.45
CA SER B 697 33.40 31.91 -1.54
C SER B 697 34.55 30.91 -1.44
N ASN B 698 34.99 30.59 -0.22
CA ASN B 698 36.07 29.63 -0.05
C ASN B 698 35.61 28.20 -0.29
N CYS B 699 34.31 27.92 -0.19
CA CYS B 699 33.82 26.56 -0.36
C CYS B 699 33.68 26.20 -1.83
N SER B 700 32.82 26.94 -2.55
CA SER B 700 32.58 26.68 -3.97
C SER B 700 32.74 27.97 -4.75
N ARG B 701 33.40 27.88 -5.90
CA ARG B 701 33.60 29.02 -6.77
C ARG B 701 32.56 29.11 -7.89
N SER B 702 31.58 28.21 -7.91
CA SER B 702 30.58 28.22 -8.96
C SER B 702 29.16 27.95 -8.46
N LEU B 703 28.95 27.81 -7.15
CA LEU B 703 27.61 27.55 -6.64
C LEU B 703 26.74 28.78 -6.82
N LYS B 704 25.52 28.57 -7.34
CA LYS B 704 24.61 29.68 -7.59
C LYS B 704 23.17 29.38 -7.23
N ASN B 705 22.84 28.19 -6.76
CA ASN B 705 21.47 27.80 -6.47
C ASN B 705 21.38 27.09 -5.12
N LEU B 706 21.97 27.70 -4.10
CA LEU B 706 21.92 27.11 -2.76
C LEU B 706 20.49 27.05 -2.25
N ILE B 707 20.10 25.89 -1.73
CA ILE B 707 18.77 25.68 -1.19
C ILE B 707 18.90 25.03 0.18
N LEU B 708 18.25 25.62 1.18
CA LEU B 708 18.28 25.11 2.54
C LEU B 708 16.88 25.16 3.15
N LYS B 709 15.89 24.75 2.36
CA LYS B 709 14.50 24.80 2.80
C LYS B 709 14.25 23.79 3.92
N ASN B 710 13.38 24.18 4.87
CA ASN B 710 12.94 23.31 5.95
C ASN B 710 14.13 22.73 6.73
N ASN B 711 15.14 23.57 6.96
CA ASN B 711 16.30 23.19 7.73
C ASN B 711 16.19 23.76 9.14
N GLN B 712 17.20 23.47 9.96
CA GLN B 712 17.23 23.92 11.36
C GLN B 712 18.51 24.72 11.57
N ILE B 713 18.48 25.99 11.18
CA ILE B 713 19.62 26.89 11.31
C ILE B 713 19.20 28.06 12.19
N ARG B 714 19.93 28.27 13.28
CA ARG B 714 19.58 29.34 14.21
C ARG B 714 20.31 30.65 13.92
N SER B 715 21.50 30.59 13.35
CA SER B 715 22.26 31.79 13.04
C SER B 715 23.16 31.53 11.85
N LEU B 716 23.58 32.61 11.20
CA LEU B 716 24.49 32.56 10.08
C LEU B 716 25.84 33.13 10.47
N THR B 717 26.87 32.74 9.72
CA THR B 717 28.21 33.26 9.97
C THR B 717 28.28 34.73 9.60
N LYS B 718 29.21 35.43 10.25
CA LYS B 718 29.37 36.87 10.03
C LYS B 718 29.95 37.20 8.65
N TYR B 719 30.43 36.19 7.91
CA TYR B 719 30.93 36.38 6.55
C TYR B 719 30.36 35.30 5.64
N PHE B 720 29.05 35.05 5.75
CA PHE B 720 28.43 33.97 4.98
C PHE B 720 28.48 34.25 3.48
N LEU B 721 28.18 35.49 3.07
CA LEU B 721 28.13 35.82 1.66
C LEU B 721 29.18 36.84 1.29
N GLN B 722 30.40 36.66 1.78
CA GLN B 722 31.50 37.58 1.52
C GLN B 722 32.16 37.21 0.20
N ASP B 723 32.15 38.16 -0.75
CA ASP B 723 32.81 38.02 -2.05
C ASP B 723 32.25 36.86 -2.87
N ALA B 724 31.00 36.47 -2.62
CA ALA B 724 30.36 35.39 -3.36
C ALA B 724 29.47 36.00 -4.44
N PHE B 725 30.12 36.51 -5.49
CA PHE B 725 29.41 37.18 -6.58
C PHE B 725 28.80 36.22 -7.58
N GLN B 726 29.18 34.95 -7.55
CA GLN B 726 28.67 33.98 -8.52
C GLN B 726 27.33 33.39 -8.13
N LEU B 727 26.81 33.71 -6.94
CA LEU B 727 25.55 33.16 -6.48
C LEU B 727 24.40 33.97 -7.04
N ARG B 728 23.33 33.27 -7.44
CA ARG B 728 22.14 33.91 -7.96
C ARG B 728 20.85 33.47 -7.27
N TYR B 729 20.82 32.30 -6.65
CA TYR B 729 19.65 31.80 -5.95
C TYR B 729 20.04 31.36 -4.55
N LEU B 730 19.19 31.67 -3.57
CA LEU B 730 19.45 31.34 -2.19
C LEU B 730 18.12 31.16 -1.46
N ASP B 731 18.07 30.16 -0.57
CA ASP B 731 16.85 29.83 0.15
C ASP B 731 17.19 29.47 1.58
N LEU B 732 16.55 30.14 2.54
CA LEU B 732 16.69 29.84 3.96
C LEU B 732 15.33 29.77 4.64
N SER B 733 14.28 29.46 3.87
CA SER B 733 12.93 29.46 4.42
C SER B 733 12.74 28.26 5.35
N SER B 734 11.75 28.40 6.24
CA SER B 734 11.37 27.35 7.18
C SER B 734 12.55 26.92 8.06
N ASN B 735 13.26 27.90 8.60
CA ASN B 735 14.38 27.67 9.49
C ASN B 735 14.09 28.28 10.86
N LYS B 736 15.07 28.18 11.76
CA LYS B 736 14.97 28.75 13.10
C LYS B 736 15.89 29.96 13.27
N ILE B 737 16.13 30.69 12.18
CA ILE B 737 17.04 31.83 12.22
C ILE B 737 16.43 32.94 13.08
N GLN B 738 17.30 33.68 13.77
CA GLN B 738 16.88 34.74 14.68
C GLN B 738 17.10 36.14 14.10
N MET B 739 18.29 36.41 13.58
CA MET B 739 18.60 37.73 13.06
C MET B 739 19.67 37.62 11.98
N ILE B 740 19.76 38.66 11.16
CA ILE B 740 20.75 38.74 10.09
C ILE B 740 21.52 40.04 10.26
N GLN B 741 22.85 39.95 10.29
CA GLN B 741 23.70 41.11 10.44
C GLN B 741 24.05 41.70 9.07
N LYS B 742 24.48 42.96 9.09
CA LYS B 742 24.83 43.65 7.84
C LYS B 742 26.08 43.02 7.21
N THR B 743 27.08 42.68 8.01
CA THR B 743 28.34 42.17 7.49
C THR B 743 28.20 40.80 6.83
N SER B 744 27.09 40.09 7.06
CA SER B 744 26.89 38.79 6.44
C SER B 744 26.10 38.86 5.15
N PHE B 745 25.40 39.96 4.89
CA PHE B 745 24.57 40.13 3.70
C PHE B 745 24.93 41.45 3.03
N PRO B 746 26.05 41.49 2.31
CA PRO B 746 26.42 42.72 1.60
C PRO B 746 25.46 43.02 0.48
N GLU B 747 25.25 44.31 0.23
CA GLU B 747 24.31 44.73 -0.80
C GLU B 747 24.85 44.44 -2.20
N ASN B 748 26.18 44.42 -2.37
CA ASN B 748 26.75 44.13 -3.67
C ASN B 748 26.39 42.74 -4.14
N VAL B 749 26.45 41.74 -3.25
CA VAL B 749 26.03 40.39 -3.60
C VAL B 749 24.51 40.32 -3.76
N LEU B 750 23.78 41.01 -2.88
CA LEU B 750 22.32 40.95 -2.90
C LEU B 750 21.72 41.60 -4.15
N ASN B 751 22.47 42.48 -4.82
CA ASN B 751 21.91 43.17 -5.98
C ASN B 751 21.67 42.21 -7.13
N ASN B 752 22.55 41.22 -7.31
CA ASN B 752 22.45 40.30 -8.44
C ASN B 752 21.63 39.05 -8.12
N LEU B 753 21.05 38.95 -6.93
CA LEU B 753 20.28 37.78 -6.56
C LEU B 753 18.92 37.81 -7.26
N LYS B 754 18.60 36.74 -7.98
CA LYS B 754 17.33 36.68 -8.69
C LYS B 754 16.17 36.43 -7.71
N MET B 755 16.38 35.56 -6.73
CA MET B 755 15.33 35.20 -5.79
C MET B 755 15.95 34.90 -4.43
N LEU B 756 15.22 35.23 -3.37
CA LEU B 756 15.66 34.99 -2.00
C LEU B 756 14.45 34.80 -1.12
N LEU B 757 14.44 33.72 -0.35
CA LEU B 757 13.30 33.33 0.46
C LEU B 757 13.70 33.31 1.93
N LEU B 758 12.95 34.05 2.76
CA LEU B 758 13.16 34.08 4.19
C LEU B 758 11.83 34.08 4.93
N HIS B 759 10.91 33.23 4.49
CA HIS B 759 9.57 33.18 5.05
C HIS B 759 9.39 31.94 5.92
N HIS B 760 8.34 31.98 6.75
CA HIS B 760 7.97 30.88 7.63
C HIS B 760 9.11 30.48 8.57
N ASN B 761 9.77 31.49 9.15
CA ASN B 761 10.87 31.23 10.08
C ASN B 761 10.62 31.94 11.40
N ARG B 762 11.63 31.97 12.27
CA ARG B 762 11.46 32.49 13.62
C ARG B 762 12.25 33.78 13.84
N PHE B 763 12.14 34.71 12.90
CA PHE B 763 12.78 36.01 13.07
C PHE B 763 12.22 36.74 14.29
N LEU B 764 13.10 37.43 15.01
CA LEU B 764 12.71 38.28 16.12
C LEU B 764 12.78 39.73 15.70
N CYS B 765 11.68 40.46 15.88
CA CYS B 765 11.59 41.86 15.45
C CYS B 765 11.82 42.78 16.65
N THR B 766 13.08 42.83 17.07
CA THR B 766 13.51 43.70 18.17
C THR B 766 14.37 44.84 17.60
N CYS B 767 14.94 45.62 18.51
CA CYS B 767 15.73 46.79 18.12
C CYS B 767 17.16 46.44 17.71
N ASP B 768 17.51 45.16 17.65
CA ASP B 768 18.86 44.74 17.29
C ASP B 768 19.02 44.50 15.79
N ALA B 769 17.95 44.58 15.01
CA ALA B 769 17.99 44.30 13.58
C ALA B 769 17.41 45.48 12.80
N VAL B 770 17.82 46.70 13.17
CA VAL B 770 17.32 47.87 12.48
C VAL B 770 17.81 47.92 11.04
N TRP B 771 19.04 47.45 10.80
CA TRP B 771 19.54 47.40 9.42
C TRP B 771 18.74 46.42 8.59
N PHE B 772 18.43 45.25 9.14
CA PHE B 772 17.61 44.28 8.43
C PHE B 772 16.22 44.82 8.16
N VAL B 773 15.63 45.50 9.15
CA VAL B 773 14.29 46.06 8.97
C VAL B 773 14.30 47.12 7.88
N TRP B 774 15.34 47.97 7.86
CA TRP B 774 15.42 48.99 6.83
C TRP B 774 15.63 48.38 5.45
N TRP B 775 16.49 47.37 5.35
CA TRP B 775 16.83 46.80 4.04
C TRP B 775 15.69 45.98 3.46
N VAL B 776 14.96 45.24 4.30
CA VAL B 776 13.90 44.38 3.78
C VAL B 776 12.79 45.19 3.12
N GLN B 777 12.58 46.44 3.54
CA GLN B 777 11.53 47.29 2.98
C GLN B 777 12.11 48.38 2.08
N HIS B 778 13.36 48.24 1.65
CA HIS B 778 13.97 49.24 0.78
C HIS B 778 14.80 48.62 -0.34
N THR B 779 14.68 47.32 -0.60
CA THR B 779 15.44 46.65 -1.63
C THR B 779 14.51 46.10 -2.71
N GLU B 780 15.09 45.76 -3.85
CA GLU B 780 14.35 45.23 -4.99
C GLU B 780 14.51 43.73 -5.14
N VAL B 781 15.04 43.05 -4.14
CA VAL B 781 15.22 41.60 -4.22
C VAL B 781 13.86 40.92 -4.14
N THR B 782 13.61 40.01 -5.08
CA THR B 782 12.32 39.30 -5.15
C THR B 782 12.22 38.35 -3.96
N ILE B 783 11.43 38.74 -2.96
CA ILE B 783 11.21 37.94 -1.77
C ILE B 783 9.72 37.58 -1.72
N PRO B 784 9.37 36.35 -2.10
CA PRO B 784 7.96 35.95 -2.07
C PRO B 784 7.44 35.82 -0.65
N TYR B 785 6.13 36.01 -0.50
CA TYR B 785 5.46 35.90 0.79
C TYR B 785 6.07 36.84 1.82
N LEU B 786 6.40 38.07 1.38
CA LEU B 786 7.07 39.02 2.27
C LEU B 786 6.11 39.60 3.31
N ALA B 787 4.82 39.65 3.00
CA ALA B 787 3.83 40.24 3.90
C ALA B 787 2.77 39.25 4.34
N THR B 788 2.97 37.96 4.10
CA THR B 788 1.95 36.97 4.47
C THR B 788 2.50 35.84 5.31
N ASP B 789 3.72 35.38 5.04
CA ASP B 789 4.28 34.22 5.73
C ASP B 789 5.30 34.60 6.80
N VAL B 790 6.24 35.49 6.47
CA VAL B 790 7.27 35.89 7.42
C VAL B 790 6.66 36.85 8.43
N THR B 791 6.69 36.46 9.71
CA THR B 791 6.16 37.26 10.80
C THR B 791 7.27 37.51 11.82
N CYS B 792 6.89 38.08 12.96
CA CYS B 792 7.80 38.37 14.06
C CYS B 792 7.40 37.56 15.27
N VAL B 793 8.36 36.84 15.86
CA VAL B 793 8.08 36.05 17.05
C VAL B 793 7.74 36.95 18.23
N GLY B 794 8.51 38.02 18.41
CA GLY B 794 8.27 38.95 19.49
C GLY B 794 8.91 40.30 19.21
N PRO B 795 9.16 41.07 20.29
CA PRO B 795 8.90 40.76 21.69
C PRO B 795 7.56 41.30 22.18
N GLY B 796 6.74 40.47 22.81
CA GLY B 796 5.48 40.92 23.37
C GLY B 796 4.39 41.15 22.34
N ALA B 797 4.04 42.42 22.14
CA ALA B 797 2.95 42.78 21.24
C ALA B 797 3.31 42.62 19.77
N HIS B 798 4.59 42.37 19.45
CA HIS B 798 5.03 42.24 18.07
C HIS B 798 4.79 40.85 17.50
N LYS B 799 3.95 40.03 18.15
CA LYS B 799 3.66 38.70 17.63
C LYS B 799 2.81 38.79 16.37
N GLY B 800 3.25 38.11 15.32
CA GLY B 800 2.52 38.12 14.07
C GLY B 800 2.65 39.39 13.25
N GLN B 801 3.51 40.31 13.66
CA GLN B 801 3.68 41.56 12.93
C GLN B 801 4.43 41.32 11.62
N SER B 802 4.07 42.09 10.60
CA SER B 802 4.74 42.01 9.32
C SER B 802 6.05 42.78 9.37
N VAL B 803 7.13 42.15 8.89
CA VAL B 803 8.44 42.79 8.92
C VAL B 803 8.47 43.98 7.97
N ILE B 804 7.89 43.83 6.78
CA ILE B 804 7.86 44.93 5.82
C ILE B 804 6.95 46.06 6.29
N SER B 805 6.01 45.77 7.19
CA SER B 805 5.11 46.77 7.75
C SER B 805 5.55 47.23 9.13
N LEU B 806 6.85 47.27 9.38
CA LEU B 806 7.41 47.66 10.66
C LEU B 806 8.11 49.00 10.54
N ASP B 807 7.93 49.84 11.56
CA ASP B 807 8.58 51.15 11.61
C ASP B 807 8.88 51.46 13.07
N LEU B 808 10.09 51.14 13.51
CA LEU B 808 10.49 51.35 14.90
C LEU B 808 11.05 52.76 15.03
N TYR B 809 10.17 53.71 15.36
CA TYR B 809 10.59 55.09 15.53
C TYR B 809 11.44 55.26 16.78
N THR B 810 11.15 54.50 17.84
CA THR B 810 11.90 54.60 19.08
C THR B 810 13.30 54.00 18.98
N CYS B 811 13.60 53.25 17.92
CA CYS B 811 14.90 52.64 17.77
C CYS B 811 15.94 53.67 17.31
O5' OMG C 1 7.08 -13.47 -12.81
C5' OMG C 1 6.62 -13.92 -11.55
C4' OMG C 1 6.19 -15.36 -11.63
O4' OMG C 1 6.13 -15.80 -12.98
C3' OMG C 1 7.20 -16.27 -11.01
O3' OMG C 1 6.98 -16.30 -9.62
C2' OMG C 1 6.88 -17.57 -11.68
O2' OMG C 1 5.75 -18.09 -11.03
CM2 OMG C 1 5.76 -19.51 -10.99
C1' OMG C 1 6.48 -17.17 -13.06
N9 OMG C 1 7.62 -17.27 -13.96
C8 OMG C 1 8.67 -16.44 -13.94
N7 OMG C 1 9.57 -16.78 -14.87
C5 OMG C 1 9.08 -17.84 -15.51
C6 OMG C 1 9.54 -18.69 -16.60
O6 OMG C 1 10.61 -18.47 -17.16
N1 OMG C 1 8.77 -19.69 -16.99
C2 OMG C 1 7.61 -19.93 -16.40
N2 OMG C 1 6.89 -20.97 -16.86
N3 OMG C 1 7.13 -19.19 -15.39
C4 OMG C 1 7.81 -18.15 -14.91
C02 OKT C 2 6.43 -19.56 -2.60
C1' OKT C 2 7.28 -19.32 -4.91
C2 OKT C 2 9.08 -20.96 -5.14
C2' OKT C 2 7.92 -18.36 -3.97
C3' OKT C 2 7.77 -17.03 -4.62
C4 OKT C 2 10.33 -21.12 -7.03
C4' OKT C 2 6.51 -17.19 -5.43
C5 OKT C 2 9.62 -20.11 -7.61
C5' OKT C 2 6.60 -16.40 -6.71
C6 OKT C 2 8.60 -19.51 -6.92
N1 OKT C 2 8.34 -19.93 -5.69
N3 OKT C 2 10.05 -21.53 -5.81
O01 OKT C 2 7.17 -18.36 -2.78
O2 OKT C 2 8.81 -21.32 -3.99
O3' OKT C 2 7.59 -16.03 -3.65
O4 OKT C 2 11.25 -21.67 -7.66
O4' OKT C 2 6.42 -18.56 -5.73
O5' OKT C 2 7.90 -16.59 -7.26
OP1 OKT C 2 8.29 -14.51 -8.45
P OKT C 2 8.18 -15.94 -8.65
S01 OKT C 2 9.89 -16.65 -9.48
P C7R C 3 8.88 -15.54 -2.87
C5' C7R C 3 10.42 -16.57 -1.03
O5' C7R C 3 9.32 -16.72 -1.90
C4' C7R C 3 10.70 -17.95 -0.48
O4' C7R C 3 10.60 -18.90 -1.52
C3' C7R C 3 12.12 -18.02 0.04
O3' C7R C 3 12.09 -18.08 1.46
C2' C7R C 3 12.69 -19.30 -0.51
C1' C7R C 3 11.68 -19.82 -1.50
N1 C7R C 3 12.37 -19.93 -2.76
C2 C7R C 3 12.19 -19.06 -3.84
O2 C7R C 3 11.40 -18.10 -3.78
N3 C7R C 3 12.86 -19.23 -4.98
C4 C7R C 3 13.72 -20.23 -5.12
N4 C7R C 3 14.38 -20.39 -6.27
C5 C7R C 3 13.92 -21.11 -4.07
C6 C7R C 3 13.22 -20.93 -2.89
OP1 C7R C 3 8.59 -14.33 -2.11
SP2 C7R C 3 10.40 -15.15 -4.19
O5' OMG D 1 -15.17 -5.30 -11.81
C5' OMG D 1 -14.43 -4.14 -12.16
C4' OMG D 1 -14.51 -3.90 -13.64
O4' OMG D 1 -15.10 -5.00 -14.31
C3' OMG D 1 -15.42 -2.75 -13.97
O3' OMG D 1 -14.69 -1.56 -13.83
C2' OMG D 1 -15.76 -3.06 -15.39
O2' OMG D 1 -14.69 -2.65 -16.19
CM2 OMG D 1 -15.12 -2.12 -17.42
C1' OMG D 1 -15.84 -4.56 -15.43
N9 OMG D 1 -17.21 -4.99 -15.24
C8 OMG D 1 -17.87 -4.93 -14.09
N7 OMG D 1 -19.12 -5.40 -14.23
C5 OMG D 1 -19.26 -5.79 -15.49
C6 OMG D 1 -20.32 -6.37 -16.28
O6 OMG D 1 -21.42 -6.63 -15.78
N1 OMG D 1 -20.10 -6.63 -17.56
C2 OMG D 1 -18.93 -6.36 -18.12
N2 OMG D 1 -18.78 -6.66 -19.42
N3 OMG D 1 -17.90 -5.82 -17.45
C4 OMG D 1 -18.00 -5.52 -16.15
C02 OKT D 2 -12.48 5.64 -15.66
C1' OKT D 2 -14.04 3.73 -15.56
C2 OKT D 2 -16.17 4.56 -16.38
C2' OKT D 2 -13.94 4.47 -14.27
C3' OKT D 2 -13.67 3.42 -13.25
C4 OKT D 2 -18.05 3.27 -16.41
C4' OKT D 2 -12.93 2.37 -14.02
C5 OKT D 2 -17.35 2.20 -15.87
C5' OKT D 2 -13.27 0.99 -13.52
C6 OKT D 2 -16.01 2.35 -15.59
N1 OKT D 2 -15.44 3.51 -15.83
N3 OKT D 2 -17.45 4.42 -16.65
O01 OKT D 2 -12.82 5.32 -14.33
O2 OKT D 2 -15.61 5.64 -16.60
O3' OKT D 2 -12.84 3.92 -12.23
O4 OKT D 2 -19.25 3.13 -16.66
O4' OKT D 2 -13.37 2.49 -15.35
O5' OKT D 2 -14.67 0.94 -13.29
OP1 OKT D 2 -14.85 -0.69 -11.47
P OKT D 2 -15.27 -0.45 -12.85
S01 OKT D 2 -17.30 -0.47 -12.99
P C7R D 3 -13.53 4.86 -11.14
C5' C7R D 3 -14.46 7.30 -11.13
O5' C7R D 3 -13.87 6.24 -11.85
C4' C7R D 3 -14.91 8.31 -12.16
O4' C7R D 3 -15.49 7.63 -13.26
C3' C7R D 3 -15.97 9.22 -11.60
O3' C7R D 3 -15.41 10.52 -11.39
C2' C7R D 3 -17.06 9.30 -12.62
C1' C7R D 3 -16.70 8.26 -13.66
N1 C7R D 3 -17.83 7.34 -13.74
C2 C7R D 3 -17.82 6.04 -13.23
O2 C7R D 3 -16.82 5.57 -12.67
N3 C7R D 3 -18.90 5.26 -13.32
C4 C7R D 3 -20.01 5.71 -13.91
N4 C7R D 3 -21.09 4.91 -14.00
C5 C7R D 3 -20.04 7.00 -14.41
C6 C7R D 3 -18.93 7.79 -14.31
OP1 C7R D 3 -12.63 5.09 -10.01
SP2 C7R D 3 -15.26 4.00 -10.45
C1 NAG E . -9.18 -16.11 1.45
C2 NAG E . -8.95 -16.34 2.94
C3 NAG E . -8.07 -15.23 3.51
C4 NAG E . -6.79 -15.07 2.70
C5 NAG E . -7.11 -14.93 1.22
C6 NAG E . -5.89 -14.93 0.34
C7 NAG E . -10.63 -17.51 4.29
C8 NAG E . -11.96 -17.40 4.98
N2 NAG E . -10.20 -16.40 3.66
O3 NAG E . -7.75 -15.53 4.87
O4 NAG E . -6.10 -13.90 3.13
O5 NAG E . -7.93 -16.03 0.78
O6 NAG E . -5.51 -16.25 -0.03
O7 NAG E . -9.98 -18.54 4.30
C1 NAG E . -4.84 -14.26 3.73
C2 NAG E . -4.04 -12.97 3.91
C3 NAG E . -2.70 -13.28 4.58
C4 NAG E . -2.93 -14.04 5.88
C5 NAG E . -3.77 -15.28 5.62
C6 NAG E . -4.14 -16.02 6.89
C7 NAG E . -4.46 -11.15 2.32
C8 NAG E . -4.14 -10.58 0.98
N2 NAG E . -3.85 -12.29 2.64
O3 NAG E . -2.02 -12.04 4.83
O4 NAG E . -1.67 -14.44 6.43
O5 NAG E . -5.01 -14.91 4.99
O6 NAG E . -5.02 -15.25 7.71
O7 NAG E . -5.25 -10.61 3.09
C1 BMA E . -1.36 -13.59 7.55
C2 BMA E . -0.45 -14.39 8.51
C3 BMA E . 0.05 -13.47 9.64
C4 BMA E . 0.61 -12.16 9.09
C5 BMA E . -0.43 -11.47 8.19
C6 BMA E . 0.08 -10.18 7.58
O2 BMA E . 0.71 -14.85 7.84
O3 BMA E . 1.01 -14.12 10.45
O4 BMA E . 0.95 -11.29 10.16
O5 BMA E . -0.75 -12.39 7.12
O6 BMA E . -1.02 -9.52 6.97
C1 NAG F . 10.71 -30.12 30.39
C2 NAG F . 9.67 -29.97 29.28
C3 NAG F . 9.15 -31.35 28.87
C4 NAG F . 10.30 -32.28 28.53
C5 NAG F . 11.33 -32.31 29.66
C6 NAG F . 12.57 -33.10 29.31
C7 NAG F . 8.47 -27.83 29.28
C8 NAG F . 7.28 -27.09 29.79
N2 NAG F . 8.58 -29.11 29.68
O3 NAG F . 8.28 -31.22 27.75
O4 NAG F . 9.80 -33.61 28.34
O5 NAG F . 11.76 -30.97 29.95
O6 NAG F . 13.71 -32.61 30.02
O7 NAG F . 9.31 -27.31 28.55
C1 NAG F . 9.77 -33.92 26.94
C2 NAG F . 10.12 -35.39 26.77
C3 NAG F . 10.02 -35.80 25.31
C4 NAG F . 8.65 -35.44 24.75
C5 NAG F . 8.37 -33.97 24.99
C6 NAG F . 6.99 -33.54 24.56
C7 NAG F . 11.68 -36.57 28.25
C8 NAG F . 13.11 -36.73 28.66
N2 NAG F . 11.45 -35.67 27.29
O3 NAG F . 10.25 -37.21 25.20
O4 NAG F . 8.58 -35.72 23.36
O5 NAG F . 8.47 -33.67 26.39
O6 NAG F . 6.82 -32.13 24.65
O7 NAG F . 10.79 -37.22 28.76
C1 BMA F . 7.99 -37.01 23.12
C2 BMA F . 6.50 -36.98 23.54
C3 BMA F . 5.86 -38.33 23.25
C4 BMA F . 6.11 -38.76 21.79
C5 BMA F . 7.61 -38.71 21.47
C6 BMA F . 7.92 -39.04 20.03
O2 BMA F . 5.78 -36.02 22.80
O3 BMA F . 4.46 -38.32 23.52
O4 BMA F . 5.62 -40.07 21.59
O5 BMA F . 8.10 -37.38 21.75
O6 BMA F . 7.05 -38.26 19.21
C1 MAN F . 7.80 -37.78 18.06
C2 MAN F . 8.56 -36.50 18.49
C3 MAN F . 7.58 -35.34 18.69
C4 MAN F . 6.66 -35.17 17.47
C5 MAN F . 5.94 -36.49 17.19
C6 MAN F . 5.05 -36.43 15.97
O2 MAN F . 9.46 -36.07 17.48
O3 MAN F . 8.25 -34.12 18.97
O4 MAN F . 5.71 -34.15 17.71
O5 MAN F . 6.92 -37.53 16.98
O6 MAN F . 4.23 -37.59 15.95
C1 NAG G . 31.55 -24.05 1.97
C2 NAG G . 31.86 -22.56 2.14
C3 NAG G . 32.63 -22.04 0.93
C4 NAG G . 33.87 -22.90 0.68
C5 NAG G . 33.48 -24.36 0.59
C6 NAG G . 34.67 -25.28 0.47
C7 NAG G . 30.43 -21.04 3.43
C8 NAG G . 29.12 -20.31 3.47
N2 NAG G . 30.64 -21.79 2.35
O3 NAG G . 33.01 -20.69 1.17
O4 NAG G . 34.48 -22.50 -0.55
O5 NAG G . 32.77 -24.77 1.76
O6 NAG G . 35.27 -25.20 -0.81
O7 NAG G . 31.26 -20.94 4.33
C1 NAG G . 35.70 -21.80 -0.26
C2 NAG G . 36.56 -21.81 -1.52
C3 NAG G . 37.85 -21.03 -1.27
C4 NAG G . 37.54 -19.63 -0.77
C5 NAG G . 36.62 -19.70 0.45
C6 NAG G . 36.17 -18.34 0.93
C7 NAG G . 36.77 -23.57 -3.20
C8 NAG G . 37.11 -25.01 -3.46
N2 NAG G . 36.87 -23.17 -1.93
O3 NAG G . 38.59 -20.96 -2.49
O4 NAG G . 38.74 -18.96 -0.41
O5 NAG G . 35.44 -20.45 0.13
O6 NAG G . 35.50 -17.63 -0.10
O7 NAG G . 36.41 -22.82 -4.10
C1 BMA G . 39.04 -17.96 -1.40
C2 BMA G . 39.11 -16.58 -0.70
C3 BMA G . 39.57 -15.51 -1.69
C4 BMA G . 40.83 -15.95 -2.44
C5 BMA G . 40.61 -17.31 -3.09
C6 BMA G . 41.83 -17.83 -3.83
O2 BMA G . 40.05 -16.60 0.35
O3 BMA G . 39.80 -14.26 -1.04
O4 BMA G . 41.17 -14.98 -3.43
O5 BMA G . 40.26 -18.25 -2.07
O6 BMA G . 41.45 -19.01 -4.54
C1 NAG H . 2.36 -35.52 -22.05
C2 NAG H . 2.44 -35.24 -23.55
C3 NAG H . 2.76 -36.51 -24.31
C4 NAG H . 4.02 -37.17 -23.74
C5 NAG H . 3.86 -37.38 -22.24
C6 NAG H . 5.11 -37.93 -21.58
C7 NAG H . 1.04 -33.33 -24.21
C8 NAG H . -0.31 -32.90 -24.72
N2 NAG H . 1.20 -34.65 -24.04
O3 NAG H . 2.96 -36.20 -25.69
O4 NAG H . 4.24 -38.42 -24.38
O5 NAG H . 3.57 -36.14 -21.60
O6 NAG H . 6.18 -36.99 -21.65
O7 NAG H . 1.92 -32.53 -23.95
C1 NAG H . 5.50 -38.37 -25.09
C2 NAG H . 5.83 -39.76 -25.61
C3 NAG H . 7.13 -39.75 -26.40
C4 NAG H . 7.07 -38.69 -27.49
C5 NAG H . 6.70 -37.33 -26.89
C6 NAG H . 6.51 -36.26 -27.94
C7 NAG H . 4.84 -41.40 -24.07
C8 NAG H . 5.10 -42.35 -22.94
N2 NAG H . 5.90 -40.72 -24.52
O3 NAG H . 7.34 -41.03 -26.98
O4 NAG H . 8.33 -38.59 -28.13
O5 NAG H . 5.46 -37.44 -26.18
O6 NAG H . 5.41 -36.55 -28.80
O7 NAG H . 3.72 -41.26 -24.55
C1 NAG I . -18.67 -25.91 -18.49
C2 NAG I . -19.23 -25.22 -19.73
C3 NAG I . -20.75 -25.31 -19.74
C4 NAG I . -21.19 -26.78 -19.62
C5 NAG I . -20.51 -27.42 -18.41
C6 NAG I . -20.79 -28.91 -18.32
C7 NAG I . -18.33 -23.24 -20.88
C8 NAG I . -17.95 -21.80 -20.75
N2 NAG I . -18.81 -23.82 -19.78
O3 NAG I . -21.23 -24.76 -20.96
O4 NAG I . -22.60 -26.85 -19.44
O5 NAG I . -19.09 -27.27 -18.49
O6 NAG I . -19.70 -29.67 -18.82
O7 NAG I . -18.20 -23.86 -21.93
C1 NAG I . -23.25 -27.08 -20.70
C2 NAG I . -24.20 -28.28 -20.56
C3 NAG I . -24.98 -28.50 -21.85
C4 NAG I . -25.68 -27.21 -22.28
C5 NAG I . -24.68 -26.07 -22.35
C6 NAG I . -25.33 -24.73 -22.63
C7 NAG I . -23.97 -30.44 -19.42
C8 NAG I . -23.08 -31.62 -19.16
N2 NAG I . -23.46 -29.49 -20.20
O3 NAG I . -25.92 -29.54 -21.68
O4 NAG I . -26.29 -27.38 -23.55
O5 NAG I . -24.01 -25.93 -21.09
O6 NAG I . -25.82 -24.12 -21.45
O7 NAG I . -25.10 -30.36 -18.95
C1 NAG J . -31.49 -8.48 -10.42
C2 NAG J . -32.95 -8.46 -10.88
C3 NAG J . -33.11 -9.26 -12.17
C4 NAG J . -32.14 -8.78 -13.23
C5 NAG J . -30.71 -8.80 -12.68
C6 NAG J . -29.69 -8.23 -13.64
C7 NAG J . -34.49 -8.17 -9.00
C8 NAG J . -35.36 -8.86 -7.99
N2 NAG J . -33.83 -8.96 -9.85
O3 NAG J . -34.45 -9.14 -12.64
O4 NAG J . -32.21 -9.60 -14.39
O5 NAG J . -30.64 -8.02 -11.48
O6 NAG J . -30.16 -7.02 -14.23
O7 NAG J . -34.38 -6.94 -9.03
C1 NAG J . -32.75 -8.80 -15.47
C2 NAG J . -32.72 -9.63 -16.76
C3 NAG J . -33.31 -8.85 -17.91
C4 NAG J . -34.70 -8.34 -17.55
C5 NAG J . -34.66 -7.57 -16.23
C6 NAG J . -36.04 -7.14 -15.76
C7 NAG J . -30.95 -11.32 -16.96
C8 NAG J . -29.51 -11.58 -17.32
N2 NAG J . -31.36 -10.06 -17.07
O3 NAG J . -33.38 -9.67 -19.07
O4 NAG J . -35.20 -7.49 -18.58
O5 NAG J . -34.10 -8.39 -15.20
O6 NAG J . -36.88 -8.27 -15.55
O7 NAG J . -31.70 -12.22 -16.58
C1 NAG K . -34.07 -1.09 4.31
C2 NAG K . -35.32 -1.81 3.79
C3 NAG K . -35.84 -1.11 2.54
C4 NAG K . -36.05 0.38 2.81
C5 NAG K . -34.79 1.00 3.40
C6 NAG K . -34.98 2.44 3.81
C7 NAG K . -35.38 -4.20 4.33
C8 NAG K . -35.01 -5.58 3.89
N2 NAG K . -35.03 -3.20 3.51
O3 NAG K . -37.05 -1.71 2.13
O4 NAG K . -36.39 1.05 1.59
O5 NAG K . -34.38 0.28 4.57
O6 NAG K . -33.78 2.99 4.35
O7 NAG K . -35.97 -3.99 5.39
C1 NAG K . -37.75 1.48 1.65
C2 NAG K . -37.93 2.65 0.70
C3 NAG K . -39.39 3.12 0.69
C4 NAG K . -40.31 1.94 0.39
C5 NAG K . -40.03 0.79 1.35
C6 NAG K . -40.84 -0.45 1.03
C7 NAG K . -35.91 4.00 0.41
C8 NAG K . -35.11 5.18 0.90
N2 NAG K . -37.05 3.75 1.06
O3 NAG K . -39.56 4.13 -0.29
O4 NAG K . -41.67 2.35 0.52
O5 NAG K . -38.65 0.42 1.29
O6 NAG K . -40.75 -0.78 -0.35
O7 NAG K . -35.52 3.32 -0.54
C1 NAG L . 3.81 3.68 -17.76
C2 NAG L . 4.11 5.17 -17.60
C3 NAG L . 3.88 5.60 -16.16
C4 NAG L . 2.50 5.19 -15.68
C5 NAG L . 2.25 3.71 -15.95
C6 NAG L . 0.84 3.28 -15.65
C7 NAG L . 5.77 6.22 -19.08
C8 NAG L . 7.22 6.43 -19.36
N2 NAG L . 5.48 5.47 -18.01
O3 NAG L . 4.04 7.01 -16.06
O4 NAG L . 2.40 5.42 -14.28
O5 NAG L . 2.48 3.42 -17.34
O6 NAG L . -0.02 3.44 -16.78
O7 NAG L . 4.89 6.73 -19.77
C1 NAG L . 1.43 6.44 -14.00
C2 NAG L . 1.19 6.45 -12.50
C3 NAG L . 0.19 7.53 -12.13
C4 NAG L . 0.66 8.88 -12.66
C5 NAG L . 0.93 8.78 -14.16
C6 NAG L . 1.52 10.05 -14.74
C7 NAG L . 1.48 4.31 -11.30
C8 NAG L . 0.84 3.01 -10.91
N2 NAG L . 0.72 5.14 -12.04
O3 NAG L . 0.06 7.58 -10.71
O4 NAG L . -0.34 9.87 -12.43
O5 NAG L . 1.87 7.73 -14.43
O6 NAG L . 2.83 10.28 -14.24
O7 NAG L . 2.63 4.60 -10.98
C1 BMA L . 0.09 10.72 -11.34
C2 BMA L . -0.57 12.10 -11.52
C3 BMA L . -0.28 12.98 -10.30
C4 BMA L . -0.60 12.24 -8.99
C5 BMA L . 0.15 10.91 -8.95
C6 BMA L . -0.16 10.10 -7.70
O2 BMA L . -1.98 11.98 -11.62
O3 BMA L . -1.00 14.20 -10.36
O4 BMA L . -0.22 13.03 -7.88
O5 BMA L . -0.27 10.13 -10.08
O6 BMA L . 0.76 9.01 -7.64
C1 NAG M . -6.38 40.06 -17.32
C2 NAG M . -5.89 38.70 -17.81
C3 NAG M . -6.00 38.61 -19.33
C4 NAG M . -7.42 38.93 -19.77
C5 NAG M . -7.87 40.27 -19.19
C6 NAG M . -9.32 40.59 -19.48
C7 NAG M . -4.20 37.68 -16.34
C8 NAG M . -2.74 37.55 -16.04
N2 NAG M . -4.53 38.47 -17.38
O3 NAG M . -5.64 37.29 -19.74
O4 NAG M . -7.46 39.03 -21.20
O5 NAG M . -7.74 40.26 -17.77
O6 NAG M . -9.88 41.42 -18.48
O7 NAG M . -5.06 37.09 -15.69
C1 NAG M . -8.06 37.84 -21.75
C2 NAG M . -8.88 38.27 -22.98
C3 NAG M . -9.48 37.03 -23.66
C4 NAG M . -8.38 36.02 -23.97
C5 NAG M . -7.62 35.68 -22.70
C6 NAG M . -6.45 34.75 -22.93
C7 NAG M . -10.03 40.42 -23.17
C8 NAG M . -11.17 41.27 -22.69
N2 NAG M . -9.92 39.21 -22.61
O3 NAG M . -10.14 37.45 -24.85
O4 NAG M . -8.95 34.82 -24.51
O5 NAG M . -7.08 36.89 -22.13
O6 NAG M . -5.85 34.36 -21.71
O7 NAG M . -9.25 40.81 -24.04
C1 BMA M . -8.90 34.86 -25.95
C2 BMA M . -7.41 34.79 -26.41
C3 BMA M . -7.37 34.76 -27.94
C4 BMA M . -8.27 33.65 -28.51
C5 BMA M . -9.70 33.79 -27.95
C6 BMA M . -10.62 32.67 -28.41
O2 BMA M . -6.80 33.59 -25.96
O3 BMA M . -6.03 34.59 -28.41
O4 BMA M . -8.31 33.74 -29.92
O5 BMA M . -9.63 33.76 -26.51
O6 BMA M . -9.96 31.44 -28.19
C1 MAN M . -10.91 30.48 -27.68
C2 MAN M . -11.03 30.70 -26.15
C3 MAN M . -9.76 30.22 -25.44
C4 MAN M . -9.39 28.79 -25.87
C5 MAN M . -9.25 28.74 -27.40
C6 MAN M . -8.95 27.35 -27.92
O2 MAN M . -12.10 29.91 -25.59
O3 MAN M . -9.88 30.29 -24.03
O4 MAN M . -8.17 28.40 -25.27
O5 MAN M . -10.50 29.15 -28.00
O6 MAN M . -8.57 27.45 -29.28
C1 NAG N . -33.87 18.73 -9.09
C2 NAG N . -33.63 18.47 -7.61
C3 NAG N . -34.61 17.42 -7.09
C4 NAG N . -36.04 17.82 -7.42
C5 NAG N . -36.18 18.11 -8.91
C6 NAG N . -37.55 18.65 -9.29
C7 NAG N . -31.43 18.72 -6.57
C8 NAG N . -30.04 18.15 -6.43
N2 NAG N . -32.26 18.06 -7.36
O3 NAG N . -34.46 17.30 -5.68
O4 NAG N . -36.93 16.77 -7.07
O5 NAG N . -35.23 19.11 -9.31
O6 NAG N . -38.55 17.64 -9.17
O7 NAG N . -31.76 19.75 -5.98
C1 NAG N . -37.68 17.17 -5.90
C2 NAG N . -38.94 16.30 -5.80
C3 NAG N . -39.73 16.66 -4.56
C4 NAG N . -38.85 16.58 -3.32
C5 NAG N . -37.59 17.43 -3.51
C6 NAG N . -36.61 17.28 -2.38
C7 NAG N . -40.33 15.42 -7.62
C8 NAG N . -41.16 15.75 -8.83
N2 NAG N . -39.76 16.45 -7.00
O3 NAG N . -40.83 15.77 -4.43
O4 NAG N . -39.56 17.06 -2.19
O5 NAG N . -36.90 17.01 -4.71
O6 NAG N . -36.28 15.91 -2.15
O7 NAG N . -40.19 14.26 -7.23
C1 BMA N . -39.91 15.94 -1.34
C2 BMA N . -39.29 16.16 0.05
C3 BMA N . -39.78 15.10 1.03
C4 BMA N . -41.31 14.95 0.98
C5 BMA N . -41.77 14.70 -0.46
C6 BMA N . -43.28 14.59 -0.59
O2 BMA N . -39.69 17.42 0.59
O3 BMA N . -39.36 15.37 2.36
O4 BMA N . -41.71 13.87 1.81
O5 BMA N . -41.33 15.81 -1.26
O6 BMA N . -43.58 14.20 -1.92
C1 NAG O . -21.10 -8.01 -35.21
C2 NAG O . -21.67 -9.43 -35.20
C3 NAG O . -22.62 -9.62 -36.38
C4 NAG O . -23.70 -8.54 -36.38
C5 NAG O . -23.04 -7.17 -36.35
C6 NAG O . -24.04 -6.04 -36.23
C7 NAG O . -20.16 -11.06 -34.17
C8 NAG O . -19.05 -12.04 -34.38
N2 NAG O . -20.61 -10.42 -35.25
O3 NAG O . -23.23 -10.91 -36.29
O4 NAG O . -24.51 -8.66 -37.54
O5 NAG O . -22.17 -7.06 -35.21
O6 NAG O . -24.74 -6.09 -35.00
O7 NAG O . -20.62 -10.85 -33.05
C1 NAG O . -25.86 -8.95 -37.14
C2 NAG O . -26.76 -8.89 -38.39
C3 NAG O . -28.20 -9.23 -38.01
C4 NAG O . -28.26 -10.56 -37.28
C5 NAG O . -27.30 -10.54 -36.08
C6 NAG O . -27.22 -11.88 -35.37
C7 NAG O . -25.79 -7.28 -39.97
C8 NAG O . -25.86 -5.89 -40.51
N2 NAG O . -26.68 -7.59 -39.01
O3 NAG O . -28.98 -9.29 -39.19
O4 NAG O . -29.58 -10.80 -36.81
O5 NAG O . -25.97 -10.24 -36.52
O6 NAG O . -26.72 -12.89 -36.23
O7 NAG O . -24.96 -8.10 -40.36
C1 NAG P . 1.45 -14.06 -34.00
C2 NAG P . 1.67 -15.56 -33.82
C3 NAG P . 2.95 -16.00 -34.51
C4 NAG P . 2.96 -15.55 -35.97
C5 NAG P . 2.66 -14.06 -36.07
C6 NAG P . 2.49 -13.58 -37.50
C7 NAG P . 1.03 -16.96 -31.90
C8 NAG P . 1.17 -17.18 -30.43
N2 NAG P . 1.70 -15.92 -32.41
O3 NAG P . 3.07 -17.40 -34.41
O4 NAG P . 4.23 -15.79 -36.54
O5 NAG P . 1.42 -13.76 -35.39
O6 NAG P . 1.13 -13.51 -37.86
O7 NAG P . 0.35 -17.70 -32.61
C1 NAG P . 4.26 -17.05 -37.25
C2 NAG P . 4.78 -16.83 -38.66
C3 NAG P . 4.89 -18.16 -39.40
C4 NAG P . 5.72 -19.14 -38.59
C5 NAG P . 5.16 -19.28 -37.18
C6 NAG P . 6.00 -20.15 -36.28
C7 NAG P . 4.40 -15.06 -40.32
C8 NAG P . 3.38 -14.18 -40.98
N2 NAG P . 3.93 -15.90 -39.40
O3 NAG P . 5.49 -17.95 -40.68
O4 NAG P . 5.71 -20.42 -39.23
O5 NAG P . 5.10 -17.98 -36.56
O6 NAG P . 7.08 -19.42 -35.72
O7 NAG P . 5.60 -14.99 -40.60
C1 NAG Q . 20.90 -16.05 -21.72
C2 NAG Q . 22.00 -16.91 -22.35
C3 NAG Q . 21.41 -17.87 -23.38
C4 NAG Q . 20.29 -18.69 -22.75
C5 NAG Q . 19.25 -17.76 -22.13
C6 NAG Q . 18.16 -18.50 -21.40
C7 NAG Q . 24.17 -15.75 -22.32
C8 NAG Q . 25.12 -14.88 -23.11
N2 NAG Q . 23.03 -16.08 -22.96
O3 NAG Q . 22.43 -18.73 -23.87
O4 NAG Q . 19.67 -19.49 -23.74
O5 NAG Q . 19.89 -16.90 -21.17
O6 NAG Q . 18.69 -19.54 -20.59
O7 NAG Q . 24.42 -16.13 -21.19
C1 NAG Q . 19.95 -20.89 -23.43
C2 NAG Q . 19.18 -21.77 -24.41
C3 NAG Q . 19.47 -23.24 -24.14
C4 NAG Q . 20.98 -23.48 -24.16
C5 NAG Q . 21.69 -22.53 -23.20
C6 NAG Q . 23.19 -22.63 -23.26
C7 NAG Q . 17.06 -20.89 -25.29
C8 NAG Q . 15.59 -20.71 -25.04
N2 NAG Q . 17.75 -21.52 -24.33
O3 NAG Q . 18.84 -24.04 -25.13
O4 NAG Q . 21.26 -24.82 -23.77
O5 NAG Q . 21.35 -21.17 -23.53
O6 NAG Q . 23.68 -22.33 -24.56
O7 NAG Q . 17.59 -20.49 -26.32
C1 NAG R . 31.07 -5.85 -13.29
C2 NAG R . 31.75 -6.46 -14.52
C3 NAG R . 31.93 -7.96 -14.32
C4 NAG R . 32.66 -8.24 -13.01
C5 NAG R . 31.96 -7.54 -11.85
C6 NAG R . 32.71 -7.66 -10.55
C7 NAG R . 31.29 -5.21 -16.59
C8 NAG R . 30.40 -5.08 -17.78
N2 NAG R . 30.98 -6.19 -15.72
O3 NAG R . 32.66 -8.49 -15.42
O4 NAG R . 32.67 -9.64 -12.76
O5 NAG R . 31.84 -6.14 -12.12
O6 NAG R . 32.05 -6.96 -9.50
O7 NAG R . 32.26 -4.47 -16.41
C1 NAG R . 34.02 -10.13 -12.90
C2 NAG R . 34.15 -11.41 -12.08
C3 NAG R . 35.55 -11.99 -12.22
C4 NAG R . 35.90 -12.18 -13.69
C5 NAG R . 35.69 -10.87 -14.46
C6 NAG R . 35.90 -11.01 -15.95
C7 NAG R . 32.65 -11.46 -10.14
C8 NAG R . 32.51 -11.15 -8.68
N2 NAG R . 33.83 -11.17 -10.68
O3 NAG R . 35.62 -13.24 -11.55
O4 NAG R . 37.25 -12.59 -13.82
O5 NAG R . 34.35 -10.40 -14.26
O6 NAG R . 35.17 -12.12 -16.46
O7 NAG R . 31.74 -11.96 -10.79
C1 NAG S . -15.34 -11.99 24.95
C2 NAG S . -15.57 -13.48 25.23
C3 NAG S . -14.30 -14.11 25.81
C4 NAG S . -13.12 -13.84 24.90
C5 NAG S . -12.99 -12.34 24.62
C6 NAG S . -11.91 -12.01 23.62
C7 NAG S . -17.85 -14.21 25.75
C8 NAG S . -18.91 -14.34 26.80
N2 NAG S . -16.69 -13.67 26.13
O3 NAG S . -14.50 -15.51 25.95
O4 NAG S . -11.92 -14.30 25.51
O5 NAG S . -14.22 -11.83 24.08
O6 NAG S . -10.70 -12.67 23.94
O7 NAG S . -18.05 -14.56 24.59
C1 NAG T . 33.06 -48.28 20.50
C2 NAG T . 34.48 -48.28 19.92
C3 NAG T . 35.19 -49.57 20.30
C4 NAG T . 35.15 -49.78 21.81
C5 NAG T . 33.70 -49.71 22.31
C6 NAG T . 33.59 -49.80 23.81
C7 NAG T . 34.61 -46.93 17.88
C8 NAG T . 34.57 -46.94 16.38
N2 NAG T . 34.45 -48.11 18.48
O3 NAG T . 36.54 -49.50 19.86
O4 NAG T . 35.68 -51.06 22.14
O5 NAG T . 33.11 -48.47 21.91
O6 NAG T . 33.82 -48.53 24.42
O7 NAG T . 34.79 -45.90 18.52
C1 NAG U . -24.18 4.14 44.47
C2 NAG U . -25.59 4.60 44.13
C3 NAG U . -26.37 4.89 45.41
C4 NAG U . -26.33 3.69 46.35
C5 NAG U . -24.88 3.27 46.59
C6 NAG U . -24.77 2.01 47.41
C7 NAG U . -25.69 5.71 41.94
C8 NAG U . -25.65 7.02 41.21
N2 NAG U . -25.58 5.77 43.27
O3 NAG U . -27.73 5.21 45.09
O4 NAG U . -26.94 4.02 47.59
O5 NAG U . -24.23 3.01 45.34
O6 NAG U . -25.30 0.89 46.73
O7 NAG U . -25.82 4.63 41.35
C1 NAG V . 19.56 21.75 -12.06
C2 NAG V . 19.43 22.39 -13.44
C3 NAG V . 18.37 23.49 -13.41
C4 NAG V . 17.05 22.94 -12.87
C5 NAG V . 17.28 22.26 -11.52
C6 NAG V . 16.04 21.58 -10.99
C7 NAG V . 21.40 22.42 -14.90
C8 NAG V . 22.69 23.10 -15.22
N2 NAG V . 20.70 22.94 -13.88
O3 NAG V . 18.17 23.99 -14.73
O4 NAG V . 16.11 23.99 -12.72
O5 NAG V . 18.29 21.25 -11.64
O6 NAG V . 14.90 22.43 -11.06
O7 NAG V . 21.01 21.44 -15.53
C1 NAG W . -35.08 43.48 -26.94
C2 NAG W . -36.55 43.37 -26.50
C3 NAG W . -37.40 44.32 -27.34
C4 NAG W . -36.84 45.74 -27.28
C5 NAG W . -35.37 45.75 -27.66
C6 NAG W . -34.72 47.10 -27.49
C7 NAG W . -37.07 41.15 -25.60
C8 NAG W . -37.60 39.79 -25.90
N2 NAG W . -37.02 42.01 -26.63
O3 NAG W . -38.74 44.31 -26.84
O4 NAG W . -37.57 46.59 -28.15
O5 NAG W . -34.64 44.84 -26.82
O6 NAG W . -34.31 47.33 -26.15
O7 NAG W . -36.69 41.47 -24.48
C1 NAG X . 39.60 31.68 2.75
C2 NAG X . 40.85 30.81 2.55
C3 NAG X . 42.11 31.65 2.75
C4 NAG X . 42.08 32.88 1.86
C5 NAG X . 40.79 33.66 2.08
C6 NAG X . 40.65 34.83 1.13
C7 NAG X . 40.41 28.46 3.10
C8 NAG X . 40.47 27.40 4.15
N2 NAG X . 40.85 29.67 3.45
O3 NAG X . 43.26 30.86 2.45
O4 NAG X . 43.19 33.71 2.15
O5 NAG X . 39.66 32.81 1.85
O6 NAG X . 40.48 34.40 -0.21
O7 NAG X . 39.97 28.23 1.97
#